data_2LPB
#
_entry.id   2LPB
#
loop_
_entity.id
_entity.type
_entity.pdbx_description
1 polymer 'Mediator of RNA polymerase II transcription subunit 15'
2 polymer 'General control protein GCN4'
#
loop_
_entity_poly.entity_id
_entity_poly.type
_entity_poly.pdbx_seq_one_letter_code
_entity_poly.pdbx_strand_id
1 'polypeptide(L)'
;QRRQLTPQQQQLVNQMKVAPIPKQLLQRIPNIPPNINTWQQVTALAQQKLLTPQDMEAAKEVYKIHQQLLFKARLQQQQA
Q
;
A
2 'polypeptide(L)' STDSTPMFEYENLEDNSKEWTSLFDNDIPVTTDD B
#
# COMPACT_ATOMS: atom_id res chain seq x y z
N GLN A 1 6.70 -14.48 23.01
CA GLN A 1 7.66 -14.06 21.96
C GLN A 1 7.66 -12.55 21.82
N ARG A 2 8.39 -12.06 20.82
CA ARG A 2 8.47 -10.63 20.55
C ARG A 2 7.19 -10.15 19.87
N ARG A 3 6.76 -8.94 20.22
CA ARG A 3 5.56 -8.36 19.64
C ARG A 3 5.49 -6.85 19.90
N GLN A 4 5.83 -6.07 18.89
CA GLN A 4 5.80 -4.62 19.01
C GLN A 4 4.57 -4.06 18.31
N LEU A 5 3.86 -3.16 18.98
CA LEU A 5 2.66 -2.56 18.40
C LEU A 5 2.34 -1.22 19.04
N THR A 6 2.70 -0.14 18.37
CA THR A 6 2.39 1.18 18.88
C THR A 6 0.96 1.54 18.48
N PRO A 7 0.14 2.05 19.41
CA PRO A 7 -1.26 2.40 19.14
C PRO A 7 -1.43 3.35 17.96
N GLN A 8 -0.50 4.30 17.83
CA GLN A 8 -0.56 5.29 16.76
C GLN A 8 -0.21 4.70 15.40
N GLN A 9 0.77 3.80 15.38
CA GLN A 9 1.21 3.21 14.12
C GLN A 9 0.29 2.06 13.71
N GLN A 10 -0.09 1.23 14.68
CA GLN A 10 -0.96 0.10 14.42
C GLN A 10 -2.23 0.50 13.68
N GLN A 11 -2.85 1.57 14.15
CA GLN A 11 -4.09 2.07 13.57
C GLN A 11 -3.93 2.47 12.10
N LEU A 12 -2.75 2.93 11.74
CA LEU A 12 -2.51 3.38 10.38
C LEU A 12 -2.11 2.22 9.44
N VAL A 13 -1.17 1.40 9.90
CA VAL A 13 -0.67 0.30 9.08
C VAL A 13 -1.64 -0.89 8.99
N ASN A 14 -2.33 -1.18 10.08
CA ASN A 14 -3.26 -2.32 10.10
C ASN A 14 -4.50 -2.03 9.26
N GLN A 15 -4.84 -0.75 9.15
CA GLN A 15 -6.02 -0.33 8.39
C GLN A 15 -5.72 -0.26 6.89
N MET A 16 -4.43 -0.18 6.55
CA MET A 16 -4.01 -0.12 5.15
C MET A 16 -4.24 -1.44 4.43
N LYS A 17 -4.67 -2.44 5.17
CA LYS A 17 -4.97 -3.75 4.60
C LYS A 17 -6.25 -3.66 3.78
N VAL A 18 -7.25 -3.03 4.37
CA VAL A 18 -8.51 -2.85 3.70
C VAL A 18 -8.73 -1.38 3.41
N ALA A 19 -8.10 -0.92 2.34
CA ALA A 19 -8.20 0.46 1.92
C ALA A 19 -8.23 0.56 0.40
N PRO A 20 -9.33 1.07 -0.15
CA PRO A 20 -9.47 1.25 -1.59
C PRO A 20 -8.86 2.57 -2.08
N ILE A 21 -8.20 2.51 -3.21
CA ILE A 21 -7.56 3.67 -3.82
C ILE A 21 -8.61 4.65 -4.35
N PRO A 22 -8.65 5.88 -3.81
CA PRO A 22 -9.60 6.91 -4.24
C PRO A 22 -9.40 7.32 -5.70
N LYS A 23 -10.42 7.93 -6.27
CA LYS A 23 -10.40 8.38 -7.66
C LYS A 23 -9.30 9.41 -7.89
N GLN A 24 -8.99 10.18 -6.86
CA GLN A 24 -7.95 11.19 -6.93
C GLN A 24 -6.59 10.56 -7.17
N LEU A 25 -6.42 9.35 -6.65
CA LEU A 25 -5.17 8.63 -6.78
C LEU A 25 -5.18 7.71 -7.99
N LEU A 26 -6.37 7.22 -8.36
CA LEU A 26 -6.52 6.32 -9.51
C LEU A 26 -6.01 6.95 -10.80
N GLN A 27 -6.06 8.28 -10.86
CA GLN A 27 -5.60 9.01 -12.02
C GLN A 27 -4.09 8.86 -12.23
N ARG A 28 -3.38 8.49 -11.18
CA ARG A 28 -1.93 8.32 -11.23
C ARG A 28 -1.56 6.99 -11.86
N ILE A 29 -2.47 6.02 -11.74
CA ILE A 29 -2.26 4.69 -12.32
C ILE A 29 -3.47 4.27 -13.13
N PRO A 30 -3.51 4.66 -14.41
CA PRO A 30 -4.63 4.34 -15.30
C PRO A 30 -4.50 2.97 -15.97
N ASN A 31 -5.61 2.53 -16.58
CA ASN A 31 -5.68 1.25 -17.28
C ASN A 31 -5.27 0.10 -16.37
N ILE A 32 -6.03 -0.11 -15.31
CA ILE A 32 -5.75 -1.19 -14.37
C ILE A 32 -6.61 -2.41 -14.69
N PRO A 33 -5.97 -3.55 -15.01
CA PRO A 33 -6.66 -4.80 -15.33
C PRO A 33 -7.69 -5.27 -14.28
N PRO A 34 -7.32 -5.34 -12.96
CA PRO A 34 -8.26 -5.79 -11.93
C PRO A 34 -9.47 -4.87 -11.81
N ASN A 35 -9.23 -3.58 -12.00
CA ASN A 35 -10.28 -2.55 -11.90
C ASN A 35 -10.86 -2.48 -10.49
N ILE A 36 -10.15 -3.08 -9.56
CA ILE A 36 -10.56 -3.09 -8.16
C ILE A 36 -9.78 -2.01 -7.43
N ASN A 37 -10.40 -1.38 -6.44
CA ASN A 37 -9.73 -0.31 -5.72
C ASN A 37 -9.12 -0.76 -4.40
N THR A 38 -9.55 -1.89 -3.86
CA THR A 38 -9.01 -2.36 -2.59
C THR A 38 -7.58 -2.84 -2.76
N TRP A 39 -6.69 -2.38 -1.88
CA TRP A 39 -5.27 -2.72 -1.94
C TRP A 39 -5.00 -4.21 -1.94
N GLN A 40 -5.76 -4.95 -1.17
CA GLN A 40 -5.59 -6.39 -1.09
C GLN A 40 -5.72 -7.04 -2.46
N GLN A 41 -6.62 -6.51 -3.27
CA GLN A 41 -6.83 -7.04 -4.61
C GLN A 41 -5.93 -6.33 -5.63
N VAL A 42 -5.45 -5.13 -5.29
CA VAL A 42 -4.59 -4.36 -6.18
C VAL A 42 -3.14 -4.86 -6.14
N THR A 43 -2.71 -5.36 -4.97
CA THR A 43 -1.35 -5.87 -4.80
C THR A 43 -1.06 -7.03 -5.75
N ALA A 44 -2.13 -7.69 -6.20
CA ALA A 44 -2.02 -8.81 -7.11
C ALA A 44 -1.33 -8.41 -8.40
N LEU A 45 -1.38 -7.12 -8.74
CA LEU A 45 -0.75 -6.61 -9.96
C LEU A 45 0.74 -6.88 -9.94
N ALA A 46 1.34 -6.73 -8.77
CA ALA A 46 2.78 -6.96 -8.61
C ALA A 46 3.06 -8.44 -8.46
N GLN A 47 2.12 -9.16 -7.85
CA GLN A 47 2.27 -10.60 -7.63
C GLN A 47 2.13 -11.37 -8.95
N GLN A 48 1.30 -10.87 -9.85
CA GLN A 48 1.10 -11.50 -11.14
C GLN A 48 2.18 -11.09 -12.13
N LYS A 49 3.12 -10.28 -11.65
CA LYS A 49 4.24 -9.80 -12.45
C LYS A 49 3.79 -8.92 -13.62
N LEU A 50 2.60 -8.32 -13.48
CA LEU A 50 2.05 -7.46 -14.52
C LEU A 50 2.65 -6.06 -14.39
N LEU A 51 2.91 -5.68 -13.15
CA LEU A 51 3.48 -4.38 -12.85
C LEU A 51 4.93 -4.31 -13.32
N THR A 52 5.20 -3.44 -14.27
CA THR A 52 6.54 -3.27 -14.81
C THR A 52 7.32 -2.29 -13.94
N PRO A 53 8.66 -2.23 -14.08
CA PRO A 53 9.48 -1.29 -13.30
C PRO A 53 8.97 0.14 -13.41
N GLN A 54 8.43 0.48 -14.58
CA GLN A 54 7.91 1.82 -14.83
C GLN A 54 6.63 2.06 -14.04
N ASP A 55 5.91 1.00 -13.71
CA ASP A 55 4.66 1.13 -12.98
C ASP A 55 4.96 1.16 -11.49
N MET A 56 6.05 0.51 -11.13
CA MET A 56 6.51 0.42 -9.76
C MET A 56 6.74 1.80 -9.17
N GLU A 57 7.47 2.63 -9.91
CA GLU A 57 7.80 3.99 -9.48
C GLU A 57 6.54 4.83 -9.31
N ALA A 58 5.47 4.47 -10.02
CA ALA A 58 4.23 5.22 -9.94
C ALA A 58 3.39 4.75 -8.76
N ALA A 59 3.45 3.46 -8.47
CA ALA A 59 2.69 2.87 -7.37
C ALA A 59 3.19 3.38 -6.03
N LYS A 60 4.48 3.69 -5.98
CA LYS A 60 5.11 4.19 -4.76
C LYS A 60 4.42 5.47 -4.29
N GLU A 61 4.17 6.38 -5.22
CA GLU A 61 3.52 7.65 -4.90
C GLU A 61 2.09 7.42 -4.46
N VAL A 62 1.39 6.53 -5.15
CA VAL A 62 0.00 6.22 -4.84
C VAL A 62 -0.15 5.76 -3.39
N TYR A 63 0.66 4.78 -2.99
CA TYR A 63 0.59 4.24 -1.64
C TYR A 63 0.93 5.31 -0.59
N LYS A 64 1.93 6.12 -0.88
CA LYS A 64 2.35 7.18 0.03
C LYS A 64 1.26 8.24 0.20
N ILE A 65 0.73 8.72 -0.92
CA ILE A 65 -0.32 9.74 -0.90
C ILE A 65 -1.57 9.22 -0.19
N HIS A 66 -1.87 7.95 -0.41
CA HIS A 66 -3.04 7.32 0.20
C HIS A 66 -2.92 7.33 1.72
N GLN A 67 -1.72 7.01 2.21
CA GLN A 67 -1.44 6.97 3.64
C GLN A 67 -1.66 8.35 4.27
N GLN A 68 -1.31 9.39 3.53
CA GLN A 68 -1.45 10.75 4.00
C GLN A 68 -2.92 11.19 4.00
N LEU A 69 -3.62 10.82 2.93
CA LEU A 69 -5.04 11.16 2.79
C LEU A 69 -5.87 10.51 3.89
N LEU A 70 -5.52 9.27 4.23
CA LEU A 70 -6.24 8.52 5.26
C LEU A 70 -6.19 9.24 6.60
N PHE A 71 -5.07 9.89 6.89
CA PHE A 71 -4.90 10.60 8.14
C PHE A 71 -5.86 11.78 8.22
N LYS A 72 -5.95 12.55 7.15
CA LYS A 72 -6.83 13.71 7.10
C LYS A 72 -8.29 13.30 7.10
N ALA A 73 -8.59 12.21 6.41
CA ALA A 73 -9.96 11.70 6.31
C ALA A 73 -10.47 11.26 7.68
N ARG A 74 -9.56 10.88 8.56
CA ARG A 74 -9.93 10.45 9.90
C ARG A 74 -10.26 11.65 10.79
N LEU A 75 -9.50 12.73 10.60
CA LEU A 75 -9.69 13.94 11.40
C LEU A 75 -10.93 14.72 10.93
N GLN A 76 -11.00 14.98 9.62
CA GLN A 76 -12.11 15.72 9.01
C GLN A 76 -12.10 17.19 9.41
N GLN A 77 -11.89 18.05 8.43
CA GLN A 77 -11.88 19.50 8.68
C GLN A 77 -13.28 20.07 8.59
N GLN A 78 -14.16 19.36 7.91
CA GLN A 78 -15.54 19.78 7.74
C GLN A 78 -16.47 18.83 8.47
N GLN A 79 -17.17 19.33 9.47
CA GLN A 79 -18.09 18.51 10.24
C GLN A 79 -19.52 18.98 10.04
N ALA A 80 -20.34 18.11 9.47
CA ALA A 80 -21.74 18.42 9.22
C ALA A 80 -22.57 18.15 10.47
N GLN A 81 -22.06 17.28 11.32
CA GLN A 81 -22.74 16.93 12.56
C GLN A 81 -22.56 18.04 13.59
N SER B 1 -4.89 36.01 14.75
CA SER B 1 -5.06 35.11 13.60
C SER B 1 -5.07 33.67 14.07
N THR B 2 -5.32 32.74 13.16
CA THR B 2 -5.36 31.33 13.50
C THR B 2 -4.01 30.87 14.02
N ASP B 3 -3.98 30.42 15.27
CA ASP B 3 -2.74 29.97 15.89
C ASP B 3 -2.68 28.45 15.94
N SER B 4 -1.64 27.88 15.35
CA SER B 4 -1.46 26.44 15.33
C SER B 4 0.03 26.09 15.35
N THR B 5 0.35 24.94 15.92
CA THR B 5 1.73 24.50 16.01
C THR B 5 2.06 23.52 14.89
N PRO B 6 2.99 23.89 13.99
CA PRO B 6 3.40 23.04 12.87
C PRO B 6 4.21 21.83 13.32
N MET B 7 4.76 21.92 14.52
CA MET B 7 5.54 20.83 15.10
C MET B 7 4.59 19.85 15.77
N PHE B 8 4.68 18.59 15.37
CA PHE B 8 3.81 17.55 15.92
C PHE B 8 4.60 16.61 16.81
N GLU B 9 3.97 15.51 17.21
CA GLU B 9 4.62 14.53 18.08
C GLU B 9 4.80 13.19 17.37
N TYR B 10 3.70 12.52 17.08
CA TYR B 10 3.76 11.21 16.42
C TYR B 10 3.87 11.36 14.92
N GLU B 11 3.43 12.51 14.42
CA GLU B 11 3.46 12.80 12.99
C GLU B 11 4.88 13.19 12.55
N ASN B 12 5.80 12.25 12.71
CA ASN B 12 7.20 12.45 12.33
C ASN B 12 7.55 11.55 11.15
N LEU B 13 8.49 11.98 10.33
CA LEU B 13 8.89 11.21 9.17
C LEU B 13 9.81 10.07 9.57
N GLU B 14 9.28 8.86 9.60
CA GLU B 14 10.05 7.68 9.97
C GLU B 14 10.75 7.09 8.76
N ASP B 15 11.81 6.33 8.98
CA ASP B 15 12.56 5.72 7.88
C ASP B 15 12.19 4.26 7.70
N ASN B 16 11.09 3.85 8.33
CA ASN B 16 10.62 2.47 8.25
C ASN B 16 9.69 2.26 7.05
N SER B 17 10.10 2.76 5.88
CA SER B 17 9.29 2.63 4.68
C SER B 17 9.40 1.23 4.04
N LYS B 18 10.36 0.44 4.53
CA LYS B 18 10.60 -0.92 4.02
C LYS B 18 9.32 -1.75 4.01
N GLU B 19 8.56 -1.69 5.11
CA GLU B 19 7.33 -2.45 5.26
C GLU B 19 6.29 -2.10 4.19
N TRP B 20 6.42 -0.95 3.56
CA TRP B 20 5.46 -0.54 2.55
C TRP B 20 5.91 -0.94 1.15
N THR B 21 7.21 -1.10 0.96
CA THR B 21 7.74 -1.48 -0.35
C THR B 21 7.83 -2.99 -0.48
N SER B 22 7.81 -3.71 0.64
CA SER B 22 7.89 -5.16 0.61
C SER B 22 6.55 -5.76 0.20
N LEU B 23 5.50 -4.95 0.26
CA LEU B 23 4.15 -5.39 -0.11
C LEU B 23 4.06 -5.69 -1.61
N PHE B 24 5.04 -5.19 -2.36
CA PHE B 24 5.08 -5.41 -3.79
C PHE B 24 5.69 -6.79 -4.10
N ASP B 25 6.13 -7.46 -3.04
CA ASP B 25 6.73 -8.78 -3.18
C ASP B 25 5.93 -9.79 -2.37
N ASN B 26 5.70 -9.47 -1.10
CA ASN B 26 4.94 -10.33 -0.21
C ASN B 26 3.64 -9.66 0.19
N ASP B 27 2.56 -10.42 0.25
CA ASP B 27 1.26 -9.88 0.62
C ASP B 27 0.92 -10.23 2.06
N ILE B 28 0.48 -11.47 2.27
CA ILE B 28 0.11 -11.93 3.59
C ILE B 28 1.22 -12.77 4.22
N PRO B 29 1.76 -12.32 5.36
CA PRO B 29 2.82 -13.05 6.07
C PRO B 29 2.34 -14.41 6.57
N VAL B 30 3.23 -15.39 6.61
CA VAL B 30 2.89 -16.73 7.05
C VAL B 30 3.10 -16.85 8.56
N THR B 31 3.73 -15.86 9.15
CA THR B 31 3.99 -15.85 10.57
C THR B 31 4.17 -14.42 11.06
N THR B 32 3.95 -14.20 12.35
CA THR B 32 4.08 -12.87 12.94
C THR B 32 5.13 -12.89 14.06
N ASP B 33 6.37 -13.12 13.68
CA ASP B 33 7.46 -13.18 14.64
C ASP B 33 8.17 -11.83 14.73
N ASP B 34 7.36 -10.78 14.80
CA ASP B 34 7.88 -9.43 14.88
C ASP B 34 7.41 -8.75 16.15
N GLN A 1 14.71 -6.05 25.14
CA GLN A 1 15.36 -4.73 25.35
C GLN A 1 15.05 -3.80 24.17
N ARG A 2 15.07 -4.37 22.97
CA ARG A 2 14.80 -3.59 21.77
C ARG A 2 13.31 -3.39 21.59
N ARG A 3 12.87 -2.13 21.59
CA ARG A 3 11.47 -1.81 21.44
C ARG A 3 11.21 -1.16 20.07
N GLN A 4 10.45 -1.83 19.23
CA GLN A 4 10.15 -1.31 17.91
C GLN A 4 8.68 -1.58 17.56
N LEU A 5 8.12 -0.73 16.69
CA LEU A 5 6.73 -0.84 16.26
C LEU A 5 5.77 -0.62 17.44
N THR A 6 5.36 0.62 17.61
CA THR A 6 4.45 0.97 18.69
C THR A 6 3.04 0.45 18.39
N PRO A 7 2.31 0.01 19.41
CA PRO A 7 0.96 -0.52 19.24
C PRO A 7 0.02 0.50 18.59
N GLN A 8 0.22 1.78 18.90
CA GLN A 8 -0.62 2.84 18.36
C GLN A 8 -0.37 3.05 16.86
N GLN A 9 0.89 3.10 16.47
CA GLN A 9 1.24 3.33 15.07
C GLN A 9 0.95 2.08 14.26
N GLN A 10 1.16 0.93 14.88
CA GLN A 10 0.89 -0.34 14.22
C GLN A 10 -0.56 -0.43 13.76
N GLN A 11 -1.46 0.19 14.53
CA GLN A 11 -2.87 0.18 14.20
C GLN A 11 -3.16 1.01 12.94
N LEU A 12 -2.33 2.01 12.70
CA LEU A 12 -2.50 2.86 11.53
C LEU A 12 -2.09 2.09 10.28
N VAL A 13 -1.01 1.33 10.41
CA VAL A 13 -0.49 0.53 9.33
C VAL A 13 -1.49 -0.54 8.91
N ASN A 14 -2.06 -1.21 9.91
CA ASN A 14 -3.03 -2.29 9.68
C ASN A 14 -4.30 -1.80 9.00
N GLN A 15 -4.58 -0.51 9.12
CA GLN A 15 -5.79 0.06 8.53
C GLN A 15 -5.60 0.39 7.05
N MET A 16 -4.35 0.49 6.61
CA MET A 16 -4.05 0.81 5.23
C MET A 16 -3.71 -0.45 4.42
N LYS A 17 -3.92 -1.60 5.03
CA LYS A 17 -3.62 -2.87 4.37
C LYS A 17 -4.63 -3.15 3.27
N VAL A 18 -5.87 -3.31 3.65
CA VAL A 18 -6.92 -3.58 2.69
C VAL A 18 -7.78 -2.34 2.54
N ALA A 19 -7.31 -1.42 1.73
CA ALA A 19 -8.03 -0.18 1.49
C ALA A 19 -8.12 0.09 -0.01
N PRO A 20 -9.27 0.61 -0.46
CA PRO A 20 -9.48 0.94 -1.87
C PRO A 20 -8.95 2.33 -2.22
N ILE A 21 -8.24 2.40 -3.34
CA ILE A 21 -7.68 3.64 -3.82
C ILE A 21 -8.78 4.46 -4.49
N PRO A 22 -8.93 5.75 -4.11
CA PRO A 22 -9.92 6.63 -4.71
C PRO A 22 -9.65 6.86 -6.18
N LYS A 23 -10.69 7.16 -6.93
CA LYS A 23 -10.60 7.38 -8.37
C LYS A 23 -9.63 8.51 -8.69
N GLN A 24 -9.60 9.53 -7.84
CA GLN A 24 -8.71 10.67 -8.05
C GLN A 24 -7.25 10.22 -8.09
N LEU A 25 -6.89 9.34 -7.16
CA LEU A 25 -5.53 8.84 -7.09
C LEU A 25 -5.28 7.77 -8.15
N LEU A 26 -6.35 7.07 -8.53
CA LEU A 26 -6.25 6.01 -9.54
C LEU A 26 -5.90 6.61 -10.90
N GLN A 27 -6.26 7.86 -11.12
CA GLN A 27 -5.97 8.55 -12.37
C GLN A 27 -4.49 8.89 -12.48
N ARG A 28 -3.75 8.67 -11.40
CA ARG A 28 -2.32 8.95 -11.39
C ARG A 28 -1.53 7.76 -11.90
N ILE A 29 -2.21 6.62 -12.03
CA ILE A 29 -1.57 5.40 -12.51
C ILE A 29 -2.23 4.91 -13.80
N PRO A 30 -1.74 5.38 -14.95
CA PRO A 30 -2.28 5.01 -16.26
C PRO A 30 -1.49 3.87 -16.93
N ASN A 31 -1.85 3.57 -18.18
CA ASN A 31 -1.22 2.53 -18.99
C ASN A 31 -1.53 1.11 -18.51
N ILE A 32 -1.91 0.98 -17.25
CA ILE A 32 -2.24 -0.31 -16.68
C ILE A 32 -3.67 -0.34 -16.20
N PRO A 33 -4.45 -1.34 -16.64
CA PRO A 33 -5.85 -1.48 -16.23
C PRO A 33 -5.98 -2.10 -14.84
N PRO A 34 -6.42 -1.33 -13.85
CA PRO A 34 -6.57 -1.84 -12.48
C PRO A 34 -7.74 -2.81 -12.35
N ASN A 35 -8.90 -2.38 -12.83
CA ASN A 35 -10.13 -3.18 -12.81
C ASN A 35 -10.60 -3.50 -11.38
N ILE A 36 -10.06 -2.77 -10.40
CA ILE A 36 -10.43 -2.97 -8.99
C ILE A 36 -10.13 -1.71 -8.19
N ASN A 37 -10.33 -1.77 -6.88
CA ASN A 37 -10.08 -0.60 -6.03
C ASN A 37 -9.29 -0.96 -4.76
N THR A 38 -9.61 -2.10 -4.15
CA THR A 38 -8.96 -2.49 -2.90
C THR A 38 -7.52 -2.96 -3.15
N TRP A 39 -6.61 -2.49 -2.28
CA TRP A 39 -5.18 -2.81 -2.36
C TRP A 39 -4.93 -4.31 -2.50
N GLN A 40 -5.67 -5.11 -1.74
CA GLN A 40 -5.52 -6.57 -1.77
C GLN A 40 -5.67 -7.10 -3.19
N GLN A 41 -6.59 -6.52 -3.95
CA GLN A 41 -6.83 -6.93 -5.32
C GLN A 41 -5.91 -6.19 -6.29
N VAL A 42 -5.36 -5.07 -5.84
CA VAL A 42 -4.46 -4.27 -6.66
C VAL A 42 -3.09 -4.95 -6.75
N THR A 43 -2.69 -5.56 -5.65
CA THR A 43 -1.41 -6.25 -5.57
C THR A 43 -1.47 -7.60 -6.27
N ALA A 44 -2.69 -8.09 -6.49
CA ALA A 44 -2.91 -9.38 -7.14
C ALA A 44 -2.26 -9.45 -8.52
N LEU A 45 -2.42 -8.39 -9.31
CA LEU A 45 -1.84 -8.36 -10.66
C LEU A 45 -0.32 -8.35 -10.63
N ALA A 46 0.24 -7.92 -9.50
CA ALA A 46 1.69 -7.88 -9.34
C ALA A 46 2.24 -9.29 -9.18
N GLN A 47 1.42 -10.16 -8.59
CA GLN A 47 1.81 -11.56 -8.37
C GLN A 47 1.87 -12.30 -9.69
N GLN A 48 1.07 -11.84 -10.66
CA GLN A 48 1.01 -12.45 -11.97
C GLN A 48 2.14 -11.95 -12.86
N LYS A 49 3.02 -11.15 -12.28
CA LYS A 49 4.17 -10.59 -12.98
C LYS A 49 3.73 -9.63 -14.09
N LEU A 50 2.69 -8.85 -13.82
CA LEU A 50 2.19 -7.89 -14.79
C LEU A 50 2.60 -6.48 -14.40
N LEU A 51 3.37 -6.38 -13.32
CA LEU A 51 3.84 -5.10 -12.83
C LEU A 51 5.33 -4.92 -13.13
N THR A 52 5.68 -3.75 -13.61
CA THR A 52 7.05 -3.43 -13.93
C THR A 52 7.58 -2.41 -12.92
N PRO A 53 8.91 -2.25 -12.80
CA PRO A 53 9.50 -1.27 -11.89
C PRO A 53 8.96 0.15 -12.13
N GLN A 54 8.43 0.37 -13.33
CA GLN A 54 7.85 1.66 -13.70
C GLN A 54 6.58 1.91 -12.91
N ASP A 55 5.75 0.88 -12.82
CA ASP A 55 4.48 0.99 -12.11
C ASP A 55 4.71 1.11 -10.62
N MET A 56 5.74 0.41 -10.13
CA MET A 56 6.07 0.44 -8.70
C MET A 56 6.40 1.86 -8.24
N GLU A 57 7.12 2.59 -9.08
CA GLU A 57 7.51 3.96 -8.77
C GLU A 57 6.28 4.86 -8.64
N ALA A 58 5.23 4.51 -9.37
CA ALA A 58 3.99 5.27 -9.34
C ALA A 58 3.07 4.80 -8.21
N ALA A 59 3.10 3.51 -7.93
CA ALA A 59 2.25 2.92 -6.90
C ALA A 59 2.66 3.39 -5.52
N LYS A 60 3.97 3.48 -5.29
CA LYS A 60 4.48 3.91 -4.01
C LYS A 60 4.12 5.37 -3.74
N GLU A 61 4.02 6.14 -4.82
CA GLU A 61 3.65 7.55 -4.70
C GLU A 61 2.21 7.70 -4.28
N VAL A 62 1.34 6.99 -5.00
CA VAL A 62 -0.10 7.02 -4.73
C VAL A 62 -0.39 6.59 -3.29
N TYR A 63 0.29 5.52 -2.86
CA TYR A 63 0.11 4.98 -1.52
C TYR A 63 0.47 6.02 -0.45
N LYS A 64 1.52 6.78 -0.69
CA LYS A 64 1.95 7.80 0.26
C LYS A 64 0.94 8.94 0.34
N ILE A 65 0.37 9.30 -0.79
CA ILE A 65 -0.63 10.37 -0.83
C ILE A 65 -1.90 9.92 -0.10
N HIS A 66 -2.24 8.65 -0.28
CA HIS A 66 -3.42 8.05 0.35
C HIS A 66 -3.29 8.12 1.88
N GLN A 67 -2.06 7.95 2.36
CA GLN A 67 -1.78 7.98 3.79
C GLN A 67 -2.01 9.38 4.37
N GLN A 68 -1.93 10.39 3.52
CA GLN A 68 -2.12 11.77 3.98
C GLN A 68 -3.59 12.08 4.19
N LEU A 69 -4.45 11.46 3.39
CA LEU A 69 -5.89 11.67 3.49
C LEU A 69 -6.41 11.26 4.87
N LEU A 70 -5.85 10.19 5.41
CA LEU A 70 -6.26 9.68 6.71
C LEU A 70 -5.83 10.62 7.83
N PHE A 71 -4.70 11.29 7.66
CA PHE A 71 -4.20 12.21 8.68
C PHE A 71 -5.10 13.44 8.78
N LYS A 72 -5.53 13.94 7.62
CA LYS A 72 -6.40 15.11 7.56
C LYS A 72 -7.71 14.85 8.30
N ALA A 73 -8.21 13.63 8.18
CA ALA A 73 -9.46 13.24 8.84
C ALA A 73 -9.30 13.22 10.35
N ARG A 74 -8.09 12.97 10.82
CA ARG A 74 -7.81 12.92 12.25
C ARG A 74 -7.70 14.32 12.84
N LEU A 75 -7.06 15.20 12.08
CA LEU A 75 -6.86 16.58 12.52
C LEU A 75 -8.13 17.41 12.40
N GLN A 76 -8.91 17.17 11.35
CA GLN A 76 -10.13 17.92 11.13
C GLN A 76 -11.29 17.37 11.95
N GLN A 77 -11.73 18.15 12.93
CA GLN A 77 -12.86 17.77 13.77
C GLN A 77 -14.13 18.38 13.21
N GLN A 78 -13.97 19.48 12.49
CA GLN A 78 -15.10 20.18 11.89
C GLN A 78 -15.59 19.42 10.66
N GLN A 79 -14.72 19.32 9.66
CA GLN A 79 -15.05 18.61 8.43
C GLN A 79 -13.87 17.77 7.97
N ALA A 80 -13.92 16.49 8.25
CA ALA A 80 -12.85 15.57 7.88
C ALA A 80 -12.85 15.32 6.37
N GLN A 81 -11.93 15.97 5.67
CA GLN A 81 -11.83 15.83 4.23
C GLN A 81 -10.38 15.91 3.80
N SER B 1 -15.33 29.61 23.29
CA SER B 1 -14.22 30.12 22.47
C SER B 1 -13.48 28.96 21.79
N THR B 2 -12.46 29.28 21.02
CA THR B 2 -11.68 28.27 20.36
C THR B 2 -10.44 27.93 21.18
N ASP B 3 -10.33 26.67 21.58
CA ASP B 3 -9.22 26.20 22.39
C ASP B 3 -8.12 25.63 21.51
N SER B 4 -7.08 26.42 21.32
CA SER B 4 -5.95 25.99 20.49
C SER B 4 -4.94 25.22 21.34
N THR B 5 -4.37 24.17 20.76
CA THR B 5 -3.38 23.37 21.45
C THR B 5 -2.34 22.83 20.47
N PRO B 6 -1.04 23.17 20.68
CA PRO B 6 0.04 22.70 19.80
C PRO B 6 0.20 21.18 19.83
N MET B 7 -0.01 20.60 21.00
CA MET B 7 0.10 19.16 21.17
C MET B 7 -1.29 18.53 21.18
N PHE B 8 -1.74 18.13 19.99
CA PHE B 8 -3.06 17.52 19.84
C PHE B 8 -2.95 16.00 19.89
N GLU B 9 -3.90 15.36 20.56
CA GLU B 9 -3.91 13.91 20.67
C GLU B 9 -4.22 13.27 19.32
N TYR B 10 -4.87 14.04 18.45
CA TYR B 10 -5.24 13.57 17.13
C TYR B 10 -4.11 13.80 16.13
N GLU B 11 -3.18 14.65 16.50
CA GLU B 11 -2.04 14.95 15.64
C GLU B 11 -0.97 13.90 15.83
N ASN B 12 -0.93 12.92 14.94
CA ASN B 12 0.05 11.86 15.03
C ASN B 12 0.96 11.85 13.82
N LEU B 13 2.25 12.03 14.07
CA LEU B 13 3.24 12.03 13.01
C LEU B 13 3.69 10.60 12.75
N GLU B 14 3.35 10.08 11.58
CA GLU B 14 3.70 8.71 11.24
C GLU B 14 5.18 8.58 10.92
N ASP B 15 5.68 7.36 11.03
CA ASP B 15 7.08 7.06 10.78
C ASP B 15 7.22 5.73 10.04
N ASN B 16 6.16 4.94 10.08
CA ASN B 16 6.15 3.62 9.44
C ASN B 16 5.80 3.70 7.95
N SER B 17 5.93 4.89 7.37
CA SER B 17 5.61 5.11 5.97
C SER B 17 6.68 4.52 5.04
N LYS B 18 7.22 3.38 5.43
CA LYS B 18 8.24 2.68 4.64
C LYS B 18 7.80 1.26 4.34
N GLU B 19 7.00 0.69 5.25
CA GLU B 19 6.50 -0.68 5.11
C GLU B 19 5.33 -0.74 4.13
N TRP B 20 5.08 0.37 3.45
CA TRP B 20 3.98 0.47 2.49
C TRP B 20 4.26 -0.41 1.28
N THR B 21 5.51 -0.42 0.84
CA THR B 21 5.91 -1.19 -0.33
C THR B 21 5.95 -2.69 -0.05
N SER B 22 5.91 -3.06 1.23
CA SER B 22 5.94 -4.47 1.62
C SER B 22 4.70 -5.22 1.14
N LEU B 23 3.63 -4.49 0.84
CA LEU B 23 2.40 -5.11 0.38
C LEU B 23 2.53 -5.62 -1.05
N PHE B 24 3.49 -5.08 -1.79
CA PHE B 24 3.70 -5.49 -3.18
C PHE B 24 4.63 -6.69 -3.26
N ASP B 25 4.55 -7.55 -2.25
CA ASP B 25 5.36 -8.76 -2.17
C ASP B 25 4.75 -9.73 -1.17
N ASN B 26 4.41 -9.21 0.00
CA ASN B 26 3.80 -10.02 1.04
C ASN B 26 2.29 -10.10 0.86
N ASP B 27 1.84 -11.10 0.12
CA ASP B 27 0.41 -11.28 -0.12
C ASP B 27 -0.01 -12.70 0.22
N ILE B 28 -1.14 -13.14 -0.29
CA ILE B 28 -1.65 -14.49 -0.02
C ILE B 28 -0.79 -15.57 -0.67
N PRO B 29 -0.71 -16.76 -0.05
CA PRO B 29 0.07 -17.89 -0.57
C PRO B 29 -0.61 -18.53 -1.78
N VAL B 30 0.13 -19.37 -2.50
CA VAL B 30 -0.41 -20.04 -3.68
C VAL B 30 -0.41 -21.56 -3.51
N THR B 31 -0.16 -22.02 -2.29
CA THR B 31 -0.13 -23.44 -2.01
C THR B 31 -0.18 -23.69 -0.50
N THR B 32 -0.31 -24.94 -0.12
CA THR B 32 -0.39 -25.31 1.29
C THR B 32 0.94 -25.05 1.99
N ASP B 33 0.91 -24.13 2.95
CA ASP B 33 2.10 -23.76 3.71
C ASP B 33 1.71 -23.33 5.13
N ASP B 34 1.56 -24.30 6.01
CA ASP B 34 1.18 -24.03 7.39
C ASP B 34 1.30 -25.31 8.22
N GLN A 1 11.90 0.70 25.82
CA GLN A 1 11.38 -0.20 24.76
C GLN A 1 12.12 0.06 23.46
N ARG A 2 12.22 -0.96 22.62
CA ARG A 2 12.91 -0.82 21.34
C ARG A 2 11.91 -0.38 20.27
N ARG A 3 10.74 -1.00 20.28
CA ARG A 3 9.69 -0.68 19.33
C ARG A 3 8.45 -0.24 20.09
N GLN A 4 8.04 0.99 19.88
CA GLN A 4 6.86 1.51 20.54
C GLN A 4 5.61 1.15 19.74
N LEU A 5 4.53 0.92 20.45
CA LEU A 5 3.26 0.55 19.82
C LEU A 5 2.12 1.37 20.39
N THR A 6 1.86 2.50 19.77
CA THR A 6 0.80 3.38 20.23
C THR A 6 -0.54 2.96 19.63
N PRO A 7 -1.64 3.17 20.36
CA PRO A 7 -2.99 2.82 19.91
C PRO A 7 -3.33 3.40 18.54
N GLN A 8 -2.81 4.59 18.25
CA GLN A 8 -3.09 5.24 16.98
C GLN A 8 -2.24 4.68 15.84
N GLN A 9 -0.96 4.44 16.10
CA GLN A 9 -0.06 3.92 15.08
C GLN A 9 -0.41 2.49 14.73
N GLN A 10 -0.80 1.71 15.74
CA GLN A 10 -1.19 0.33 15.54
C GLN A 10 -2.36 0.21 14.56
N GLN A 11 -3.25 1.20 14.61
CA GLN A 11 -4.43 1.21 13.75
C GLN A 11 -4.12 1.80 12.37
N LEU A 12 -3.04 2.54 12.25
CA LEU A 12 -2.69 3.16 10.99
C LEU A 12 -2.18 2.13 9.99
N VAL A 13 -1.31 1.25 10.45
CA VAL A 13 -0.75 0.22 9.60
C VAL A 13 -1.80 -0.80 9.19
N ASN A 14 -2.77 -1.04 10.06
CA ASN A 14 -3.84 -2.00 9.79
C ASN A 14 -4.80 -1.47 8.73
N GLN A 15 -4.98 -0.17 8.70
CA GLN A 15 -5.88 0.46 7.75
C GLN A 15 -5.26 0.56 6.38
N MET A 16 -3.94 0.45 6.32
CA MET A 16 -3.22 0.52 5.05
C MET A 16 -3.15 -0.85 4.38
N LYS A 17 -3.92 -1.79 4.91
CA LYS A 17 -3.95 -3.14 4.36
C LYS A 17 -5.16 -3.32 3.46
N VAL A 18 -6.33 -3.46 4.07
CA VAL A 18 -7.54 -3.63 3.31
C VAL A 18 -8.21 -2.29 3.11
N ALA A 19 -7.73 -1.57 2.12
CA ALA A 19 -8.27 -0.26 1.79
C ALA A 19 -8.22 -0.02 0.28
N PRO A 20 -9.32 0.48 -0.29
CA PRO A 20 -9.40 0.78 -1.71
C PRO A 20 -8.82 2.16 -2.05
N ILE A 21 -8.25 2.27 -3.24
CA ILE A 21 -7.66 3.52 -3.70
C ILE A 21 -8.75 4.45 -4.23
N PRO A 22 -8.75 5.73 -3.81
CA PRO A 22 -9.73 6.71 -4.29
C PRO A 22 -9.47 7.05 -5.76
N LYS A 23 -10.51 7.51 -6.45
CA LYS A 23 -10.41 7.84 -7.86
C LYS A 23 -9.37 8.92 -8.10
N GLN A 24 -9.28 9.88 -7.18
CA GLN A 24 -8.32 10.97 -7.29
C GLN A 24 -6.88 10.42 -7.37
N LEU A 25 -6.65 9.29 -6.74
CA LEU A 25 -5.33 8.67 -6.74
C LEU A 25 -5.21 7.64 -7.86
N LEU A 26 -6.31 7.00 -8.20
CA LEU A 26 -6.33 5.98 -9.25
C LEU A 26 -5.96 6.56 -10.61
N GLN A 27 -6.34 7.82 -10.83
CA GLN A 27 -6.06 8.49 -12.09
C GLN A 27 -4.57 8.82 -12.23
N ARG A 28 -3.80 8.49 -11.20
CA ARG A 28 -2.37 8.74 -11.20
C ARG A 28 -1.60 7.52 -11.70
N ILE A 29 -2.31 6.42 -11.93
CA ILE A 29 -1.68 5.19 -12.42
C ILE A 29 -2.32 4.74 -13.73
N PRO A 30 -1.80 5.23 -14.87
CA PRO A 30 -2.31 4.88 -16.19
C PRO A 30 -1.50 3.76 -16.83
N ASN A 31 -1.70 3.59 -18.15
CA ASN A 31 -0.99 2.59 -18.96
C ASN A 31 -1.47 1.16 -18.69
N ILE A 32 -2.06 0.94 -17.52
CA ILE A 32 -2.54 -0.37 -17.13
C ILE A 32 -3.93 -0.29 -16.52
N PRO A 33 -4.83 -1.22 -16.90
CA PRO A 33 -6.18 -1.28 -16.36
C PRO A 33 -6.25 -2.14 -15.11
N PRO A 34 -6.44 -1.53 -13.93
CA PRO A 34 -6.52 -2.27 -12.67
C PRO A 34 -7.85 -3.00 -12.51
N ASN A 35 -8.94 -2.26 -12.71
CA ASN A 35 -10.30 -2.80 -12.61
C ASN A 35 -10.61 -3.27 -11.19
N ILE A 36 -9.86 -2.79 -10.22
CA ILE A 36 -10.08 -3.14 -8.83
C ILE A 36 -9.93 -1.90 -7.95
N ASN A 37 -10.10 -2.05 -6.64
CA ASN A 37 -10.00 -0.91 -5.75
C ASN A 37 -9.15 -1.18 -4.50
N THR A 38 -9.36 -2.32 -3.86
CA THR A 38 -8.66 -2.66 -2.64
C THR A 38 -7.19 -3.00 -2.91
N TRP A 39 -6.31 -2.47 -2.06
CA TRP A 39 -4.87 -2.67 -2.17
C TRP A 39 -4.51 -4.16 -2.30
N GLN A 40 -5.23 -5.01 -1.58
CA GLN A 40 -5.00 -6.45 -1.65
C GLN A 40 -5.20 -6.95 -3.07
N GLN A 41 -6.25 -6.43 -3.71
CA GLN A 41 -6.56 -6.80 -5.10
C GLN A 41 -5.54 -6.18 -6.04
N VAL A 42 -5.05 -5.00 -5.66
CA VAL A 42 -4.05 -4.28 -6.44
C VAL A 42 -2.74 -5.07 -6.43
N THR A 43 -2.47 -5.70 -5.30
CA THR A 43 -1.27 -6.51 -5.13
C THR A 43 -1.39 -7.83 -5.90
N ALA A 44 -2.63 -8.31 -6.04
CA ALA A 44 -2.89 -9.56 -6.72
C ALA A 44 -2.42 -9.53 -8.17
N LEU A 45 -2.70 -8.44 -8.87
CA LEU A 45 -2.29 -8.31 -10.27
C LEU A 45 -0.77 -8.23 -10.38
N ALA A 46 -0.12 -7.74 -9.34
CA ALA A 46 1.33 -7.64 -9.33
C ALA A 46 1.94 -9.03 -9.24
N GLN A 47 1.28 -9.90 -8.49
CA GLN A 47 1.75 -11.27 -8.31
C GLN A 47 1.64 -12.05 -9.63
N GLN A 48 0.82 -11.54 -10.54
CA GLN A 48 0.66 -12.18 -11.84
C GLN A 48 1.76 -11.73 -12.79
N LYS A 49 2.70 -10.95 -12.25
CA LYS A 49 3.83 -10.42 -13.01
C LYS A 49 3.36 -9.45 -14.08
N LEU A 50 2.30 -8.73 -13.78
CA LEU A 50 1.74 -7.74 -14.71
C LEU A 50 2.20 -6.34 -14.32
N LEU A 51 3.16 -6.29 -13.42
CA LEU A 51 3.68 -5.03 -12.92
C LEU A 51 5.05 -4.74 -13.53
N THR A 52 5.16 -3.61 -14.19
CA THR A 52 6.42 -3.20 -14.80
C THR A 52 7.18 -2.31 -13.81
N PRO A 53 8.51 -2.14 -14.00
CA PRO A 53 9.31 -1.29 -13.13
C PRO A 53 8.79 0.15 -13.09
N GLN A 54 7.99 0.49 -14.09
CA GLN A 54 7.38 1.82 -14.19
C GLN A 54 6.21 1.94 -13.23
N ASP A 55 5.40 0.88 -13.15
CA ASP A 55 4.23 0.86 -12.29
C ASP A 55 4.63 0.96 -10.83
N MET A 56 5.75 0.34 -10.48
CA MET A 56 6.26 0.37 -9.11
C MET A 56 6.57 1.80 -8.70
N GLU A 57 7.07 2.58 -9.66
CA GLU A 57 7.44 3.97 -9.42
C GLU A 57 6.19 4.83 -9.17
N ALA A 58 5.10 4.47 -9.81
CA ALA A 58 3.86 5.22 -9.67
C ALA A 58 3.08 4.77 -8.43
N ALA A 59 3.20 3.50 -8.08
CA ALA A 59 2.50 2.95 -6.93
C ALA A 59 3.07 3.49 -5.63
N LYS A 60 4.39 3.62 -5.57
CA LYS A 60 5.04 4.12 -4.37
C LYS A 60 4.65 5.57 -4.11
N GLU A 61 4.33 6.28 -5.17
CA GLU A 61 3.91 7.68 -5.05
C GLU A 61 2.51 7.78 -4.50
N VAL A 62 1.61 7.00 -5.08
CA VAL A 62 0.21 6.99 -4.66
C VAL A 62 0.07 6.56 -3.20
N TYR A 63 0.83 5.55 -2.81
CA TYR A 63 0.80 5.04 -1.44
C TYR A 63 1.19 6.13 -0.44
N LYS A 64 2.12 6.98 -0.83
CA LYS A 64 2.57 8.07 0.03
C LYS A 64 1.48 9.13 0.18
N ILE A 65 0.84 9.47 -0.93
CA ILE A 65 -0.23 10.47 -0.93
C ILE A 65 -1.43 9.93 -0.16
N HIS A 66 -1.68 8.63 -0.28
CA HIS A 66 -2.80 7.99 0.40
C HIS A 66 -2.62 8.09 1.91
N GLN A 67 -1.39 7.94 2.36
CA GLN A 67 -1.07 8.00 3.78
C GLN A 67 -1.27 9.42 4.31
N GLN A 68 -1.14 10.41 3.43
CA GLN A 68 -1.31 11.80 3.82
C GLN A 68 -2.76 12.07 4.19
N LEU A 69 -3.67 11.38 3.52
CA LEU A 69 -5.09 11.54 3.77
C LEU A 69 -5.47 10.96 5.12
N LEU A 70 -4.85 9.84 5.47
CA LEU A 70 -5.10 9.18 6.75
C LEU A 70 -4.70 10.08 7.91
N PHE A 71 -3.57 10.75 7.75
CA PHE A 71 -3.06 11.65 8.78
C PHE A 71 -4.02 12.82 9.00
N LYS A 72 -4.50 13.39 7.89
CA LYS A 72 -5.42 14.52 7.96
C LYS A 72 -6.70 14.16 8.71
N ALA A 73 -7.16 12.94 8.48
CA ALA A 73 -8.38 12.45 9.13
C ALA A 73 -8.22 12.38 10.66
N ARG A 74 -7.03 12.01 11.10
CA ARG A 74 -6.76 11.90 12.53
C ARG A 74 -6.37 13.26 13.13
N LEU A 75 -5.99 14.18 12.25
CA LEU A 75 -5.58 15.52 12.68
C LEU A 75 -6.80 16.44 12.87
N GLN A 76 -7.61 16.56 11.83
CA GLN A 76 -8.80 17.41 11.88
C GLN A 76 -9.92 16.75 12.67
N GLN A 77 -10.08 17.19 13.91
CA GLN A 77 -11.11 16.63 14.78
C GLN A 77 -12.44 17.35 14.54
N GLN A 78 -12.38 18.49 13.89
CA GLN A 78 -13.57 19.28 13.59
C GLN A 78 -14.13 18.91 12.22
N GLN A 79 -13.33 18.18 11.45
CA GLN A 79 -13.74 17.74 10.13
C GLN A 79 -13.48 16.25 9.96
N ALA A 80 -14.47 15.44 10.31
CA ALA A 80 -14.36 13.99 10.19
C ALA A 80 -14.40 13.57 8.73
N GLN A 81 -13.32 12.98 8.26
CA GLN A 81 -13.23 12.53 6.88
C GLN A 81 -13.77 11.12 6.76
N SER B 1 -6.70 14.90 -34.15
CA SER B 1 -5.23 14.77 -34.11
C SER B 1 -4.84 13.32 -33.84
N THR B 2 -3.55 13.08 -33.65
CA THR B 2 -3.06 11.75 -33.36
C THR B 2 -3.31 11.41 -31.89
N ASP B 3 -3.87 10.24 -31.62
CA ASP B 3 -4.15 9.84 -30.25
C ASP B 3 -4.02 8.34 -30.08
N SER B 4 -3.57 7.94 -28.88
CA SER B 4 -3.38 6.52 -28.53
C SER B 4 -2.26 5.88 -29.35
N THR B 5 -1.12 5.66 -28.70
CA THR B 5 0.02 5.06 -29.35
C THR B 5 0.59 3.92 -28.49
N PRO B 6 1.02 2.81 -29.09
CA PRO B 6 1.59 1.66 -28.36
C PRO B 6 2.97 1.98 -27.79
N MET B 7 3.16 1.66 -26.52
CA MET B 7 4.43 1.90 -25.84
C MET B 7 4.61 0.94 -24.68
N PHE B 8 5.66 0.13 -24.76
CA PHE B 8 5.95 -0.84 -23.71
C PHE B 8 7.45 -0.84 -23.42
N GLU B 9 7.80 -0.65 -22.16
CA GLU B 9 9.19 -0.64 -21.74
C GLU B 9 9.38 -1.56 -20.55
N TYR B 10 10.56 -2.15 -20.45
CA TYR B 10 10.87 -3.05 -19.34
C TYR B 10 12.34 -2.94 -18.95
N GLU B 11 12.62 -2.01 -18.05
CA GLU B 11 13.97 -1.79 -17.57
C GLU B 11 13.98 -1.89 -16.05
N ASN B 12 14.24 -3.08 -15.53
CA ASN B 12 14.26 -3.29 -14.09
C ASN B 12 15.69 -3.28 -13.57
N LEU B 13 16.04 -2.22 -12.85
CA LEU B 13 17.37 -2.08 -12.28
C LEU B 13 17.26 -1.55 -10.85
N GLU B 14 16.12 -1.83 -10.23
CA GLU B 14 15.87 -1.39 -8.87
C GLU B 14 15.32 -2.53 -8.04
N ASP B 15 15.88 -2.72 -6.85
CA ASP B 15 15.45 -3.80 -5.97
C ASP B 15 14.76 -3.22 -4.74
N ASN B 16 14.05 -2.12 -4.93
CA ASN B 16 13.33 -1.47 -3.84
C ASN B 16 11.91 -2.00 -3.74
N SER B 17 11.69 -3.15 -4.37
CA SER B 17 10.39 -3.80 -4.38
C SER B 17 10.12 -4.54 -3.06
N LYS B 18 11.11 -4.55 -2.20
CA LYS B 18 10.99 -5.22 -0.89
C LYS B 18 9.85 -4.61 -0.07
N GLU B 19 9.65 -3.31 -0.22
CA GLU B 19 8.60 -2.60 0.50
C GLU B 19 7.22 -3.08 0.06
N TRP B 20 7.14 -3.55 -1.18
CA TRP B 20 5.89 -4.06 -1.73
C TRP B 20 5.43 -5.28 -0.95
N THR B 21 6.37 -6.18 -0.69
CA THR B 21 6.07 -7.40 0.04
C THR B 21 6.05 -7.15 1.55
N SER B 22 6.43 -5.95 1.97
CA SER B 22 6.45 -5.62 3.38
C SER B 22 5.12 -5.02 3.84
N LEU B 23 4.55 -4.12 3.04
CA LEU B 23 3.29 -3.49 3.42
C LEU B 23 2.11 -4.01 2.60
N PHE B 24 2.30 -4.18 1.29
CA PHE B 24 1.22 -4.67 0.43
C PHE B 24 0.98 -6.16 0.64
N ASP B 25 1.92 -6.97 0.18
CA ASP B 25 1.80 -8.43 0.30
C ASP B 25 2.20 -8.91 1.69
N ASN B 26 1.55 -8.35 2.71
CA ASN B 26 1.84 -8.72 4.09
C ASN B 26 0.79 -8.12 5.01
N ASP B 27 -0.29 -8.86 5.24
CA ASP B 27 -1.37 -8.40 6.09
C ASP B 27 -1.22 -8.98 7.49
N ILE B 28 -1.91 -8.39 8.45
CA ILE B 28 -1.86 -8.84 9.83
C ILE B 28 -3.27 -9.03 10.39
N PRO B 29 -3.72 -10.29 10.47
CA PRO B 29 -5.05 -10.62 10.97
C PRO B 29 -5.16 -10.52 12.50
N VAL B 30 -5.83 -9.48 12.97
CA VAL B 30 -6.06 -9.24 14.39
C VAL B 30 -4.75 -9.22 15.20
N THR B 31 -4.10 -8.07 15.22
CA THR B 31 -2.86 -7.92 15.97
C THR B 31 -3.06 -7.02 17.18
N THR B 32 -4.26 -6.49 17.32
CA THR B 32 -4.60 -5.62 18.44
C THR B 32 -6.13 -5.47 18.54
N ASP B 33 -6.63 -5.11 19.71
CA ASP B 33 -8.07 -4.94 19.90
C ASP B 33 -8.36 -3.66 20.67
N ASP B 34 -8.10 -3.69 21.97
CA ASP B 34 -8.33 -2.53 22.82
C ASP B 34 -7.05 -2.14 23.53
N GLN A 1 12.62 -6.21 24.31
CA GLN A 1 11.94 -6.49 23.02
C GLN A 1 12.86 -6.14 21.85
N ARG A 2 12.44 -6.51 20.65
CA ARG A 2 13.20 -6.20 19.45
C ARG A 2 12.56 -5.02 18.74
N ARG A 3 11.25 -4.94 18.85
CA ARG A 3 10.49 -3.86 18.24
C ARG A 3 9.14 -3.71 18.93
N GLN A 4 9.04 -2.71 19.79
CA GLN A 4 7.79 -2.46 20.50
C GLN A 4 6.76 -1.88 19.53
N LEU A 5 5.49 -2.13 19.81
CA LEU A 5 4.41 -1.67 18.95
C LEU A 5 3.24 -1.17 19.79
N THR A 6 3.20 0.12 20.03
CA THR A 6 2.14 0.72 20.81
C THR A 6 0.81 0.64 20.06
N PRO A 7 -0.31 0.49 20.79
CA PRO A 7 -1.64 0.40 20.18
C PRO A 7 -1.96 1.62 19.31
N GLN A 8 -1.41 2.76 19.68
CA GLN A 8 -1.64 4.00 18.95
C GLN A 8 -0.94 3.99 17.59
N GLN A 9 0.30 3.53 17.57
CA GLN A 9 1.09 3.48 16.34
C GLN A 9 0.68 2.31 15.47
N GLN A 10 0.45 1.17 16.10
CA GLN A 10 0.06 -0.04 15.39
C GLN A 10 -1.23 0.16 14.60
N GLN A 11 -2.15 0.95 15.15
CA GLN A 11 -3.42 1.20 14.49
C GLN A 11 -3.27 1.95 13.17
N LEU A 12 -2.14 2.63 12.98
CA LEU A 12 -1.91 3.37 11.76
C LEU A 12 -1.69 2.42 10.60
N VAL A 13 -0.98 1.34 10.88
CA VAL A 13 -0.69 0.34 9.85
C VAL A 13 -1.90 -0.56 9.63
N ASN A 14 -2.70 -0.73 10.67
CA ASN A 14 -3.90 -1.57 10.60
C ASN A 14 -4.97 -0.92 9.73
N GLN A 15 -4.88 0.39 9.56
CA GLN A 15 -5.83 1.15 8.78
C GLN A 15 -5.48 1.15 7.29
N MET A 16 -4.24 0.83 6.97
CA MET A 16 -3.78 0.80 5.58
C MET A 16 -3.67 -0.61 5.05
N LYS A 17 -4.46 -1.53 5.59
CA LYS A 17 -4.42 -2.92 5.16
C LYS A 17 -5.47 -3.20 4.07
N VAL A 18 -6.72 -3.33 4.48
CA VAL A 18 -7.78 -3.61 3.52
C VAL A 18 -8.52 -2.32 3.22
N ALA A 19 -7.96 -1.56 2.30
CA ALA A 19 -8.54 -0.29 1.89
C ALA A 19 -8.33 -0.06 0.40
N PRO A 20 -9.33 0.51 -0.29
CA PRO A 20 -9.24 0.81 -1.71
C PRO A 20 -8.56 2.14 -2.01
N ILE A 21 -8.05 2.26 -3.22
CA ILE A 21 -7.38 3.48 -3.65
C ILE A 21 -8.33 4.36 -4.45
N PRO A 22 -8.45 5.64 -4.06
CA PRO A 22 -9.31 6.60 -4.76
C PRO A 22 -8.99 6.67 -6.24
N LYS A 23 -10.00 6.94 -7.05
CA LYS A 23 -9.83 7.03 -8.50
C LYS A 23 -8.87 8.15 -8.85
N GLN A 24 -8.86 9.21 -8.04
CA GLN A 24 -7.95 10.34 -8.26
C GLN A 24 -6.50 9.88 -8.20
N LEU A 25 -6.25 8.84 -7.41
CA LEU A 25 -4.90 8.31 -7.25
C LEU A 25 -4.63 7.18 -8.24
N LEU A 26 -5.65 6.36 -8.51
CA LEU A 26 -5.52 5.24 -9.44
C LEU A 26 -5.18 5.72 -10.85
N GLN A 27 -5.57 6.95 -11.18
CA GLN A 27 -5.33 7.51 -12.50
C GLN A 27 -3.86 7.88 -12.69
N ARG A 28 -3.07 7.72 -11.63
CA ARG A 28 -1.65 8.02 -11.69
C ARG A 28 -0.86 6.82 -12.21
N ILE A 29 -1.51 5.66 -12.21
CA ILE A 29 -0.87 4.44 -12.68
C ILE A 29 -1.37 4.10 -14.09
N PRO A 30 -0.51 4.31 -15.10
CA PRO A 30 -0.84 4.05 -16.49
C PRO A 30 -0.35 2.67 -16.96
N ASN A 31 -0.37 2.47 -18.29
CA ASN A 31 0.08 1.24 -18.96
C ASN A 31 -0.85 0.05 -18.71
N ILE A 32 -1.58 0.06 -17.60
CA ILE A 32 -2.49 -1.04 -17.28
C ILE A 32 -3.68 -0.55 -16.47
N PRO A 33 -4.87 -1.10 -16.73
CA PRO A 33 -6.07 -0.78 -16.00
C PRO A 33 -6.27 -1.73 -14.82
N PRO A 34 -6.28 -1.20 -13.59
CA PRO A 34 -6.41 -2.01 -12.37
C PRO A 34 -7.67 -2.90 -12.37
N ASN A 35 -8.82 -2.31 -12.69
CA ASN A 35 -10.10 -3.03 -12.74
C ASN A 35 -10.55 -3.42 -11.32
N ILE A 36 -9.93 -2.82 -10.32
CA ILE A 36 -10.25 -3.08 -8.92
C ILE A 36 -10.02 -1.84 -8.09
N ASN A 37 -10.21 -1.95 -6.78
CA ASN A 37 -10.03 -0.79 -5.90
C ASN A 37 -9.29 -1.13 -4.62
N THR A 38 -9.60 -2.25 -3.99
CA THR A 38 -8.95 -2.64 -2.73
C THR A 38 -7.51 -3.10 -2.94
N TRP A 39 -6.62 -2.65 -2.04
CA TRP A 39 -5.20 -2.99 -2.08
C TRP A 39 -4.99 -4.50 -2.22
N GLN A 40 -5.83 -5.27 -1.53
CA GLN A 40 -5.74 -6.73 -1.55
C GLN A 40 -5.87 -7.27 -2.99
N GLN A 41 -6.72 -6.63 -3.78
CA GLN A 41 -6.92 -7.04 -5.17
C GLN A 41 -5.92 -6.37 -6.10
N VAL A 42 -5.30 -5.29 -5.62
CA VAL A 42 -4.33 -4.55 -6.42
C VAL A 42 -3.04 -5.37 -6.60
N THR A 43 -2.67 -6.12 -5.57
CA THR A 43 -1.48 -6.95 -5.61
C THR A 43 -1.65 -8.16 -6.53
N ALA A 44 -2.89 -8.50 -6.85
CA ALA A 44 -3.18 -9.64 -7.72
C ALA A 44 -2.44 -9.54 -9.04
N LEU A 45 -2.48 -8.36 -9.66
CA LEU A 45 -1.80 -8.16 -10.94
C LEU A 45 -0.29 -8.13 -10.77
N ALA A 46 0.17 -7.88 -9.55
CA ALA A 46 1.60 -7.86 -9.26
C ALA A 46 2.12 -9.28 -9.24
N GLN A 47 1.30 -10.18 -8.69
CA GLN A 47 1.64 -11.60 -8.61
C GLN A 47 1.65 -12.21 -10.02
N GLN A 48 0.92 -11.57 -10.93
CA GLN A 48 0.85 -12.03 -12.31
C GLN A 48 2.02 -11.47 -13.11
N LYS A 49 2.84 -10.64 -12.45
CA LYS A 49 4.00 -10.01 -13.07
C LYS A 49 3.59 -9.16 -14.26
N LEU A 50 2.53 -8.38 -14.08
CA LEU A 50 2.03 -7.49 -15.11
C LEU A 50 2.42 -6.06 -14.79
N LEU A 51 3.46 -5.91 -14.00
CA LEU A 51 3.93 -4.60 -13.58
C LEU A 51 5.39 -4.43 -13.92
N THR A 52 5.74 -3.22 -14.32
CA THR A 52 7.12 -2.88 -14.66
C THR A 52 7.62 -1.80 -13.71
N PRO A 53 8.94 -1.54 -13.69
CA PRO A 53 9.51 -0.49 -12.82
C PRO A 53 8.88 0.87 -13.04
N GLN A 54 8.30 1.06 -14.21
CA GLN A 54 7.64 2.32 -14.56
C GLN A 54 6.40 2.52 -13.71
N ASP A 55 5.55 1.50 -13.69
CA ASP A 55 4.31 1.55 -12.95
C ASP A 55 4.58 1.48 -11.44
N MET A 56 5.66 0.79 -11.08
CA MET A 56 6.03 0.66 -9.68
C MET A 56 6.44 2.01 -9.11
N GLU A 57 7.08 2.82 -9.92
CA GLU A 57 7.50 4.15 -9.52
C GLU A 57 6.30 5.05 -9.25
N ALA A 58 5.27 4.89 -10.07
CA ALA A 58 4.06 5.68 -9.94
C ALA A 58 3.18 5.15 -8.80
N ALA A 59 3.27 3.85 -8.55
CA ALA A 59 2.47 3.21 -7.52
C ALA A 59 2.98 3.58 -6.13
N LYS A 60 4.29 3.72 -6.01
CA LYS A 60 4.89 4.08 -4.74
C LYS A 60 4.53 5.50 -4.34
N GLU A 61 4.16 6.30 -5.33
CA GLU A 61 3.72 7.68 -5.09
C GLU A 61 2.35 7.71 -4.47
N VAL A 62 1.48 6.86 -5.02
CA VAL A 62 0.09 6.75 -4.60
C VAL A 62 -0.03 6.53 -3.09
N TYR A 63 0.72 5.56 -2.59
CA TYR A 63 0.69 5.21 -1.16
C TYR A 63 0.99 6.41 -0.26
N LYS A 64 1.90 7.27 -0.70
CA LYS A 64 2.28 8.44 0.09
C LYS A 64 1.15 9.47 0.13
N ILE A 65 0.50 9.67 -1.00
CA ILE A 65 -0.60 10.63 -1.09
C ILE A 65 -1.85 10.07 -0.42
N HIS A 66 -1.98 8.74 -0.47
CA HIS A 66 -3.11 8.04 0.13
C HIS A 66 -3.12 8.23 1.64
N GLN A 67 -1.93 8.22 2.24
CA GLN A 67 -1.78 8.38 3.67
C GLN A 67 -2.14 9.81 4.11
N GLN A 68 -2.01 10.77 3.19
CA GLN A 68 -2.31 12.16 3.49
C GLN A 68 -3.79 12.35 3.79
N LEU A 69 -4.63 11.69 3.01
CA LEU A 69 -6.08 11.79 3.18
C LEU A 69 -6.51 11.19 4.53
N LEU A 70 -5.92 10.06 4.87
CA LEU A 70 -6.23 9.37 6.12
C LEU A 70 -5.89 10.26 7.32
N PHE A 71 -4.77 10.96 7.23
CA PHE A 71 -4.33 11.85 8.29
C PHE A 71 -5.31 13.00 8.47
N LYS A 72 -5.72 13.60 7.36
CA LYS A 72 -6.65 14.72 7.37
C LYS A 72 -7.99 14.34 7.99
N ALA A 73 -8.39 13.08 7.77
CA ALA A 73 -9.65 12.58 8.30
C ALA A 73 -9.67 12.59 9.83
N ARG A 74 -8.57 12.16 10.43
CA ARG A 74 -8.47 12.10 11.88
C ARG A 74 -8.09 13.46 12.46
N LEU A 75 -7.59 14.34 11.60
CA LEU A 75 -7.19 15.68 12.01
C LEU A 75 -8.39 16.63 12.07
N GLN A 76 -9.21 16.59 11.03
CA GLN A 76 -10.39 17.45 10.95
C GLN A 76 -11.50 16.99 11.90
N GLN A 77 -11.82 17.84 12.86
CA GLN A 77 -12.87 17.54 13.82
C GLN A 77 -14.19 18.16 13.36
N GLN A 78 -14.09 19.13 12.46
CA GLN A 78 -15.27 19.80 11.92
C GLN A 78 -15.86 18.98 10.78
N GLN A 79 -15.18 18.96 9.65
CA GLN A 79 -15.63 18.22 8.49
C GLN A 79 -14.50 17.35 7.96
N ALA A 80 -14.48 16.10 8.41
CA ALA A 80 -13.46 15.16 8.00
C ALA A 80 -13.80 14.58 6.63
N GLN A 81 -12.77 14.35 5.82
CA GLN A 81 -12.97 13.80 4.49
C GLN A 81 -13.11 12.28 4.56
N SER B 1 -3.54 17.70 -18.98
CA SER B 1 -4.06 16.85 -20.07
C SER B 1 -2.90 16.31 -20.92
N THR B 2 -2.34 15.19 -20.50
CA THR B 2 -1.23 14.58 -21.21
C THR B 2 -1.68 13.99 -22.55
N ASP B 3 -1.34 14.68 -23.63
CA ASP B 3 -1.68 14.23 -24.97
C ASP B 3 -0.43 13.71 -25.68
N SER B 4 -0.60 12.63 -26.45
CA SER B 4 0.52 12.02 -27.18
C SER B 4 1.59 11.55 -26.21
N THR B 5 1.33 10.42 -25.56
CA THR B 5 2.25 9.85 -24.59
C THR B 5 3.47 9.22 -25.26
N PRO B 6 4.66 9.77 -24.98
CA PRO B 6 5.90 9.25 -25.54
C PRO B 6 6.36 7.99 -24.81
N MET B 7 6.48 6.89 -25.54
CA MET B 7 6.91 5.62 -24.97
C MET B 7 7.45 4.69 -26.05
N PHE B 8 8.56 4.03 -25.77
CA PHE B 8 9.17 3.12 -26.73
C PHE B 8 9.81 1.94 -26.01
N GLU B 9 10.87 2.22 -25.24
CA GLU B 9 11.58 1.18 -24.51
C GLU B 9 11.73 1.55 -23.05
N TYR B 10 11.94 0.54 -22.21
CA TYR B 10 12.11 0.75 -20.78
C TYR B 10 13.00 -0.33 -20.20
N GLU B 11 13.33 -0.18 -18.92
CA GLU B 11 14.17 -1.16 -18.24
C GLU B 11 13.33 -1.99 -17.28
N ASN B 12 13.88 -3.13 -16.86
CA ASN B 12 13.21 -4.03 -15.94
C ASN B 12 14.18 -4.51 -14.88
N LEU B 13 15.38 -3.95 -14.89
CA LEU B 13 16.41 -4.34 -13.94
C LEU B 13 16.10 -3.83 -12.52
N GLU B 14 15.18 -2.89 -12.41
CA GLU B 14 14.79 -2.33 -11.12
C GLU B 14 13.85 -3.26 -10.37
N ASP B 15 14.15 -3.51 -9.11
CA ASP B 15 13.34 -4.42 -8.28
C ASP B 15 12.64 -3.67 -7.13
N ASN B 16 11.85 -2.65 -7.48
CA ASN B 16 11.12 -1.88 -6.45
C ASN B 16 9.94 -2.69 -5.92
N SER B 17 10.13 -4.00 -5.80
CA SER B 17 9.11 -4.90 -5.31
C SER B 17 9.27 -5.15 -3.81
N LYS B 18 10.41 -4.73 -3.28
CA LYS B 18 10.72 -4.92 -1.86
C LYS B 18 9.64 -4.32 -0.96
N GLU B 19 9.18 -3.13 -1.29
CA GLU B 19 8.15 -2.46 -0.52
C GLU B 19 6.82 -2.49 -1.26
N TRP B 20 6.67 -3.45 -2.15
CA TRP B 20 5.45 -3.57 -2.94
C TRP B 20 4.70 -4.86 -2.60
N THR B 21 5.31 -5.99 -2.91
CA THR B 21 4.70 -7.28 -2.65
C THR B 21 4.92 -7.73 -1.20
N SER B 22 5.18 -6.79 -0.32
CA SER B 22 5.39 -7.10 1.09
C SER B 22 4.13 -6.83 1.92
N LEU B 23 3.94 -5.57 2.32
CA LEU B 23 2.80 -5.17 3.13
C LEU B 23 1.49 -5.26 2.35
N PHE B 24 1.55 -4.90 1.07
CA PHE B 24 0.36 -4.93 0.22
C PHE B 24 -0.01 -6.36 -0.19
N ASP B 25 0.91 -7.28 0.04
CA ASP B 25 0.67 -8.68 -0.31
C ASP B 25 0.10 -9.44 0.88
N ASN B 26 0.60 -9.10 2.06
CA ASN B 26 0.15 -9.74 3.29
C ASN B 26 -1.04 -8.99 3.87
N ASP B 27 -2.23 -9.46 3.54
CA ASP B 27 -3.45 -8.83 4.04
C ASP B 27 -4.01 -9.61 5.23
N ILE B 28 -4.64 -8.91 6.16
CA ILE B 28 -5.20 -9.54 7.33
C ILE B 28 -6.69 -9.16 7.46
N PRO B 29 -7.57 -10.10 7.09
CA PRO B 29 -9.01 -9.88 7.16
C PRO B 29 -9.59 -10.09 8.56
N VAL B 30 -10.46 -9.18 8.96
CA VAL B 30 -11.14 -9.22 10.27
C VAL B 30 -10.12 -9.20 11.41
N THR B 31 -9.71 -8.00 11.80
CA THR B 31 -8.76 -7.85 12.90
C THR B 31 -9.50 -7.65 14.23
N THR B 32 -10.79 -7.36 14.15
CA THR B 32 -11.59 -7.17 15.35
C THR B 32 -12.32 -8.47 15.71
N ASP B 33 -11.90 -9.08 16.82
CA ASP B 33 -12.50 -10.34 17.26
C ASP B 33 -13.66 -10.10 18.20
N ASP B 34 -14.64 -9.33 17.74
CA ASP B 34 -15.81 -9.02 18.56
C ASP B 34 -17.03 -8.87 17.67
N GLN A 1 7.36 -7.52 18.72
CA GLN A 1 6.53 -7.34 19.94
C GLN A 1 7.30 -6.52 20.97
N ARG A 2 8.50 -6.98 21.32
CA ARG A 2 9.32 -6.28 22.31
C ARG A 2 9.87 -4.98 21.75
N ARG A 3 10.32 -5.01 20.50
CA ARG A 3 10.86 -3.83 19.85
C ARG A 3 10.03 -3.42 18.65
N GLN A 4 9.79 -4.38 17.75
CA GLN A 4 9.00 -4.12 16.56
C GLN A 4 7.51 -4.21 16.88
N LEU A 5 6.70 -3.53 16.07
CA LEU A 5 5.26 -3.47 16.23
C LEU A 5 4.87 -2.71 17.49
N THR A 6 4.91 -1.40 17.38
CA THR A 6 4.56 -0.53 18.47
C THR A 6 3.05 -0.36 18.54
N PRO A 7 2.46 -0.41 19.74
CA PRO A 7 1.01 -0.26 19.92
C PRO A 7 0.43 0.94 19.16
N GLN A 8 1.11 2.09 19.25
CA GLN A 8 0.67 3.31 18.59
C GLN A 8 0.75 3.19 17.06
N GLN A 9 1.78 2.52 16.57
CA GLN A 9 2.00 2.37 15.13
C GLN A 9 1.16 1.23 14.57
N GLN A 10 1.09 0.13 15.30
CA GLN A 10 0.32 -1.04 14.88
C GLN A 10 -1.12 -0.68 14.54
N GLN A 11 -1.70 0.21 15.33
CA GLN A 11 -3.09 0.63 15.13
C GLN A 11 -3.24 1.45 13.86
N LEU A 12 -2.15 2.04 13.41
CA LEU A 12 -2.16 2.86 12.21
C LEU A 12 -1.92 2.03 10.96
N VAL A 13 -0.84 1.24 10.98
CA VAL A 13 -0.46 0.44 9.83
C VAL A 13 -1.47 -0.66 9.51
N ASN A 14 -2.13 -1.20 10.53
CA ASN A 14 -3.11 -2.27 10.34
C ASN A 14 -4.29 -1.80 9.51
N GLN A 15 -4.51 -0.49 9.47
CA GLN A 15 -5.61 0.09 8.72
C GLN A 15 -5.29 0.20 7.23
N MET A 16 -4.01 0.16 6.89
CA MET A 16 -3.58 0.28 5.49
C MET A 16 -3.72 -1.06 4.73
N LYS A 17 -4.61 -1.91 5.21
CA LYS A 17 -4.83 -3.21 4.57
C LYS A 17 -6.02 -3.13 3.62
N VAL A 18 -7.20 -2.93 4.17
CA VAL A 18 -8.40 -2.82 3.37
C VAL A 18 -8.70 -1.35 3.11
N ALA A 19 -8.02 -0.81 2.12
CA ALA A 19 -8.19 0.57 1.74
C ALA A 19 -8.23 0.70 0.22
N PRO A 20 -9.35 1.19 -0.32
CA PRO A 20 -9.51 1.39 -1.76
C PRO A 20 -8.92 2.72 -2.22
N ILE A 21 -8.21 2.68 -3.33
CA ILE A 21 -7.58 3.87 -3.89
C ILE A 21 -8.64 4.79 -4.52
N PRO A 22 -8.62 6.08 -4.17
CA PRO A 22 -9.57 7.06 -4.72
C PRO A 22 -9.33 7.34 -6.21
N LYS A 23 -10.36 7.85 -6.88
CA LYS A 23 -10.29 8.15 -8.29
C LYS A 23 -9.21 9.19 -8.59
N GLN A 24 -9.04 10.12 -7.67
CA GLN A 24 -8.04 11.18 -7.82
C GLN A 24 -6.64 10.61 -7.93
N LEU A 25 -6.38 9.55 -7.16
CA LEU A 25 -5.06 8.92 -7.16
C LEU A 25 -4.92 7.91 -8.28
N LEU A 26 -6.06 7.37 -8.73
CA LEU A 26 -6.07 6.38 -9.81
C LEU A 26 -5.58 6.99 -11.12
N GLN A 27 -5.58 8.32 -11.19
CA GLN A 27 -5.13 9.01 -12.40
C GLN A 27 -3.61 8.92 -12.54
N ARG A 28 -2.94 8.64 -11.43
CA ARG A 28 -1.49 8.53 -11.43
C ARG A 28 -1.07 7.13 -11.91
N ILE A 29 -1.96 6.18 -11.71
CA ILE A 29 -1.73 4.81 -12.14
C ILE A 29 -2.94 4.32 -12.93
N PRO A 30 -2.98 4.64 -14.23
CA PRO A 30 -4.08 4.26 -15.10
C PRO A 30 -3.83 2.96 -15.85
N ASN A 31 -4.88 2.50 -16.54
CA ASN A 31 -4.83 1.27 -17.34
C ASN A 31 -4.48 0.07 -16.49
N ILE A 32 -5.31 -0.19 -15.49
CA ILE A 32 -5.09 -1.33 -14.62
C ILE A 32 -5.98 -2.49 -15.05
N PRO A 33 -5.36 -3.63 -15.43
CA PRO A 33 -6.09 -4.82 -15.88
C PRO A 33 -7.15 -5.34 -14.89
N PRO A 34 -6.83 -5.54 -13.58
CA PRO A 34 -7.81 -6.03 -12.60
C PRO A 34 -8.92 -5.02 -12.35
N ASN A 35 -8.57 -3.74 -12.42
CA ASN A 35 -9.51 -2.64 -12.19
C ASN A 35 -10.17 -2.74 -10.83
N ILE A 36 -9.37 -3.03 -9.82
CA ILE A 36 -9.85 -3.16 -8.45
C ILE A 36 -9.39 -1.95 -7.63
N ASN A 37 -10.10 -1.62 -6.57
CA ASN A 37 -9.76 -0.46 -5.76
C ASN A 37 -9.09 -0.84 -4.43
N THR A 38 -9.41 -1.99 -3.87
CA THR A 38 -8.83 -2.38 -2.60
C THR A 38 -7.35 -2.74 -2.74
N TRP A 39 -6.53 -2.20 -1.84
CA TRP A 39 -5.08 -2.40 -1.84
C TRP A 39 -4.67 -3.87 -1.83
N GLN A 40 -5.35 -4.68 -1.02
CA GLN A 40 -5.02 -6.11 -0.93
C GLN A 40 -5.10 -6.79 -2.29
N GLN A 41 -6.05 -6.38 -3.11
CA GLN A 41 -6.21 -6.95 -4.44
C GLN A 41 -5.36 -6.20 -5.47
N VAL A 42 -5.06 -4.93 -5.19
CA VAL A 42 -4.25 -4.12 -6.08
C VAL A 42 -2.77 -4.52 -6.00
N THR A 43 -2.30 -4.87 -4.81
CA THR A 43 -0.90 -5.25 -4.61
C THR A 43 -0.58 -6.54 -5.36
N ALA A 44 -1.63 -7.32 -5.67
CA ALA A 44 -1.49 -8.58 -6.39
C ALA A 44 -0.97 -8.36 -7.81
N LEU A 45 -1.15 -7.14 -8.32
CA LEU A 45 -0.72 -6.75 -9.67
C LEU A 45 0.73 -7.20 -9.98
N ALA A 46 1.62 -7.04 -9.00
CA ALA A 46 3.01 -7.41 -9.21
C ALA A 46 3.20 -8.92 -9.11
N GLN A 47 2.47 -9.55 -8.20
CA GLN A 47 2.56 -10.99 -8.00
C GLN A 47 1.99 -11.74 -9.21
N GLN A 48 1.10 -11.09 -9.94
CA GLN A 48 0.50 -11.69 -11.13
C GLN A 48 1.28 -11.32 -12.38
N LYS A 49 2.39 -10.61 -12.18
CA LYS A 49 3.28 -10.17 -13.26
C LYS A 49 2.56 -9.22 -14.23
N LEU A 50 1.66 -8.42 -13.70
CA LEU A 50 0.92 -7.45 -14.51
C LEU A 50 1.53 -6.07 -14.36
N LEU A 51 2.01 -5.76 -13.16
CA LEU A 51 2.63 -4.48 -12.87
C LEU A 51 4.01 -4.39 -13.51
N THR A 52 4.21 -3.39 -14.34
CA THR A 52 5.48 -3.21 -15.00
C THR A 52 6.42 -2.39 -14.12
N PRO A 53 7.74 -2.35 -14.44
CA PRO A 53 8.71 -1.59 -13.67
C PRO A 53 8.38 -0.10 -13.67
N GLN A 54 7.54 0.31 -14.62
CA GLN A 54 7.13 1.70 -14.73
C GLN A 54 6.02 2.02 -13.73
N ASP A 55 5.09 1.07 -13.58
CA ASP A 55 3.97 1.27 -12.65
C ASP A 55 4.44 1.09 -11.22
N MET A 56 5.42 0.21 -11.03
CA MET A 56 5.97 -0.08 -9.72
C MET A 56 6.38 1.17 -8.96
N GLU A 57 7.23 1.98 -9.58
CA GLU A 57 7.72 3.20 -8.96
C GLU A 57 6.61 4.25 -8.81
N ALA A 58 5.67 4.24 -9.73
CA ALA A 58 4.56 5.19 -9.70
C ALA A 58 3.59 4.89 -8.56
N ALA A 59 3.39 3.61 -8.28
CA ALA A 59 2.47 3.18 -7.24
C ALA A 59 3.02 3.55 -5.86
N LYS A 60 4.33 3.67 -5.77
CA LYS A 60 4.98 4.01 -4.52
C LYS A 60 4.57 5.41 -4.08
N GLU A 61 4.42 6.32 -5.03
CA GLU A 61 4.00 7.69 -4.73
C GLU A 61 2.56 7.71 -4.27
N VAL A 62 1.71 7.02 -5.03
CA VAL A 62 0.30 6.93 -4.74
C VAL A 62 0.05 6.43 -3.32
N TYR A 63 0.80 5.40 -2.95
CA TYR A 63 0.70 4.77 -1.64
C TYR A 63 0.94 5.79 -0.52
N LYS A 64 1.96 6.63 -0.69
CA LYS A 64 2.31 7.62 0.32
C LYS A 64 1.24 8.72 0.41
N ILE A 65 0.70 9.12 -0.73
CA ILE A 65 -0.33 10.16 -0.77
C ILE A 65 -1.64 9.63 -0.18
N HIS A 66 -1.94 8.37 -0.46
CA HIS A 66 -3.14 7.72 0.04
C HIS A 66 -3.10 7.60 1.56
N GLN A 67 -1.89 7.39 2.07
CA GLN A 67 -1.66 7.26 3.50
C GLN A 67 -2.13 8.51 4.24
N GLN A 68 -2.00 9.66 3.59
CA GLN A 68 -2.41 10.92 4.18
C GLN A 68 -3.93 11.07 4.14
N LEU A 69 -4.54 10.55 3.09
CA LEU A 69 -5.99 10.63 2.93
C LEU A 69 -6.69 9.78 4.00
N LEU A 70 -6.15 8.60 4.26
CA LEU A 70 -6.71 7.69 5.24
C LEU A 70 -6.68 8.31 6.64
N PHE A 71 -5.67 9.14 6.89
CA PHE A 71 -5.54 9.80 8.18
C PHE A 71 -6.72 10.75 8.42
N LYS A 72 -7.11 11.47 7.37
CA LYS A 72 -8.21 12.41 7.46
C LYS A 72 -9.54 11.68 7.63
N ALA A 73 -9.64 10.50 7.00
CA ALA A 73 -10.85 9.69 7.07
C ALA A 73 -11.10 9.21 8.49
N ARG A 74 -10.01 9.00 9.23
CA ARG A 74 -10.11 8.53 10.62
C ARG A 74 -10.41 9.69 11.56
N LEU A 75 -10.11 10.91 11.12
CA LEU A 75 -10.35 12.10 11.92
C LEU A 75 -11.82 12.46 11.96
N GLN A 76 -12.49 12.35 10.80
CA GLN A 76 -13.91 12.66 10.67
C GLN A 76 -14.17 14.14 10.90
N GLN A 77 -14.17 14.91 9.82
CA GLN A 77 -14.39 16.34 9.90
C GLN A 77 -15.89 16.69 9.87
N GLN A 78 -16.73 15.67 9.79
CA GLN A 78 -18.17 15.88 9.76
C GLN A 78 -18.86 14.97 10.78
N GLN A 79 -18.79 15.37 12.04
CA GLN A 79 -19.38 14.60 13.12
C GLN A 79 -20.77 15.14 13.46
N ALA A 80 -21.60 14.32 14.10
CA ALA A 80 -22.94 14.73 14.48
C ALA A 80 -22.96 15.17 15.94
N GLN A 81 -21.77 15.35 16.50
CA GLN A 81 -21.62 15.78 17.87
C GLN A 81 -21.62 17.29 17.95
N SER B 1 38.96 9.00 15.33
CA SER B 1 38.25 8.67 14.07
C SER B 1 36.76 9.01 14.20
N THR B 2 36.29 9.90 13.35
CA THR B 2 34.90 10.31 13.35
C THR B 2 34.05 9.35 12.53
N ASP B 3 34.67 8.66 11.59
CA ASP B 3 33.98 7.71 10.73
C ASP B 3 33.76 6.40 11.49
N SER B 4 32.51 5.95 11.52
CA SER B 4 32.16 4.72 12.22
C SER B 4 30.93 4.07 11.59
N THR B 5 30.98 2.74 11.45
CA THR B 5 29.89 1.96 10.89
C THR B 5 29.65 2.27 9.41
N PRO B 6 30.26 1.48 8.52
CA PRO B 6 30.12 1.65 7.06
C PRO B 6 28.70 1.35 6.59
N MET B 7 28.15 2.23 5.77
CA MET B 7 26.81 2.06 5.24
C MET B 7 26.86 1.25 3.95
N PHE B 8 26.44 -0.01 4.03
CA PHE B 8 26.44 -0.89 2.86
C PHE B 8 25.11 -0.84 2.12
N GLU B 9 24.06 -0.48 2.84
CA GLU B 9 22.72 -0.40 2.26
C GLU B 9 22.65 0.65 1.15
N TYR B 10 22.10 0.25 0.01
CA TYR B 10 21.96 1.14 -1.13
C TYR B 10 20.56 1.77 -1.10
N GLU B 11 20.32 2.74 -1.97
CA GLU B 11 19.02 3.40 -2.01
C GLU B 11 18.64 3.85 -3.43
N ASN B 12 19.61 3.87 -4.33
CA ASN B 12 19.34 4.29 -5.71
C ASN B 12 18.89 3.12 -6.56
N LEU B 13 17.62 3.14 -6.97
CA LEU B 13 17.04 2.08 -7.81
C LEU B 13 17.14 0.72 -7.13
N GLU B 14 16.17 0.44 -6.27
CA GLU B 14 16.14 -0.83 -5.55
C GLU B 14 15.39 -1.91 -6.34
N ASP B 15 15.69 -3.15 -6.03
CA ASP B 15 15.06 -4.30 -6.69
C ASP B 15 14.05 -4.94 -5.76
N ASN B 16 14.11 -4.57 -4.49
CA ASN B 16 13.20 -5.11 -3.47
C ASN B 16 11.82 -4.46 -3.54
N SER B 17 11.46 -3.94 -4.70
CA SER B 17 10.17 -3.30 -4.89
C SER B 17 9.06 -4.34 -4.88
N LYS B 18 9.36 -5.54 -5.36
CA LYS B 18 8.39 -6.62 -5.40
C LYS B 18 7.98 -7.05 -3.98
N GLU B 19 8.82 -6.71 -3.01
CA GLU B 19 8.55 -7.07 -1.62
C GLU B 19 7.52 -6.12 -1.02
N TRP B 20 7.37 -4.94 -1.64
CA TRP B 20 6.42 -3.95 -1.19
C TRP B 20 5.00 -4.39 -1.52
N THR B 21 4.82 -5.04 -2.66
CA THR B 21 3.51 -5.50 -3.09
C THR B 21 3.05 -6.69 -2.25
N SER B 22 3.94 -7.17 -1.39
CA SER B 22 3.64 -8.29 -0.50
C SER B 22 3.77 -7.83 0.95
N LEU B 23 3.67 -6.52 1.14
CA LEU B 23 3.80 -5.91 2.47
C LEU B 23 2.67 -6.30 3.41
N PHE B 24 1.44 -5.97 3.05
CA PHE B 24 0.30 -6.27 3.91
C PHE B 24 -0.44 -7.54 3.47
N ASP B 25 -0.40 -7.83 2.18
CA ASP B 25 -1.08 -9.01 1.66
C ASP B 25 -0.08 -10.05 1.17
N ASN B 26 -0.29 -11.29 1.58
CA ASN B 26 0.57 -12.40 1.18
C ASN B 26 -0.14 -13.71 1.46
N ASP B 27 -1.22 -13.95 0.74
CA ASP B 27 -2.00 -15.18 0.91
C ASP B 27 -1.35 -16.35 0.20
N ILE B 28 -0.80 -16.09 -0.97
CA ILE B 28 -0.16 -17.14 -1.77
C ILE B 28 1.21 -17.52 -1.21
N PRO B 29 1.56 -18.82 -1.27
CA PRO B 29 2.85 -19.31 -0.80
C PRO B 29 3.94 -19.11 -1.85
N VAL B 30 4.91 -18.27 -1.52
CA VAL B 30 6.00 -17.99 -2.43
C VAL B 30 7.08 -19.05 -2.35
N THR B 31 7.50 -19.37 -1.14
CA THR B 31 8.52 -20.37 -0.92
C THR B 31 7.91 -21.75 -0.71
N THR B 32 7.91 -22.57 -1.75
CA THR B 32 7.36 -23.91 -1.67
C THR B 32 8.46 -24.97 -1.72
N ASP B 33 8.45 -25.86 -0.74
CA ASP B 33 9.44 -26.93 -0.66
C ASP B 33 8.78 -28.29 -0.90
N ASP B 34 9.54 -29.22 -1.47
CA ASP B 34 9.03 -30.55 -1.75
C ASP B 34 9.83 -31.58 -0.97
N GLN A 1 -4.28 -8.09 31.99
CA GLN A 1 -3.39 -9.26 31.87
C GLN A 1 -2.48 -9.12 30.65
N ARG A 2 -3.07 -8.98 29.47
CA ARG A 2 -2.31 -8.84 28.24
C ARG A 2 -2.89 -7.72 27.38
N ARG A 3 -2.13 -6.64 27.26
CA ARG A 3 -2.53 -5.49 26.46
C ARG A 3 -1.29 -4.80 25.92
N GLN A 4 -0.87 -5.20 24.73
CA GLN A 4 0.31 -4.62 24.09
C GLN A 4 -0.10 -3.82 22.86
N LEU A 5 0.49 -2.63 22.72
CA LEU A 5 0.21 -1.73 21.59
C LEU A 5 -1.21 -1.20 21.65
N THR A 6 -1.36 0.08 21.92
CA THR A 6 -2.67 0.69 21.99
C THR A 6 -3.41 0.51 20.67
N PRO A 7 -4.69 0.11 20.74
CA PRO A 7 -5.51 -0.11 19.55
C PRO A 7 -5.70 1.15 18.72
N GLN A 8 -5.46 2.30 19.34
CA GLN A 8 -5.59 3.59 18.67
C GLN A 8 -4.59 3.71 17.51
N GLN A 9 -3.36 3.28 17.75
CA GLN A 9 -2.32 3.36 16.74
C GLN A 9 -2.50 2.26 15.70
N GLN A 10 -3.01 1.12 16.15
CA GLN A 10 -3.24 0.00 15.27
C GLN A 10 -4.40 0.27 14.31
N GLN A 11 -5.28 1.17 14.71
CA GLN A 11 -6.45 1.52 13.91
C GLN A 11 -6.07 2.21 12.61
N LEU A 12 -5.01 3.01 12.61
CA LEU A 12 -4.60 3.70 11.41
C LEU A 12 -3.72 2.82 10.53
N VAL A 13 -2.77 2.12 11.15
CA VAL A 13 -1.85 1.28 10.41
C VAL A 13 -2.55 0.07 9.77
N ASN A 14 -3.47 -0.54 10.51
CA ASN A 14 -4.18 -1.72 9.99
C ASN A 14 -5.15 -1.35 8.88
N GLN A 15 -5.57 -0.09 8.87
CA GLN A 15 -6.51 0.39 7.86
C GLN A 15 -5.78 0.66 6.56
N MET A 16 -4.50 1.00 6.68
CA MET A 16 -3.66 1.28 5.50
C MET A 16 -3.16 -0.01 4.88
N LYS A 17 -3.50 -1.13 5.50
CA LYS A 17 -3.09 -2.43 5.00
C LYS A 17 -4.10 -2.93 3.99
N VAL A 18 -5.36 -2.98 4.41
CA VAL A 18 -6.43 -3.41 3.56
C VAL A 18 -7.33 -2.22 3.24
N ALA A 19 -6.89 -1.43 2.28
CA ALA A 19 -7.64 -0.25 1.88
C ALA A 19 -7.72 -0.17 0.37
N PRO A 20 -8.83 0.38 -0.15
CA PRO A 20 -9.04 0.54 -1.57
C PRO A 20 -8.41 1.84 -2.08
N ILE A 21 -7.76 1.77 -3.23
CA ILE A 21 -7.14 2.95 -3.81
C ILE A 21 -8.21 3.91 -4.32
N PRO A 22 -8.25 5.14 -3.81
CA PRO A 22 -9.23 6.16 -4.22
C PRO A 22 -9.22 6.40 -5.72
N LYS A 23 -10.36 6.81 -6.23
CA LYS A 23 -10.52 7.08 -7.66
C LYS A 23 -9.59 8.20 -8.09
N GLN A 24 -9.34 9.13 -7.19
CA GLN A 24 -8.45 10.26 -7.45
C GLN A 24 -7.02 9.77 -7.64
N LEU A 25 -6.69 8.68 -6.97
CA LEU A 25 -5.35 8.12 -7.03
C LEU A 25 -5.24 7.02 -8.11
N LEU A 26 -6.38 6.45 -8.49
CA LEU A 26 -6.41 5.41 -9.51
C LEU A 26 -5.88 5.93 -10.86
N GLN A 27 -6.06 7.23 -11.05
CA GLN A 27 -5.63 7.89 -12.29
C GLN A 27 -4.12 8.09 -12.33
N ARG A 28 -3.43 7.71 -11.26
CA ARG A 28 -1.98 7.85 -11.20
C ARG A 28 -1.30 6.72 -11.96
N ILE A 29 -2.01 5.61 -12.10
CA ILE A 29 -1.48 4.45 -12.81
C ILE A 29 -2.31 4.16 -14.06
N PRO A 30 -1.96 4.79 -15.19
CA PRO A 30 -2.66 4.61 -16.45
C PRO A 30 -2.19 3.38 -17.23
N ASN A 31 -2.82 3.14 -18.38
CA ASN A 31 -2.52 2.00 -19.27
C ASN A 31 -2.96 0.66 -18.66
N ILE A 32 -3.12 0.61 -17.35
CA ILE A 32 -3.54 -0.61 -16.69
C ILE A 32 -4.63 -0.32 -15.67
N PRO A 33 -5.81 -0.91 -15.85
CA PRO A 33 -6.93 -0.73 -14.95
C PRO A 33 -7.02 -1.87 -13.92
N PRO A 34 -6.79 -1.57 -12.64
CA PRO A 34 -6.86 -2.58 -11.58
C PRO A 34 -8.25 -3.23 -11.51
N ASN A 35 -9.29 -2.38 -11.63
CA ASN A 35 -10.70 -2.81 -11.59
C ASN A 35 -11.08 -3.39 -10.24
N ILE A 36 -10.23 -3.20 -9.26
CA ILE A 36 -10.49 -3.72 -7.94
C ILE A 36 -10.21 -2.65 -6.90
N ASN A 37 -11.07 -2.54 -5.91
CA ASN A 37 -10.91 -1.55 -4.87
C ASN A 37 -10.30 -2.16 -3.60
N THR A 38 -9.03 -2.57 -3.69
CA THR A 38 -8.32 -3.14 -2.54
C THR A 38 -6.82 -3.16 -2.82
N TRP A 39 -6.01 -2.77 -1.83
CA TRP A 39 -4.56 -2.73 -1.98
C TRP A 39 -3.97 -4.13 -2.15
N GLN A 40 -4.56 -5.11 -1.47
CA GLN A 40 -4.08 -6.48 -1.55
C GLN A 40 -4.30 -7.09 -2.93
N GLN A 41 -5.38 -6.68 -3.59
CA GLN A 41 -5.69 -7.21 -4.91
C GLN A 41 -5.00 -6.43 -6.03
N VAL A 42 -4.85 -5.12 -5.84
CA VAL A 42 -4.19 -4.30 -6.86
C VAL A 42 -2.70 -4.62 -6.97
N THR A 43 -2.12 -5.12 -5.89
CA THR A 43 -0.71 -5.48 -5.88
C THR A 43 -0.48 -6.83 -6.53
N ALA A 44 -1.54 -7.64 -6.59
CA ALA A 44 -1.45 -8.98 -7.19
C ALA A 44 -1.11 -8.91 -8.66
N LEU A 45 -1.41 -7.76 -9.28
CA LEU A 45 -1.15 -7.55 -10.69
C LEU A 45 0.36 -7.60 -10.98
N ALA A 46 1.16 -7.33 -9.95
CA ALA A 46 2.61 -7.37 -10.09
C ALA A 46 3.07 -8.81 -10.26
N GLN A 47 2.39 -9.71 -9.57
CA GLN A 47 2.70 -11.14 -9.64
C GLN A 47 2.13 -11.74 -10.92
N GLN A 48 1.19 -11.03 -11.52
CA GLN A 48 0.57 -11.47 -12.75
C GLN A 48 1.37 -10.99 -13.96
N LYS A 49 2.50 -10.33 -13.67
CA LYS A 49 3.39 -9.80 -14.71
C LYS A 49 2.72 -8.70 -15.52
N LEU A 50 1.71 -8.06 -14.95
CA LEU A 50 1.00 -6.99 -15.64
C LEU A 50 1.69 -5.65 -15.38
N LEU A 51 2.18 -5.47 -14.16
CA LEU A 51 2.86 -4.24 -13.79
C LEU A 51 4.36 -4.37 -13.98
N THR A 52 4.93 -3.43 -14.71
CA THR A 52 6.37 -3.42 -14.95
C THR A 52 7.05 -2.67 -13.81
N PRO A 53 8.38 -2.82 -13.65
CA PRO A 53 9.14 -2.12 -12.59
C PRO A 53 8.83 -0.63 -12.55
N GLN A 54 8.63 -0.03 -13.72
CA GLN A 54 8.33 1.39 -13.81
C GLN A 54 6.96 1.71 -13.22
N ASP A 55 6.00 0.81 -13.40
CA ASP A 55 4.65 1.01 -12.89
C ASP A 55 4.60 0.88 -11.39
N MET A 56 5.27 -0.14 -10.87
CA MET A 56 5.30 -0.38 -9.42
C MET A 56 6.06 0.73 -8.70
N GLU A 57 6.99 1.37 -9.41
CA GLU A 57 7.78 2.45 -8.85
C GLU A 57 6.94 3.71 -8.72
N ALA A 58 6.07 3.93 -9.70
CA ALA A 58 5.20 5.10 -9.71
C ALA A 58 4.05 4.94 -8.73
N ALA A 59 3.65 3.69 -8.49
CA ALA A 59 2.56 3.38 -7.58
C ALA A 59 2.94 3.74 -6.15
N LYS A 60 4.24 3.83 -5.89
CA LYS A 60 4.74 4.16 -4.56
C LYS A 60 4.23 5.53 -4.10
N GLU A 61 4.13 6.49 -5.05
CA GLU A 61 3.63 7.81 -4.70
C GLU A 61 2.19 7.77 -4.28
N VAL A 62 1.46 6.81 -4.83
CA VAL A 62 0.04 6.63 -4.51
C VAL A 62 -0.16 6.35 -3.03
N TYR A 63 0.60 5.41 -2.50
CA TYR A 63 0.50 5.03 -1.09
C TYR A 63 0.78 6.23 -0.17
N LYS A 64 1.79 7.00 -0.54
CA LYS A 64 2.18 8.18 0.24
C LYS A 64 1.07 9.22 0.29
N ILE A 65 0.40 9.44 -0.83
CA ILE A 65 -0.68 10.42 -0.88
C ILE A 65 -1.94 9.87 -0.18
N HIS A 66 -2.13 8.56 -0.31
CA HIS A 66 -3.27 7.88 0.29
C HIS A 66 -3.28 8.05 1.82
N GLN A 67 -2.17 7.70 2.45
CA GLN A 67 -2.06 7.81 3.91
C GLN A 67 -2.14 9.25 4.38
N GLN A 68 -1.79 10.19 3.50
CA GLN A 68 -1.83 11.60 3.86
C GLN A 68 -3.27 12.08 4.00
N LEU A 69 -4.15 11.57 3.14
CA LEU A 69 -5.55 11.95 3.16
C LEU A 69 -6.26 11.33 4.36
N LEU A 70 -5.93 10.08 4.65
CA LEU A 70 -6.56 9.36 5.76
C LEU A 70 -6.23 10.02 7.09
N PHE A 71 -4.99 10.47 7.26
CA PHE A 71 -4.58 11.12 8.50
C PHE A 71 -5.42 12.37 8.75
N LYS A 72 -5.61 13.15 7.71
CA LYS A 72 -6.39 14.39 7.80
C LYS A 72 -7.85 14.07 8.13
N ALA A 73 -8.37 13.02 7.51
CA ALA A 73 -9.75 12.60 7.72
C ALA A 73 -9.99 12.14 9.15
N ARG A 74 -8.93 11.69 9.81
CA ARG A 74 -9.04 11.21 11.20
C ARG A 74 -9.23 12.39 12.14
N LEU A 75 -8.54 13.49 11.88
CA LEU A 75 -8.65 14.68 12.72
C LEU A 75 -9.85 15.52 12.30
N GLN A 76 -9.98 15.76 11.01
CA GLN A 76 -11.09 16.57 10.50
C GLN A 76 -12.07 15.70 9.70
N GLN A 77 -13.26 15.53 10.25
CA GLN A 77 -14.28 14.73 9.60
C GLN A 77 -15.00 15.57 8.55
N GLN A 78 -15.46 16.73 8.96
CA GLN A 78 -16.14 17.64 8.06
C GLN A 78 -15.21 18.80 7.71
N GLN A 79 -15.29 19.25 6.48
CA GLN A 79 -14.45 20.35 6.03
C GLN A 79 -15.27 21.40 5.30
N ALA A 80 -14.94 22.66 5.57
CA ALA A 80 -15.63 23.79 4.95
C ALA A 80 -15.17 23.95 3.50
N GLN A 81 -13.86 23.85 3.30
CA GLN A 81 -13.29 23.98 1.96
C GLN A 81 -12.15 22.99 1.79
N SER B 1 -18.88 -31.43 -3.83
CA SER B 1 -19.35 -32.75 -4.26
C SER B 1 -19.50 -33.67 -3.06
N THR B 2 -20.57 -34.45 -3.05
CA THR B 2 -20.83 -35.36 -1.95
C THR B 2 -20.06 -36.68 -2.13
N ASP B 3 -18.73 -36.58 -2.09
CA ASP B 3 -17.87 -37.73 -2.27
C ASP B 3 -17.02 -37.96 -1.02
N SER B 4 -16.46 -39.16 -0.92
CA SER B 4 -15.61 -39.51 0.22
C SER B 4 -14.21 -39.89 -0.28
N THR B 5 -13.62 -39.04 -1.11
CA THR B 5 -12.29 -39.30 -1.63
C THR B 5 -11.25 -39.20 -0.51
N PRO B 6 -10.51 -40.29 -0.24
CA PRO B 6 -9.50 -40.33 0.81
C PRO B 6 -8.16 -39.76 0.37
N MET B 7 -8.02 -39.52 -0.93
CA MET B 7 -6.78 -38.99 -1.47
C MET B 7 -6.78 -37.46 -1.44
N PHE B 8 -5.81 -36.89 -0.74
CA PHE B 8 -5.70 -35.45 -0.64
C PHE B 8 -4.31 -34.99 -1.10
N GLU B 9 -4.29 -34.13 -2.09
CA GLU B 9 -3.03 -33.61 -2.62
C GLU B 9 -2.57 -32.41 -1.80
N TYR B 10 -1.26 -32.19 -1.77
CA TYR B 10 -0.69 -31.07 -1.03
C TYR B 10 -0.61 -29.85 -1.93
N GLU B 11 -0.39 -28.69 -1.33
CA GLU B 11 -0.28 -27.44 -2.07
C GLU B 11 0.98 -26.68 -1.68
N ASN B 12 1.55 -25.98 -2.64
CA ASN B 12 2.76 -25.20 -2.41
C ASN B 12 2.40 -23.84 -1.80
N LEU B 13 2.92 -23.58 -0.62
CA LEU B 13 2.66 -22.32 0.06
C LEU B 13 3.78 -21.33 -0.19
N GLU B 14 3.44 -20.24 -0.87
CA GLU B 14 4.41 -19.20 -1.18
C GLU B 14 3.91 -17.85 -0.67
N ASP B 15 4.68 -17.23 0.19
CA ASP B 15 4.32 -15.92 0.74
C ASP B 15 5.44 -14.92 0.50
N ASN B 16 6.25 -15.21 -0.52
CA ASN B 16 7.37 -14.35 -0.89
C ASN B 16 6.88 -13.01 -1.41
N SER B 17 5.57 -12.91 -1.65
CA SER B 17 4.95 -11.69 -2.14
C SER B 17 5.12 -10.54 -1.16
N LYS B 18 5.50 -10.86 0.08
CA LYS B 18 5.71 -9.85 1.11
C LYS B 18 6.80 -8.86 0.70
N GLU B 19 7.74 -9.33 -0.12
CA GLU B 19 8.81 -8.49 -0.61
C GLU B 19 8.24 -7.38 -1.49
N TRP B 20 7.27 -7.75 -2.32
CA TRP B 20 6.61 -6.80 -3.21
C TRP B 20 5.81 -5.77 -2.42
N THR B 21 5.15 -6.23 -1.37
CA THR B 21 4.34 -5.37 -0.53
C THR B 21 5.21 -4.35 0.22
N SER B 22 6.47 -4.72 0.47
CA SER B 22 7.40 -3.87 1.19
C SER B 22 7.69 -2.58 0.41
N LEU B 23 7.43 -2.60 -0.89
CA LEU B 23 7.67 -1.44 -1.74
C LEU B 23 6.58 -0.39 -1.57
N PHE B 24 5.46 -0.79 -0.98
CA PHE B 24 4.35 0.13 -0.79
C PHE B 24 4.05 0.36 0.69
N ASP B 25 4.01 -0.74 1.45
CA ASP B 25 3.72 -0.67 2.89
C ASP B 25 4.71 0.23 3.62
N ASN B 26 4.21 1.35 4.12
CA ASN B 26 5.03 2.31 4.86
C ASN B 26 4.15 3.32 5.60
N ASP B 27 3.66 2.92 6.75
CA ASP B 27 2.83 3.78 7.57
C ASP B 27 3.42 3.89 8.96
N ILE B 28 3.22 5.02 9.62
CA ILE B 28 3.77 5.23 10.95
C ILE B 28 2.71 5.68 11.94
N PRO B 29 2.64 5.03 13.11
CA PRO B 29 1.69 5.36 14.15
C PRO B 29 2.15 6.53 15.02
N VAL B 30 1.88 7.74 14.56
CA VAL B 30 2.27 8.93 15.29
C VAL B 30 1.10 9.50 16.08
N THR B 31 1.27 9.62 17.39
CA THR B 31 0.23 10.14 18.26
C THR B 31 0.82 11.03 19.35
N THR B 32 -0.05 11.75 20.04
CA THR B 32 0.36 12.63 21.12
C THR B 32 0.32 11.90 22.47
N ASP B 33 1.11 12.36 23.42
CA ASP B 33 1.15 11.74 24.74
C ASP B 33 0.13 12.38 25.68
N ASP B 34 -0.31 11.62 26.66
CA ASP B 34 -1.29 12.10 27.62
C ASP B 34 -0.97 11.60 29.02
N GLN A 1 13.99 3.53 18.99
CA GLN A 1 13.77 3.36 17.54
C GLN A 1 13.15 4.62 16.94
N ARG A 2 13.37 4.84 15.65
CA ARG A 2 12.82 6.01 14.97
C ARG A 2 11.37 5.72 14.57
N ARG A 3 11.15 4.53 14.04
CA ARG A 3 9.83 4.10 13.64
C ARG A 3 9.54 2.74 14.26
N GLN A 4 8.55 2.69 15.16
CA GLN A 4 8.22 1.45 15.84
C GLN A 4 6.71 1.20 15.83
N LEU A 5 6.30 0.07 16.39
CA LEU A 5 4.89 -0.30 16.43
C LEU A 5 4.18 0.37 17.60
N THR A 6 3.99 1.66 17.46
CA THR A 6 3.31 2.44 18.49
C THR A 6 1.81 2.19 18.40
N PRO A 7 1.09 2.26 19.53
CA PRO A 7 -0.37 2.04 19.56
C PRO A 7 -1.10 2.87 18.51
N GLN A 8 -0.56 4.05 18.23
CA GLN A 8 -1.15 4.95 17.25
C GLN A 8 -0.88 4.48 15.82
N GLN A 9 0.37 4.13 15.53
CA GLN A 9 0.76 3.69 14.19
C GLN A 9 0.24 2.28 13.91
N GLN A 10 0.10 1.48 14.96
CA GLN A 10 -0.40 0.11 14.83
C GLN A 10 -1.74 0.07 14.10
N GLN A 11 -2.60 1.04 14.43
CA GLN A 11 -3.93 1.11 13.84
C GLN A 11 -3.91 1.81 12.48
N LEU A 12 -2.86 2.58 12.22
CA LEU A 12 -2.75 3.29 10.95
C LEU A 12 -2.41 2.32 9.84
N VAL A 13 -1.41 1.48 10.09
CA VAL A 13 -0.97 0.50 9.12
C VAL A 13 -2.01 -0.60 8.93
N ASN A 14 -2.63 -1.00 10.03
CA ASN A 14 -3.63 -2.08 10.01
C ASN A 14 -4.81 -1.74 9.11
N GLN A 15 -5.18 -0.46 9.08
CA GLN A 15 -6.30 -0.02 8.26
C GLN A 15 -5.87 0.31 6.84
N MET A 16 -4.59 0.56 6.64
CA MET A 16 -4.08 0.91 5.31
C MET A 16 -3.84 -0.32 4.45
N LYS A 17 -3.83 -1.49 5.08
CA LYS A 17 -3.59 -2.74 4.36
C LYS A 17 -4.77 -3.04 3.44
N VAL A 18 -5.92 -3.25 4.02
CA VAL A 18 -7.10 -3.52 3.24
C VAL A 18 -7.92 -2.25 3.11
N ALA A 19 -7.49 -1.41 2.20
CA ALA A 19 -8.16 -0.15 1.93
C ALA A 19 -8.19 0.13 0.44
N PRO A 20 -9.30 0.68 -0.08
CA PRO A 20 -9.43 1.01 -1.48
C PRO A 20 -8.85 2.38 -1.82
N ILE A 21 -8.38 2.52 -3.05
CA ILE A 21 -7.82 3.76 -3.53
C ILE A 21 -8.90 4.63 -4.15
N PRO A 22 -9.03 5.89 -3.74
CA PRO A 22 -10.03 6.82 -4.28
C PRO A 22 -9.78 7.11 -5.76
N LYS A 23 -10.83 7.53 -6.46
CA LYS A 23 -10.74 7.84 -7.88
C LYS A 23 -9.71 8.91 -8.18
N GLN A 24 -9.58 9.88 -7.29
CA GLN A 24 -8.62 10.97 -7.46
C GLN A 24 -7.19 10.42 -7.52
N LEU A 25 -6.97 9.32 -6.81
CA LEU A 25 -5.65 8.70 -6.80
C LEU A 25 -5.54 7.60 -7.85
N LEU A 26 -6.67 6.93 -8.13
CA LEU A 26 -6.70 5.86 -9.12
C LEU A 26 -6.38 6.38 -10.52
N GLN A 27 -6.83 7.60 -10.80
CA GLN A 27 -6.61 8.21 -12.11
C GLN A 27 -5.15 8.61 -12.30
N ARG A 28 -4.34 8.38 -11.28
CA ARG A 28 -2.93 8.72 -11.35
C ARG A 28 -2.11 7.51 -11.79
N ILE A 29 -2.79 6.39 -12.01
CA ILE A 29 -2.11 5.17 -12.46
C ILE A 29 -2.65 4.76 -13.82
N PRO A 30 -2.04 5.25 -14.90
CA PRO A 30 -2.46 4.95 -16.26
C PRO A 30 -1.69 3.77 -16.87
N ASN A 31 -1.92 3.52 -18.16
CA ASN A 31 -1.28 2.45 -18.92
C ASN A 31 -1.87 1.07 -18.60
N ILE A 32 -2.49 0.93 -17.43
CA ILE A 32 -3.07 -0.33 -17.03
C ILE A 32 -4.43 -0.12 -16.35
N PRO A 33 -5.37 -1.05 -16.58
CA PRO A 33 -6.69 -0.98 -15.98
C PRO A 33 -6.74 -1.73 -14.65
N PRO A 34 -6.97 -1.02 -13.54
CA PRO A 34 -7.02 -1.64 -12.22
C PRO A 34 -8.20 -2.61 -12.09
N ASN A 35 -9.39 -2.15 -12.46
CA ASN A 35 -10.62 -2.95 -12.40
C ASN A 35 -10.98 -3.37 -10.97
N ILE A 36 -10.32 -2.74 -10.01
CA ILE A 36 -10.57 -3.02 -8.60
C ILE A 36 -10.29 -1.78 -7.78
N ASN A 37 -10.61 -1.84 -6.50
CA ASN A 37 -10.41 -0.67 -5.64
C ASN A 37 -9.56 -0.99 -4.42
N THR A 38 -9.74 -2.15 -3.81
CA THR A 38 -9.01 -2.52 -2.60
C THR A 38 -7.55 -2.84 -2.90
N TRP A 39 -6.64 -2.31 -2.06
CA TRP A 39 -5.20 -2.51 -2.21
C TRP A 39 -4.84 -3.99 -2.33
N GLN A 40 -5.47 -4.83 -1.52
CA GLN A 40 -5.23 -6.27 -1.53
C GLN A 40 -5.52 -6.87 -2.91
N GLN A 41 -6.50 -6.30 -3.60
CA GLN A 41 -6.87 -6.75 -4.92
C GLN A 41 -6.00 -6.07 -5.97
N VAL A 42 -5.48 -4.90 -5.62
CA VAL A 42 -4.62 -4.13 -6.51
C VAL A 42 -3.28 -4.84 -6.67
N THR A 43 -2.88 -5.58 -5.65
CA THR A 43 -1.63 -6.31 -5.67
C THR A 43 -1.76 -7.62 -6.44
N ALA A 44 -3.00 -8.07 -6.63
CA ALA A 44 -3.27 -9.31 -7.34
C ALA A 44 -2.70 -9.31 -8.75
N LEU A 45 -2.76 -8.17 -9.43
CA LEU A 45 -2.24 -8.07 -10.80
C LEU A 45 -0.71 -8.14 -10.81
N ALA A 46 -0.09 -7.86 -9.67
CA ALA A 46 1.36 -7.92 -9.57
C ALA A 46 1.85 -9.37 -9.58
N GLN A 47 0.93 -10.28 -9.22
CA GLN A 47 1.25 -11.70 -9.18
C GLN A 47 1.40 -12.27 -10.59
N GLN A 48 0.98 -11.49 -11.58
CA GLN A 48 1.08 -11.88 -12.97
C GLN A 48 2.44 -11.46 -13.54
N LYS A 49 3.32 -11.03 -12.63
CA LYS A 49 4.67 -10.59 -12.99
C LYS A 49 4.61 -9.33 -13.86
N LEU A 50 3.55 -8.55 -13.70
CA LEU A 50 3.39 -7.32 -14.46
C LEU A 50 3.92 -6.13 -13.68
N LEU A 51 4.47 -6.41 -12.50
CA LEU A 51 5.02 -5.38 -11.65
C LEU A 51 6.53 -5.27 -11.80
N THR A 52 6.97 -4.29 -12.56
CA THR A 52 8.39 -4.06 -12.77
C THR A 52 8.84 -2.88 -11.91
N PRO A 53 10.15 -2.67 -11.70
CA PRO A 53 10.67 -1.55 -10.92
C PRO A 53 10.07 -0.22 -11.38
N GLN A 54 9.74 -0.15 -12.66
CA GLN A 54 9.16 1.05 -13.25
C GLN A 54 7.79 1.35 -12.64
N ASP A 55 6.98 0.30 -12.51
CA ASP A 55 5.63 0.44 -11.96
C ASP A 55 5.68 0.68 -10.47
N MET A 56 6.66 0.05 -9.81
CA MET A 56 6.81 0.20 -8.36
C MET A 56 7.05 1.66 -8.00
N GLU A 57 7.83 2.34 -8.84
CA GLU A 57 8.14 3.75 -8.64
C GLU A 57 6.89 4.62 -8.78
N ALA A 58 5.92 4.12 -9.54
CA ALA A 58 4.68 4.85 -9.76
C ALA A 58 3.64 4.49 -8.70
N ALA A 59 3.69 3.27 -8.21
CA ALA A 59 2.74 2.80 -7.21
C ALA A 59 3.04 3.42 -5.85
N LYS A 60 4.32 3.63 -5.58
CA LYS A 60 4.75 4.22 -4.32
C LYS A 60 4.28 5.68 -4.22
N GLU A 61 4.00 6.27 -5.38
CA GLU A 61 3.51 7.65 -5.46
C GLU A 61 2.15 7.76 -4.82
N VAL A 62 1.25 6.90 -5.29
CA VAL A 62 -0.13 6.87 -4.83
C VAL A 62 -0.23 6.67 -3.33
N TYR A 63 0.52 5.70 -2.82
CA TYR A 63 0.49 5.39 -1.38
C TYR A 63 0.84 6.61 -0.53
N LYS A 64 1.81 7.40 -0.99
CA LYS A 64 2.23 8.59 -0.24
C LYS A 64 1.07 9.54 -0.03
N ILE A 65 0.30 9.79 -1.08
CA ILE A 65 -0.84 10.69 -1.01
C ILE A 65 -2.02 10.03 -0.30
N HIS A 66 -2.14 8.71 -0.46
CA HIS A 66 -3.21 7.94 0.15
C HIS A 66 -3.07 7.88 1.66
N GLN A 67 -1.88 7.50 2.13
CA GLN A 67 -1.60 7.39 3.55
C GLN A 67 -1.72 8.74 4.26
N GLN A 68 -1.34 9.81 3.57
CA GLN A 68 -1.39 11.14 4.19
C GLN A 68 -2.83 11.63 4.33
N LEU A 69 -3.72 11.12 3.48
CA LEU A 69 -5.12 11.52 3.52
C LEU A 69 -5.77 10.98 4.80
N LEU A 70 -5.27 9.85 5.28
CA LEU A 70 -5.79 9.25 6.49
C LEU A 70 -5.11 9.83 7.73
N PHE A 71 -3.82 10.12 7.60
CA PHE A 71 -3.05 10.68 8.70
C PHE A 71 -3.59 12.06 9.09
N LYS A 72 -3.80 12.92 8.10
CA LYS A 72 -4.32 14.26 8.34
C LYS A 72 -5.69 14.20 9.00
N ALA A 73 -6.49 13.20 8.62
CA ALA A 73 -7.82 13.04 9.16
C ALA A 73 -7.79 12.77 10.66
N ARG A 74 -6.72 12.14 11.13
CA ARG A 74 -6.57 11.83 12.53
C ARG A 74 -6.03 13.04 13.31
N LEU A 75 -5.24 13.86 12.64
CA LEU A 75 -4.67 15.04 13.27
C LEU A 75 -5.71 16.15 13.35
N GLN A 76 -6.44 16.35 12.27
CA GLN A 76 -7.47 17.37 12.22
C GLN A 76 -8.71 16.92 13.01
N GLN A 77 -8.92 17.55 14.15
CA GLN A 77 -10.04 17.22 15.01
C GLN A 77 -11.15 18.25 14.84
N GLN A 78 -10.85 19.32 14.13
CA GLN A 78 -11.81 20.39 13.87
C GLN A 78 -12.52 20.17 12.56
N GLN A 79 -11.75 19.89 11.52
CA GLN A 79 -12.30 19.67 10.19
C GLN A 79 -12.19 18.20 9.79
N ALA A 80 -12.78 17.85 8.66
CA ALA A 80 -12.76 16.49 8.17
C ALA A 80 -11.88 16.38 6.92
N GLN A 81 -11.01 15.38 6.91
CA GLN A 81 -10.13 15.16 5.77
C GLN A 81 -10.52 13.91 5.03
N SER B 1 3.47 -11.03 22.93
CA SER B 1 3.50 -12.43 22.46
C SER B 1 2.46 -13.25 23.21
N THR B 2 1.59 -13.94 22.46
CA THR B 2 0.56 -14.77 23.06
C THR B 2 1.15 -15.99 23.75
N ASP B 3 2.21 -16.54 23.16
CA ASP B 3 2.89 -17.70 23.71
C ASP B 3 4.36 -17.69 23.31
N SER B 4 5.22 -17.63 24.31
CA SER B 4 6.66 -17.62 24.07
C SER B 4 7.20 -19.04 24.09
N THR B 5 6.93 -19.78 23.03
CA THR B 5 7.37 -21.16 22.92
C THR B 5 8.89 -21.27 22.75
N PRO B 6 9.49 -20.63 21.72
CA PRO B 6 10.93 -20.68 21.49
C PRO B 6 11.69 -19.67 22.34
N MET B 7 13.00 -19.87 22.44
CA MET B 7 13.86 -18.98 23.19
C MET B 7 15.01 -18.51 22.32
N PHE B 8 15.63 -19.45 21.62
CA PHE B 8 16.76 -19.14 20.74
C PHE B 8 16.50 -19.67 19.34
N GLU B 9 15.45 -20.46 19.19
CA GLU B 9 15.10 -21.04 17.92
C GLU B 9 14.40 -20.02 17.02
N TYR B 10 15.19 -19.33 16.22
CA TYR B 10 14.67 -18.32 15.30
C TYR B 10 15.07 -18.65 13.88
N GLU B 11 14.10 -18.71 12.98
CA GLU B 11 14.35 -19.04 11.60
C GLU B 11 13.69 -18.02 10.67
N ASN B 12 14.33 -17.75 9.54
CA ASN B 12 13.82 -16.80 8.56
C ASN B 12 13.19 -17.56 7.40
N LEU B 13 12.14 -16.99 6.80
CA LEU B 13 11.46 -17.64 5.70
C LEU B 13 10.74 -16.62 4.81
N GLU B 14 10.26 -17.10 3.67
CA GLU B 14 9.53 -16.29 2.69
C GLU B 14 10.37 -15.11 2.19
N ASP B 15 11.20 -15.39 1.20
CA ASP B 15 12.05 -14.36 0.62
C ASP B 15 11.41 -13.82 -0.66
N ASN B 16 10.23 -14.37 -0.97
CA ASN B 16 9.50 -13.97 -2.17
C ASN B 16 8.59 -12.79 -1.88
N SER B 17 7.92 -12.82 -0.74
CA SER B 17 7.00 -11.76 -0.35
C SER B 17 7.70 -10.71 0.51
N LYS B 18 8.99 -10.51 0.27
CA LYS B 18 9.77 -9.55 1.03
C LYS B 18 9.57 -8.13 0.51
N GLU B 19 9.86 -7.92 -0.77
CA GLU B 19 9.73 -6.61 -1.37
C GLU B 19 8.27 -6.21 -1.56
N TRP B 20 7.37 -7.16 -1.41
CA TRP B 20 5.95 -6.89 -1.56
C TRP B 20 5.47 -5.90 -0.50
N THR B 21 6.03 -5.99 0.69
CA THR B 21 5.65 -5.08 1.77
C THR B 21 6.57 -3.86 1.79
N SER B 22 7.66 -3.92 1.04
CA SER B 22 8.60 -2.81 0.96
C SER B 22 7.98 -1.66 0.19
N LEU B 23 7.14 -2.00 -0.78
CA LEU B 23 6.44 -1.01 -1.58
C LEU B 23 5.38 -0.33 -0.75
N PHE B 24 4.94 -1.04 0.30
CA PHE B 24 3.94 -0.53 1.22
C PHE B 24 4.55 0.55 2.10
N ASP B 25 5.68 0.21 2.74
CA ASP B 25 6.36 1.15 3.60
C ASP B 25 7.27 2.05 2.78
N ASN B 26 6.68 3.03 2.12
CA ASN B 26 7.43 3.96 1.29
C ASN B 26 6.80 5.35 1.36
N ASP B 27 6.86 5.95 2.53
CA ASP B 27 6.27 7.28 2.75
C ASP B 27 7.31 8.38 2.54
N ILE B 28 8.33 8.42 3.39
CA ILE B 28 9.37 9.43 3.26
C ILE B 28 10.72 8.79 2.94
N PRO B 29 11.24 9.02 1.72
CA PRO B 29 12.53 8.46 1.30
C PRO B 29 13.70 9.13 2.04
N VAL B 30 13.53 10.41 2.36
CA VAL B 30 14.54 11.18 3.06
C VAL B 30 13.87 12.04 4.15
N THR B 31 14.10 11.68 5.39
CA THR B 31 13.51 12.42 6.51
C THR B 31 14.55 13.29 7.20
N THR B 32 14.31 14.60 7.18
CA THR B 32 15.22 15.55 7.81
C THR B 32 14.83 15.77 9.27
N ASP B 33 15.72 16.38 10.03
CA ASP B 33 15.45 16.66 11.43
C ASP B 33 14.97 18.10 11.56
N ASP B 34 14.30 18.42 12.65
CA ASP B 34 13.80 19.78 12.86
C ASP B 34 13.86 20.14 14.33
N GLN A 1 14.01 -6.15 23.96
CA GLN A 1 13.13 -5.69 22.84
C GLN A 1 13.94 -4.88 21.85
N ARG A 2 13.99 -5.34 20.61
CA ARG A 2 14.75 -4.66 19.56
C ARG A 2 13.87 -3.65 18.82
N ARG A 3 12.84 -4.14 18.15
CA ARG A 3 11.95 -3.27 17.39
C ARG A 3 10.78 -2.83 18.26
N GLN A 4 10.41 -1.56 18.14
CA GLN A 4 9.31 -1.02 18.91
C GLN A 4 8.05 -0.97 18.04
N LEU A 5 6.90 -1.06 18.67
CA LEU A 5 5.63 -1.03 17.96
C LEU A 5 4.62 -0.19 18.71
N THR A 6 4.55 1.07 18.36
CA THR A 6 3.63 1.97 19.00
C THR A 6 2.20 1.65 18.56
N PRO A 7 1.27 1.60 19.52
CA PRO A 7 -0.15 1.29 19.24
C PRO A 7 -0.79 2.27 18.26
N GLN A 8 -0.53 3.55 18.48
CA GLN A 8 -1.09 4.61 17.64
C GLN A 8 -0.59 4.49 16.20
N GLN A 9 0.63 4.00 16.04
CA GLN A 9 1.23 3.86 14.72
C GLN A 9 0.78 2.56 14.07
N GLN A 10 0.80 1.48 14.84
CA GLN A 10 0.41 0.16 14.35
C GLN A 10 -1.01 0.18 13.80
N GLN A 11 -1.89 0.94 14.45
CA GLN A 11 -3.29 1.02 14.03
C GLN A 11 -3.42 1.61 12.63
N LEU A 12 -2.50 2.48 12.25
CA LEU A 12 -2.53 3.10 10.94
C LEU A 12 -2.17 2.08 9.88
N VAL A 13 -1.25 1.20 10.23
CA VAL A 13 -0.81 0.14 9.34
C VAL A 13 -1.94 -0.83 9.07
N ASN A 14 -2.74 -1.07 10.09
CA ASN A 14 -3.88 -1.99 10.01
C ASN A 14 -4.95 -1.45 9.08
N GLN A 15 -5.03 -0.13 8.98
CA GLN A 15 -6.02 0.52 8.13
C GLN A 15 -5.55 0.55 6.67
N MET A 16 -4.24 0.68 6.49
CA MET A 16 -3.63 0.77 5.17
C MET A 16 -3.47 -0.62 4.53
N LYS A 17 -4.26 -1.59 4.96
CA LYS A 17 -4.16 -2.93 4.40
C LYS A 17 -5.30 -3.19 3.43
N VAL A 18 -6.52 -3.32 3.94
CA VAL A 18 -7.67 -3.58 3.10
C VAL A 18 -8.42 -2.28 2.83
N ALA A 19 -7.93 -1.53 1.86
CA ALA A 19 -8.54 -0.27 1.49
C ALA A 19 -8.43 -0.05 -0.02
N PRO A 20 -9.46 0.55 -0.62
CA PRO A 20 -9.47 0.86 -2.05
C PRO A 20 -8.77 2.17 -2.40
N ILE A 21 -8.12 2.18 -3.55
CA ILE A 21 -7.41 3.35 -4.03
C ILE A 21 -8.39 4.44 -4.42
N PRO A 22 -8.22 5.66 -3.90
CA PRO A 22 -9.08 6.80 -4.22
C PRO A 22 -9.10 7.10 -5.72
N LYS A 23 -10.19 7.71 -6.17
CA LYS A 23 -10.36 8.05 -7.57
C LYS A 23 -9.22 8.93 -8.08
N GLN A 24 -8.89 9.94 -7.29
CA GLN A 24 -7.82 10.87 -7.63
C GLN A 24 -6.47 10.19 -7.74
N LEU A 25 -6.31 9.07 -7.03
CA LEU A 25 -5.06 8.34 -7.04
C LEU A 25 -5.04 7.26 -8.12
N LEU A 26 -6.21 6.82 -8.55
CA LEU A 26 -6.30 5.80 -9.59
C LEU A 26 -5.79 6.35 -10.92
N GLN A 27 -5.91 7.65 -11.08
CA GLN A 27 -5.47 8.33 -12.29
C GLN A 27 -3.96 8.50 -12.29
N ARG A 28 -3.33 8.09 -11.19
CA ARG A 28 -1.89 8.19 -11.06
C ARG A 28 -1.20 6.95 -11.63
N ILE A 29 -1.92 5.85 -11.70
CA ILE A 29 -1.34 4.60 -12.21
C ILE A 29 -1.88 4.29 -13.62
N PRO A 30 -1.08 4.57 -14.65
CA PRO A 30 -1.44 4.33 -16.03
C PRO A 30 -0.85 3.00 -16.55
N ASN A 31 -0.77 2.89 -17.88
CA ASN A 31 -0.18 1.73 -18.57
C ASN A 31 -1.04 0.46 -18.49
N ILE A 32 -1.90 0.36 -17.50
CA ILE A 32 -2.74 -0.82 -17.35
C ILE A 32 -4.05 -0.50 -16.66
N PRO A 33 -5.10 -1.27 -16.98
CA PRO A 33 -6.40 -1.12 -16.34
C PRO A 33 -6.42 -1.86 -15.01
N PRO A 34 -6.72 -1.16 -13.92
CA PRO A 34 -6.74 -1.77 -12.58
C PRO A 34 -7.80 -2.90 -12.45
N ASN A 35 -9.03 -2.61 -12.90
CA ASN A 35 -10.15 -3.56 -12.84
C ASN A 35 -10.58 -3.85 -11.41
N ILE A 36 -10.09 -3.04 -10.48
CA ILE A 36 -10.43 -3.18 -9.07
C ILE A 36 -10.12 -1.89 -8.33
N ASN A 37 -10.32 -1.93 -7.02
CA ASN A 37 -10.09 -0.74 -6.21
C ASN A 37 -9.33 -1.07 -4.92
N THR A 38 -9.65 -2.19 -4.30
CA THR A 38 -9.00 -2.57 -3.04
C THR A 38 -7.56 -3.02 -3.25
N TRP A 39 -6.65 -2.53 -2.39
CA TRP A 39 -5.22 -2.85 -2.47
C TRP A 39 -4.97 -4.36 -2.48
N GLN A 40 -5.75 -5.08 -1.67
CA GLN A 40 -5.62 -6.53 -1.59
C GLN A 40 -5.94 -7.16 -2.94
N GLN A 41 -6.80 -6.50 -3.71
CA GLN A 41 -7.17 -6.98 -5.03
C GLN A 41 -6.21 -6.41 -6.09
N VAL A 42 -5.59 -5.28 -5.77
CA VAL A 42 -4.65 -4.63 -6.68
C VAL A 42 -3.45 -5.53 -6.96
N THR A 43 -3.16 -6.40 -6.02
CA THR A 43 -2.06 -7.33 -6.14
C THR A 43 -2.35 -8.41 -7.18
N ALA A 44 -3.63 -8.58 -7.52
CA ALA A 44 -4.04 -9.57 -8.49
C ALA A 44 -3.45 -9.32 -9.88
N LEU A 45 -3.41 -8.06 -10.30
CA LEU A 45 -2.87 -7.71 -11.62
C LEU A 45 -1.36 -8.00 -11.65
N ALA A 46 -0.76 -8.05 -10.47
CA ALA A 46 0.66 -8.33 -10.36
C ALA A 46 0.90 -9.83 -10.55
N GLN A 47 -0.13 -10.63 -10.24
CA GLN A 47 -0.06 -12.07 -10.42
C GLN A 47 -0.18 -12.39 -11.91
N GLN A 48 -0.91 -11.52 -12.61
CA GLN A 48 -1.11 -11.64 -14.04
C GLN A 48 0.10 -11.11 -14.78
N LYS A 49 1.04 -10.53 -14.02
CA LYS A 49 2.28 -9.96 -14.55
C LYS A 49 2.02 -8.80 -15.49
N LEU A 50 1.09 -7.92 -15.10
CA LEU A 50 0.76 -6.76 -15.91
C LEU A 50 1.47 -5.52 -15.39
N LEU A 51 2.23 -5.70 -14.32
CA LEU A 51 2.98 -4.61 -13.70
C LEU A 51 4.38 -4.50 -14.28
N THR A 52 4.80 -3.29 -14.55
CA THR A 52 6.12 -3.02 -15.09
C THR A 52 6.91 -2.20 -14.09
N PRO A 53 8.25 -2.17 -14.20
CA PRO A 53 9.12 -1.39 -13.30
C PRO A 53 8.73 0.08 -13.25
N GLN A 54 7.98 0.52 -14.26
CA GLN A 54 7.53 1.89 -14.35
C GLN A 54 6.42 2.16 -13.34
N ASP A 55 5.39 1.33 -13.36
CA ASP A 55 4.25 1.48 -12.46
C ASP A 55 4.64 1.18 -11.02
N MET A 56 5.66 0.34 -10.86
CA MET A 56 6.15 -0.03 -9.53
C MET A 56 6.63 1.20 -8.77
N GLU A 57 7.25 2.13 -9.49
CA GLU A 57 7.77 3.35 -8.90
C GLU A 57 6.66 4.38 -8.67
N ALA A 58 5.58 4.26 -9.41
CA ALA A 58 4.46 5.19 -9.27
C ALA A 58 3.50 4.77 -8.17
N ALA A 59 3.30 3.46 -8.02
CA ALA A 59 2.39 2.93 -7.01
C ALA A 59 2.93 3.15 -5.61
N LYS A 60 4.25 3.13 -5.47
CA LYS A 60 4.88 3.31 -4.18
C LYS A 60 4.62 4.71 -3.64
N GLU A 61 4.38 5.63 -4.55
CA GLU A 61 4.09 7.01 -4.17
C GLU A 61 2.62 7.18 -3.85
N VAL A 62 1.78 6.53 -4.65
CA VAL A 62 0.33 6.57 -4.47
C VAL A 62 -0.05 6.12 -3.06
N TYR A 63 0.60 5.06 -2.60
CA TYR A 63 0.35 4.51 -1.26
C TYR A 63 0.59 5.56 -0.18
N LYS A 64 1.61 6.39 -0.39
CA LYS A 64 1.96 7.44 0.57
C LYS A 64 0.94 8.56 0.56
N ILE A 65 0.40 8.87 -0.61
CA ILE A 65 -0.59 9.92 -0.74
C ILE A 65 -1.91 9.47 -0.13
N HIS A 66 -2.20 8.18 -0.26
CA HIS A 66 -3.41 7.60 0.29
C HIS A 66 -3.45 7.80 1.81
N GLN A 67 -2.31 7.56 2.44
CA GLN A 67 -2.17 7.72 3.89
C GLN A 67 -2.43 9.16 4.30
N GLN A 68 -2.05 10.09 3.43
CA GLN A 68 -2.22 11.52 3.68
C GLN A 68 -3.71 11.89 3.76
N LEU A 69 -4.51 11.27 2.89
CA LEU A 69 -5.95 11.53 2.87
C LEU A 69 -6.60 11.06 4.16
N LEU A 70 -6.17 9.91 4.64
CA LEU A 70 -6.70 9.32 5.87
C LEU A 70 -6.43 10.24 7.06
N PHE A 71 -5.24 10.84 7.07
CA PHE A 71 -4.85 11.75 8.14
C PHE A 71 -5.79 12.95 8.20
N LYS A 72 -5.99 13.59 7.06
CA LYS A 72 -6.86 14.76 6.97
C LYS A 72 -8.30 14.39 7.33
N ALA A 73 -8.73 13.21 6.91
CA ALA A 73 -10.07 12.73 7.17
C ALA A 73 -10.37 12.65 8.67
N ARG A 74 -9.37 12.26 9.44
CA ARG A 74 -9.54 12.13 10.88
C ARG A 74 -9.38 13.48 11.59
N LEU A 75 -8.69 14.41 10.94
CA LEU A 75 -8.48 15.73 11.52
C LEU A 75 -9.67 16.66 11.26
N GLN A 76 -10.20 16.61 10.04
CA GLN A 76 -11.33 17.44 9.66
C GLN A 76 -12.60 17.02 10.40
N GLN A 77 -13.24 17.98 11.02
CA GLN A 77 -14.46 17.73 11.77
C GLN A 77 -15.70 18.24 11.02
N GLN A 78 -15.49 19.19 10.12
CA GLN A 78 -16.60 19.75 9.35
C GLN A 78 -16.85 18.93 8.10
N GLN A 79 -15.83 18.82 7.27
CA GLN A 79 -15.95 18.06 6.03
C GLN A 79 -14.95 16.92 5.99
N ALA A 80 -15.43 15.72 6.26
CA ALA A 80 -14.60 14.53 6.26
C ALA A 80 -14.07 14.25 4.85
N GLN A 81 -12.78 14.01 4.73
CA GLN A 81 -12.15 13.74 3.46
C GLN A 81 -12.57 12.37 2.95
N SER B 1 -23.39 -27.35 -25.13
CA SER B 1 -23.83 -28.47 -25.99
C SER B 1 -24.25 -29.66 -25.14
N THR B 2 -25.21 -30.43 -25.64
CA THR B 2 -25.70 -31.61 -24.94
C THR B 2 -24.81 -32.81 -25.26
N ASP B 3 -23.56 -32.72 -24.83
CA ASP B 3 -22.60 -33.79 -25.06
C ASP B 3 -21.98 -34.24 -23.75
N SER B 4 -21.07 -35.19 -23.81
CA SER B 4 -20.41 -35.69 -22.61
C SER B 4 -18.94 -35.98 -22.87
N THR B 5 -18.07 -35.10 -22.40
CA THR B 5 -16.63 -35.26 -22.59
C THR B 5 -16.06 -36.25 -21.56
N PRO B 6 -15.57 -37.41 -22.03
CA PRO B 6 -14.99 -38.44 -21.15
C PRO B 6 -13.67 -38.00 -20.52
N MET B 7 -12.94 -37.14 -21.22
CA MET B 7 -11.66 -36.65 -20.73
C MET B 7 -11.85 -35.36 -19.94
N PHE B 8 -11.56 -35.42 -18.65
CA PHE B 8 -11.69 -34.27 -17.77
C PHE B 8 -10.34 -33.68 -17.44
N GLU B 9 -10.28 -32.35 -17.40
CA GLU B 9 -9.05 -31.64 -17.11
C GLU B 9 -8.82 -31.53 -15.61
N TYR B 10 -7.66 -31.04 -15.24
CA TYR B 10 -7.32 -30.86 -13.84
C TYR B 10 -6.92 -29.40 -13.61
N GLU B 11 -7.01 -28.96 -12.36
CA GLU B 11 -6.67 -27.58 -12.04
C GLU B 11 -5.41 -27.52 -11.18
N ASN B 12 -5.00 -26.31 -10.84
CA ASN B 12 -3.81 -26.09 -10.04
C ASN B 12 -4.15 -25.19 -8.85
N LEU B 13 -3.35 -25.29 -7.80
CA LEU B 13 -3.55 -24.48 -6.61
C LEU B 13 -2.36 -23.56 -6.39
N GLU B 14 -2.63 -22.32 -6.03
CA GLU B 14 -1.56 -21.35 -5.80
C GLU B 14 -1.44 -20.99 -4.32
N ASP B 15 -0.21 -20.81 -3.86
CA ASP B 15 0.06 -20.47 -2.48
C ASP B 15 1.37 -19.69 -2.36
N ASN B 16 1.91 -19.27 -3.50
CA ASN B 16 3.16 -18.52 -3.52
C ASN B 16 2.88 -17.03 -3.71
N SER B 17 1.63 -16.65 -3.55
CA SER B 17 1.22 -15.28 -3.72
C SER B 17 1.31 -14.49 -2.41
N LYS B 18 2.18 -14.95 -1.51
CA LYS B 18 2.35 -14.29 -0.23
C LYS B 18 3.38 -13.17 -0.33
N GLU B 19 4.39 -13.38 -1.16
CA GLU B 19 5.44 -12.39 -1.35
C GLU B 19 4.94 -11.17 -2.13
N TRP B 20 3.82 -11.35 -2.82
CA TRP B 20 3.24 -10.28 -3.62
C TRP B 20 2.71 -9.17 -2.73
N THR B 21 2.13 -9.53 -1.59
CA THR B 21 1.58 -8.55 -0.66
C THR B 21 2.69 -7.75 0.01
N SER B 22 3.90 -8.30 0.02
CA SER B 22 5.04 -7.63 0.63
C SER B 22 5.59 -6.55 -0.30
N LEU B 23 5.23 -6.62 -1.58
CA LEU B 23 5.70 -5.65 -2.56
C LEU B 23 5.01 -4.30 -2.34
N PHE B 24 3.70 -4.36 -2.11
CA PHE B 24 2.92 -3.14 -1.90
C PHE B 24 2.87 -2.76 -0.43
N ASP B 25 3.60 -3.50 0.40
CA ASP B 25 3.63 -3.24 1.84
C ASP B 25 4.33 -1.90 2.13
N ASN B 26 3.64 -1.03 2.85
CA ASN B 26 4.19 0.29 3.19
C ASN B 26 3.99 0.61 4.66
N ASP B 27 4.97 1.29 5.24
CA ASP B 27 4.92 1.68 6.66
C ASP B 27 5.72 2.97 6.88
N ILE B 28 5.02 4.09 6.94
CA ILE B 28 5.66 5.38 7.16
C ILE B 28 4.86 6.23 8.16
N PRO B 29 4.93 5.86 9.45
CA PRO B 29 4.21 6.58 10.51
C PRO B 29 4.92 7.86 10.93
N VAL B 30 5.01 8.80 10.01
CA VAL B 30 5.66 10.08 10.28
C VAL B 30 4.64 11.09 10.81
N THR B 31 4.97 11.70 11.95
CA THR B 31 4.09 12.68 12.55
C THR B 31 4.66 14.09 12.43
N THR B 32 5.81 14.33 13.04
CA THR B 32 6.43 15.64 13.00
C THR B 32 7.94 15.50 12.83
N ASP B 33 8.46 16.06 11.76
CA ASP B 33 9.89 15.99 11.47
C ASP B 33 10.50 17.38 11.40
N ASP B 34 11.23 17.77 12.43
CA ASP B 34 11.87 19.08 12.47
C ASP B 34 13.02 19.08 13.47
N GLN A 1 2.60 -2.67 21.05
CA GLN A 1 2.77 -4.14 21.01
C GLN A 1 3.77 -4.58 22.07
N ARG A 2 4.53 -5.65 21.82
CA ARG A 2 5.50 -6.14 22.78
C ARG A 2 6.93 -5.97 22.27
N ARG A 3 7.09 -5.64 21.00
CA ARG A 3 8.41 -5.44 20.42
C ARG A 3 8.43 -4.28 19.45
N GLN A 4 7.59 -4.36 18.43
CA GLN A 4 7.52 -3.32 17.41
C GLN A 4 6.07 -2.92 17.20
N LEU A 5 5.86 -1.76 16.60
CA LEU A 5 4.54 -1.22 16.30
C LEU A 5 3.84 -0.72 17.56
N THR A 6 3.74 0.60 17.69
CA THR A 6 3.10 1.23 18.83
C THR A 6 1.60 1.34 18.58
N PRO A 7 0.78 1.52 19.63
CA PRO A 7 -0.69 1.62 19.51
C PRO A 7 -1.15 2.61 18.44
N GLN A 8 -0.45 3.73 18.32
CA GLN A 8 -0.81 4.75 17.35
C GLN A 8 -0.46 4.32 15.94
N GLN A 9 0.73 3.74 15.77
CA GLN A 9 1.19 3.30 14.46
C GLN A 9 0.48 2.03 14.03
N GLN A 10 0.18 1.18 15.01
CA GLN A 10 -0.51 -0.07 14.76
C GLN A 10 -1.87 0.19 14.11
N GLN A 11 -2.51 1.29 14.50
CA GLN A 11 -3.81 1.64 13.94
C GLN A 11 -3.67 2.28 12.56
N LEU A 12 -2.49 2.81 12.26
CA LEU A 12 -2.26 3.44 10.98
C LEU A 12 -2.14 2.39 9.89
N VAL A 13 -1.41 1.33 10.21
CA VAL A 13 -1.21 0.25 9.25
C VAL A 13 -2.45 -0.65 9.19
N ASN A 14 -3.17 -0.73 10.30
CA ASN A 14 -4.38 -1.54 10.39
C ASN A 14 -5.48 -1.00 9.48
N GLN A 15 -5.53 0.32 9.34
CA GLN A 15 -6.55 0.94 8.49
C GLN A 15 -6.13 0.87 7.03
N MET A 16 -4.84 0.68 6.79
CA MET A 16 -4.31 0.61 5.44
C MET A 16 -4.27 -0.84 4.95
N LYS A 17 -4.98 -1.71 5.65
CA LYS A 17 -5.03 -3.12 5.29
C LYS A 17 -6.01 -3.34 4.14
N VAL A 18 -7.24 -2.90 4.34
CA VAL A 18 -8.27 -3.03 3.32
C VAL A 18 -8.88 -1.67 3.01
N ALA A 19 -8.23 -0.93 2.15
CA ALA A 19 -8.71 0.39 1.76
C ALA A 19 -8.71 0.53 0.24
N PRO A 20 -9.80 1.09 -0.33
CA PRO A 20 -9.90 1.32 -1.78
C PRO A 20 -9.27 2.64 -2.19
N ILE A 21 -8.59 2.63 -3.33
CA ILE A 21 -7.94 3.81 -3.86
C ILE A 21 -8.97 4.81 -4.39
N PRO A 22 -8.92 6.07 -3.90
CA PRO A 22 -9.85 7.11 -4.34
C PRO A 22 -9.73 7.44 -5.82
N LYS A 23 -10.77 8.08 -6.35
CA LYS A 23 -10.82 8.45 -7.76
C LYS A 23 -9.68 9.39 -8.13
N GLN A 24 -9.32 10.26 -7.20
CA GLN A 24 -8.25 11.23 -7.42
C GLN A 24 -6.91 10.54 -7.62
N LEU A 25 -6.68 9.48 -6.87
CA LEU A 25 -5.43 8.74 -6.95
C LEU A 25 -5.44 7.77 -8.12
N LEU A 26 -6.62 7.27 -8.48
CA LEU A 26 -6.75 6.34 -9.60
C LEU A 26 -6.30 6.99 -10.90
N GLN A 27 -6.39 8.31 -10.95
CA GLN A 27 -5.99 9.08 -12.12
C GLN A 27 -4.47 9.07 -12.31
N ARG A 28 -3.76 8.55 -11.32
CA ARG A 28 -2.30 8.48 -11.38
C ARG A 28 -1.86 7.15 -11.98
N ILE A 29 -2.69 6.13 -11.81
CA ILE A 29 -2.40 4.81 -12.34
C ILE A 29 -3.51 4.37 -13.29
N PRO A 30 -3.39 4.76 -14.57
CA PRO A 30 -4.38 4.44 -15.59
C PRO A 30 -4.12 3.09 -16.24
N ASN A 31 -5.12 2.59 -16.95
CA ASN A 31 -5.04 1.32 -17.67
C ASN A 31 -4.74 0.17 -16.74
N ILE A 32 -5.66 -0.09 -15.81
CA ILE A 32 -5.49 -1.19 -14.88
C ILE A 32 -6.44 -2.34 -15.23
N PRO A 33 -5.89 -3.51 -15.57
CA PRO A 33 -6.69 -4.69 -15.94
C PRO A 33 -7.71 -5.15 -14.88
N PRO A 34 -7.30 -5.34 -13.59
CA PRO A 34 -8.24 -5.79 -12.55
C PRO A 34 -9.37 -4.79 -12.31
N ASN A 35 -9.06 -3.50 -12.45
CA ASN A 35 -10.03 -2.44 -12.25
C ASN A 35 -10.62 -2.47 -10.84
N ILE A 36 -9.82 -2.97 -9.90
CA ILE A 36 -10.23 -3.06 -8.51
C ILE A 36 -9.66 -1.88 -7.75
N ASN A 37 -10.31 -1.48 -6.66
CA ASN A 37 -9.85 -0.33 -5.88
C ASN A 37 -9.23 -0.73 -4.55
N THR A 38 -9.57 -1.90 -4.03
CA THR A 38 -9.05 -2.33 -2.74
C THR A 38 -7.58 -2.72 -2.86
N TRP A 39 -6.77 -2.20 -1.95
CA TRP A 39 -5.33 -2.44 -1.94
C TRP A 39 -4.96 -3.92 -1.98
N GLN A 40 -5.68 -4.74 -1.25
CA GLN A 40 -5.42 -6.18 -1.20
C GLN A 40 -5.47 -6.80 -2.59
N GLN A 41 -6.44 -6.38 -3.38
CA GLN A 41 -6.61 -6.91 -4.73
C GLN A 41 -5.77 -6.14 -5.74
N VAL A 42 -5.43 -4.90 -5.41
CA VAL A 42 -4.63 -4.05 -6.28
C VAL A 42 -3.15 -4.48 -6.25
N THR A 43 -2.67 -4.79 -5.05
CA THR A 43 -1.27 -5.19 -4.85
C THR A 43 -0.96 -6.54 -5.50
N ALA A 44 -2.02 -7.29 -5.81
CA ALA A 44 -1.87 -8.61 -6.43
C ALA A 44 -1.01 -8.53 -7.70
N LEU A 45 -1.11 -7.41 -8.40
CA LEU A 45 -0.35 -7.19 -9.62
C LEU A 45 1.16 -7.22 -9.36
N ALA A 46 1.55 -6.76 -8.17
CA ALA A 46 2.96 -6.73 -7.79
C ALA A 46 3.44 -8.13 -7.44
N GLN A 47 2.58 -8.89 -6.76
CA GLN A 47 2.92 -10.25 -6.35
C GLN A 47 3.00 -11.16 -7.57
N GLN A 48 2.28 -10.81 -8.62
CA GLN A 48 2.30 -11.58 -9.86
C GLN A 48 3.37 -11.03 -10.80
N LYS A 49 4.01 -9.94 -10.37
CA LYS A 49 5.06 -9.27 -11.15
C LYS A 49 4.57 -8.86 -12.53
N LEU A 50 3.33 -8.35 -12.57
CA LEU A 50 2.73 -7.90 -13.82
C LEU A 50 2.91 -6.40 -13.99
N LEU A 51 3.80 -5.84 -13.18
CA LEU A 51 4.12 -4.43 -13.23
C LEU A 51 5.57 -4.24 -13.64
N THR A 52 5.78 -3.42 -14.66
CA THR A 52 7.13 -3.17 -15.15
C THR A 52 7.84 -2.22 -14.18
N PRO A 53 9.18 -2.09 -14.27
CA PRO A 53 9.95 -1.19 -13.40
C PRO A 53 9.34 0.21 -13.33
N GLN A 54 8.84 0.68 -14.46
CA GLN A 54 8.21 2.00 -14.54
C GLN A 54 6.91 2.05 -13.74
N ASP A 55 6.10 1.00 -13.86
CA ASP A 55 4.82 0.94 -13.17
C ASP A 55 5.01 0.84 -11.67
N MET A 56 6.06 0.14 -11.26
CA MET A 56 6.37 -0.04 -9.84
C MET A 56 6.53 1.29 -9.14
N GLU A 57 7.22 2.23 -9.79
CA GLU A 57 7.45 3.55 -9.23
C GLU A 57 6.13 4.31 -9.07
N ALA A 58 5.28 4.23 -10.08
CA ALA A 58 4.01 4.92 -10.07
C ALA A 58 3.07 4.35 -9.02
N ALA A 59 3.15 3.05 -8.79
CA ALA A 59 2.29 2.39 -7.81
C ALA A 59 2.67 2.80 -6.40
N LYS A 60 3.95 3.04 -6.19
CA LYS A 60 4.44 3.44 -4.87
C LYS A 60 3.98 4.84 -4.51
N GLU A 61 3.86 5.70 -5.52
CA GLU A 61 3.39 7.05 -5.31
C GLU A 61 1.98 7.07 -4.75
N VAL A 62 1.13 6.26 -5.37
CA VAL A 62 -0.26 6.15 -4.96
C VAL A 62 -0.37 5.74 -3.49
N TYR A 63 0.42 4.75 -3.11
CA TYR A 63 0.43 4.25 -1.73
C TYR A 63 0.81 5.36 -0.75
N LYS A 64 1.84 6.12 -1.08
CA LYS A 64 2.30 7.21 -0.22
C LYS A 64 1.25 8.30 -0.08
N ILE A 65 0.67 8.73 -1.20
CA ILE A 65 -0.35 9.76 -1.20
C ILE A 65 -1.58 9.35 -0.39
N HIS A 66 -2.02 8.11 -0.58
CA HIS A 66 -3.19 7.59 0.14
C HIS A 66 -2.95 7.59 1.65
N GLN A 67 -1.72 7.30 2.06
CA GLN A 67 -1.36 7.25 3.47
C GLN A 67 -1.59 8.61 4.14
N GLN A 68 -1.34 9.68 3.39
CA GLN A 68 -1.51 11.03 3.91
C GLN A 68 -2.98 11.41 3.98
N LEU A 69 -3.73 11.03 2.97
CA LEU A 69 -5.16 11.33 2.90
C LEU A 69 -5.91 10.66 4.06
N LEU A 70 -5.60 9.40 4.30
CA LEU A 70 -6.25 8.64 5.37
C LEU A 70 -5.95 9.24 6.74
N PHE A 71 -4.78 9.84 6.86
CA PHE A 71 -4.37 10.45 8.12
C PHE A 71 -5.25 11.65 8.45
N LYS A 72 -5.47 12.51 7.47
CA LYS A 72 -6.30 13.70 7.65
C LYS A 72 -7.75 13.32 7.89
N ALA A 73 -8.17 12.20 7.32
CA ALA A 73 -9.54 11.72 7.46
C ALA A 73 -9.83 11.29 8.91
N ARG A 74 -8.79 10.86 9.61
CA ARG A 74 -8.94 10.43 11.00
C ARG A 74 -8.96 11.64 11.94
N LEU A 75 -8.34 12.73 11.50
CA LEU A 75 -8.29 13.94 12.30
C LEU A 75 -9.61 14.69 12.21
N GLN A 76 -10.10 14.85 10.98
CA GLN A 76 -11.37 15.55 10.70
C GLN A 76 -11.29 17.04 11.05
N GLN A 77 -11.42 17.87 10.02
CA GLN A 77 -11.35 19.31 10.20
C GLN A 77 -12.72 19.87 10.60
N GLN A 78 -13.74 19.05 10.44
CA GLN A 78 -15.11 19.43 10.77
C GLN A 78 -15.74 18.43 11.72
N GLN A 79 -16.48 18.93 12.70
CA GLN A 79 -17.14 18.09 13.68
C GLN A 79 -18.63 18.44 13.75
N ALA A 80 -19.48 17.41 13.83
CA ALA A 80 -20.92 17.63 13.90
C ALA A 80 -21.46 17.48 15.32
N GLN A 81 -20.60 17.06 16.24
CA GLN A 81 -21.00 16.88 17.62
C GLN A 81 -20.78 18.15 18.42
N SER B 1 23.06 14.99 -6.59
CA SER B 1 23.49 16.20 -5.86
C SER B 1 24.79 16.73 -6.45
N THR B 2 24.93 18.06 -6.46
CA THR B 2 26.13 18.69 -7.00
C THR B 2 27.25 18.73 -5.95
N ASP B 3 26.90 19.20 -4.75
CA ASP B 3 27.87 19.29 -3.66
C ASP B 3 28.01 17.95 -2.97
N SER B 4 28.87 17.09 -3.50
CA SER B 4 29.10 15.78 -2.91
C SER B 4 30.23 15.84 -1.90
N THR B 5 30.16 16.82 -1.01
CA THR B 5 31.16 17.01 0.02
C THR B 5 30.84 16.20 1.30
N PRO B 6 29.62 16.32 1.86
CA PRO B 6 29.25 15.57 3.07
C PRO B 6 29.25 14.06 2.86
N MET B 7 30.00 13.36 3.69
CA MET B 7 30.09 11.91 3.60
C MET B 7 30.60 11.32 4.92
N PHE B 8 30.31 12.01 6.02
CA PHE B 8 30.74 11.57 7.33
C PHE B 8 29.61 11.69 8.34
N GLU B 9 28.38 11.71 7.84
CA GLU B 9 27.19 11.82 8.68
C GLU B 9 27.05 10.62 9.60
N TYR B 10 27.30 10.83 10.88
CA TYR B 10 27.18 9.76 11.86
C TYR B 10 25.74 9.64 12.35
N GLU B 11 25.23 10.73 12.90
CA GLU B 11 23.88 10.76 13.41
C GLU B 11 22.88 10.64 12.27
N ASN B 12 22.21 9.49 12.22
CA ASN B 12 21.22 9.22 11.19
C ASN B 12 19.86 8.98 11.83
N LEU B 13 18.80 9.23 11.08
CA LEU B 13 17.45 9.05 11.60
C LEU B 13 16.48 8.61 10.50
N GLU B 14 15.28 8.21 10.93
CA GLU B 14 14.21 7.76 10.03
C GLU B 14 14.52 6.43 9.37
N ASP B 15 13.63 5.46 9.58
CA ASP B 15 13.75 4.14 9.02
C ASP B 15 12.36 3.53 8.84
N ASN B 16 11.33 4.36 8.99
CA ASN B 16 9.96 3.90 8.88
C ASN B 16 9.45 3.96 7.46
N SER B 17 9.87 4.98 6.71
CA SER B 17 9.42 5.14 5.32
C SER B 17 9.87 3.96 4.46
N LYS B 18 10.92 3.28 4.91
CA LYS B 18 11.45 2.12 4.19
C LYS B 18 10.39 1.03 4.11
N GLU B 19 9.60 0.90 5.17
CA GLU B 19 8.56 -0.12 5.26
C GLU B 19 7.47 0.06 4.20
N TRP B 20 7.12 1.31 3.92
CA TRP B 20 6.08 1.60 2.94
C TRP B 20 6.56 1.25 1.53
N THR B 21 7.82 1.54 1.25
CA THR B 21 8.41 1.28 -0.05
C THR B 21 8.63 -0.22 -0.29
N SER B 22 8.66 -0.98 0.79
CA SER B 22 8.88 -2.42 0.72
C SER B 22 7.57 -3.17 0.40
N LEU B 23 6.67 -2.53 -0.34
CA LEU B 23 5.40 -3.15 -0.68
C LEU B 23 5.32 -3.57 -2.15
N PHE B 24 6.14 -2.99 -3.01
CA PHE B 24 6.08 -3.34 -4.43
C PHE B 24 7.38 -3.95 -4.95
N ASP B 25 8.36 -3.11 -5.24
CA ASP B 25 9.64 -3.58 -5.77
C ASP B 25 10.67 -3.73 -4.66
N ASN B 26 10.31 -4.53 -3.67
CA ASN B 26 11.19 -4.80 -2.54
C ASN B 26 12.21 -5.88 -2.91
N ASP B 27 11.90 -6.63 -3.96
CA ASP B 27 12.76 -7.70 -4.43
C ASP B 27 14.02 -7.14 -5.08
N ILE B 28 13.86 -6.50 -6.23
CA ILE B 28 14.98 -5.92 -6.95
C ILE B 28 14.90 -4.40 -6.98
N PRO B 29 15.60 -3.72 -6.06
CA PRO B 29 15.61 -2.26 -5.98
C PRO B 29 16.47 -1.63 -7.08
N VAL B 30 17.45 -2.37 -7.56
CA VAL B 30 18.34 -1.90 -8.62
C VAL B 30 18.75 -3.04 -9.52
N THR B 31 18.46 -2.92 -10.81
CA THR B 31 18.80 -3.95 -11.77
C THR B 31 19.93 -3.48 -12.68
N THR B 32 21.01 -4.23 -12.72
CA THR B 32 22.15 -3.89 -13.55
C THR B 32 22.14 -4.70 -14.84
N ASP B 33 23.11 -4.45 -15.70
CA ASP B 33 23.22 -5.17 -16.96
C ASP B 33 23.71 -6.59 -16.72
N ASP B 34 23.09 -7.54 -17.39
CA ASP B 34 23.46 -8.94 -17.23
C ASP B 34 24.43 -9.35 -18.33
N GLN A 1 5.05 -10.74 9.09
CA GLN A 1 4.67 -9.33 8.84
C GLN A 1 5.45 -8.40 9.76
N ARG A 2 4.79 -7.38 10.29
CA ARG A 2 5.42 -6.43 11.19
C ARG A 2 5.72 -7.09 12.54
N ARG A 3 6.95 -6.92 13.02
CA ARG A 3 7.36 -7.50 14.29
C ARG A 3 7.29 -6.46 15.39
N GLN A 4 6.25 -5.64 15.35
CA GLN A 4 6.03 -4.57 16.34
C GLN A 4 7.09 -3.49 16.22
N LEU A 5 6.70 -2.34 15.70
CA LEU A 5 7.61 -1.23 15.53
C LEU A 5 7.25 -0.08 16.46
N THR A 6 6.24 0.70 16.10
CA THR A 6 5.81 1.83 16.91
C THR A 6 4.29 1.84 17.01
N PRO A 7 3.75 2.06 18.22
CA PRO A 7 2.29 2.10 18.43
C PRO A 7 1.64 3.25 17.66
N GLN A 8 2.34 4.36 17.56
CA GLN A 8 1.83 5.54 16.88
C GLN A 8 1.68 5.33 15.37
N GLN A 9 2.69 4.72 14.75
CA GLN A 9 2.67 4.49 13.30
C GLN A 9 1.81 3.28 12.97
N GLN A 10 1.87 2.24 13.81
CA GLN A 10 1.10 1.03 13.58
C GLN A 10 -0.40 1.33 13.53
N GLN A 11 -0.82 2.38 14.25
CA GLN A 11 -2.22 2.77 14.27
C GLN A 11 -2.67 3.34 12.94
N LEU A 12 -1.75 4.01 12.25
CA LEU A 12 -2.05 4.62 10.96
C LEU A 12 -1.98 3.58 9.85
N VAL A 13 -0.96 2.73 9.90
CA VAL A 13 -0.79 1.69 8.89
C VAL A 13 -1.87 0.63 9.01
N ASN A 14 -2.48 0.52 10.18
CA ASN A 14 -3.53 -0.46 10.42
C ASN A 14 -4.68 -0.29 9.42
N GLN A 15 -4.96 0.96 9.05
CA GLN A 15 -6.03 1.23 8.10
C GLN A 15 -5.52 1.04 6.66
N MET A 16 -4.21 1.10 6.50
CA MET A 16 -3.58 0.96 5.18
C MET A 16 -3.40 -0.51 4.80
N LYS A 17 -3.88 -1.41 5.66
CA LYS A 17 -3.77 -2.84 5.40
C LYS A 17 -4.96 -3.31 4.58
N VAL A 18 -6.10 -2.70 4.84
CA VAL A 18 -7.33 -3.03 4.13
C VAL A 18 -8.09 -1.76 3.79
N ALA A 19 -7.69 -1.13 2.70
CA ALA A 19 -8.33 0.10 2.26
C ALA A 19 -8.24 0.24 0.74
N PRO A 20 -9.34 0.63 0.11
CA PRO A 20 -9.37 0.84 -1.34
C PRO A 20 -8.85 2.22 -1.74
N ILE A 21 -8.15 2.24 -2.85
CA ILE A 21 -7.56 3.45 -3.38
C ILE A 21 -8.62 4.31 -4.07
N PRO A 22 -8.74 5.57 -3.66
CA PRO A 22 -9.69 6.51 -4.27
C PRO A 22 -9.38 6.74 -5.73
N LYS A 23 -10.36 7.24 -6.46
CA LYS A 23 -10.22 7.50 -7.89
C LYS A 23 -9.11 8.52 -8.13
N GLN A 24 -8.99 9.49 -7.23
CA GLN A 24 -7.98 10.53 -7.34
C GLN A 24 -6.57 9.93 -7.43
N LEU A 25 -6.31 8.92 -6.63
CA LEU A 25 -5.01 8.28 -6.60
C LEU A 25 -4.87 7.22 -7.70
N LEU A 26 -5.99 6.60 -8.06
CA LEU A 26 -5.99 5.59 -9.11
C LEU A 26 -5.58 6.20 -10.46
N GLN A 27 -5.94 7.47 -10.63
CA GLN A 27 -5.63 8.20 -11.86
C GLN A 27 -4.14 8.55 -11.93
N ARG A 28 -3.41 8.22 -10.88
CA ARG A 28 -1.98 8.50 -10.83
C ARG A 28 -1.17 7.30 -11.32
N ILE A 29 -1.82 6.16 -11.48
CA ILE A 29 -1.14 4.96 -11.94
C ILE A 29 -1.65 4.53 -13.31
N PRO A 30 -0.97 4.95 -14.39
CA PRO A 30 -1.33 4.61 -15.75
C PRO A 30 -0.57 3.38 -16.25
N ASN A 31 -0.65 3.10 -17.55
CA ASN A 31 0.03 1.98 -18.21
C ASN A 31 -0.63 0.63 -17.86
N ILE A 32 -1.35 0.57 -16.76
CA ILE A 32 -2.01 -0.65 -16.34
C ILE A 32 -3.31 -0.33 -15.63
N PRO A 33 -4.42 -0.89 -16.10
CA PRO A 33 -5.73 -0.68 -15.51
C PRO A 33 -5.87 -1.46 -14.21
N PRO A 34 -6.16 -0.77 -13.11
CA PRO A 34 -6.32 -1.42 -11.80
C PRO A 34 -7.48 -2.44 -11.79
N ASN A 35 -8.60 -2.04 -12.42
CA ASN A 35 -9.82 -2.86 -12.52
C ASN A 35 -10.50 -3.04 -11.16
N ILE A 36 -9.96 -2.35 -10.18
CA ILE A 36 -10.49 -2.38 -8.82
C ILE A 36 -9.92 -1.23 -8.04
N ASN A 37 -10.17 -1.25 -6.74
CA ASN A 37 -9.66 -0.20 -5.87
C ASN A 37 -9.09 -0.77 -4.57
N THR A 38 -9.46 -1.99 -4.20
CA THR A 38 -8.95 -2.58 -2.96
C THR A 38 -7.48 -2.98 -3.11
N TRP A 39 -6.67 -2.61 -2.12
CA TRP A 39 -5.22 -2.88 -2.16
C TRP A 39 -4.89 -4.36 -2.27
N GLN A 40 -5.63 -5.20 -1.55
CA GLN A 40 -5.38 -6.64 -1.57
C GLN A 40 -5.54 -7.20 -2.98
N GLN A 41 -6.45 -6.59 -3.74
CA GLN A 41 -6.71 -7.02 -5.11
C GLN A 41 -5.80 -6.28 -6.10
N VAL A 42 -5.41 -5.06 -5.75
CA VAL A 42 -4.55 -4.24 -6.62
C VAL A 42 -3.19 -4.92 -6.83
N THR A 43 -2.73 -5.64 -5.82
CA THR A 43 -1.45 -6.32 -5.88
C THR A 43 -1.42 -7.40 -6.96
N ALA A 44 -2.59 -7.85 -7.40
CA ALA A 44 -2.70 -8.88 -8.43
C ALA A 44 -2.06 -8.44 -9.74
N LEU A 45 -2.03 -7.13 -9.96
CA LEU A 45 -1.43 -6.56 -11.17
C LEU A 45 0.03 -6.97 -11.28
N ALA A 46 0.70 -7.04 -10.14
CA ALA A 46 2.11 -7.41 -10.10
C ALA A 46 2.26 -8.92 -10.20
N GLN A 47 1.30 -9.64 -9.63
CA GLN A 47 1.32 -11.10 -9.65
C GLN A 47 1.04 -11.65 -11.03
N GLN A 48 0.25 -10.92 -11.81
CA GLN A 48 -0.08 -11.35 -13.17
C GLN A 48 0.95 -10.85 -14.18
N LYS A 49 2.05 -10.31 -13.65
CA LYS A 49 3.16 -9.81 -14.48
C LYS A 49 2.72 -8.67 -15.40
N LEU A 50 1.69 -7.93 -14.96
CA LEU A 50 1.19 -6.81 -15.76
C LEU A 50 1.90 -5.53 -15.34
N LEU A 51 2.27 -5.48 -14.06
CA LEU A 51 2.96 -4.33 -13.49
C LEU A 51 4.47 -4.55 -13.56
N THR A 52 5.14 -3.72 -14.34
CA THR A 52 6.58 -3.83 -14.50
C THR A 52 7.29 -3.18 -13.31
N PRO A 53 8.56 -3.55 -13.05
CA PRO A 53 9.35 -2.98 -11.95
C PRO A 53 9.40 -1.45 -12.01
N GLN A 54 9.13 -0.90 -13.19
CA GLN A 54 9.12 0.55 -13.38
C GLN A 54 7.89 1.15 -12.73
N ASP A 55 6.74 0.49 -12.88
CA ASP A 55 5.48 0.99 -12.33
C ASP A 55 5.48 0.78 -10.82
N MET A 56 6.30 -0.16 -10.37
CA MET A 56 6.42 -0.49 -8.96
C MET A 56 6.83 0.72 -8.14
N GLU A 57 7.61 1.61 -8.74
CA GLU A 57 8.09 2.80 -8.05
C GLU A 57 7.02 3.89 -8.03
N ALA A 58 6.08 3.80 -8.98
CA ALA A 58 5.01 4.78 -9.08
C ALA A 58 3.92 4.51 -8.04
N ALA A 59 3.64 3.24 -7.81
CA ALA A 59 2.62 2.84 -6.85
C ALA A 59 3.10 3.15 -5.43
N LYS A 60 4.40 3.24 -5.27
CA LYS A 60 4.99 3.54 -3.97
C LYS A 60 4.65 4.96 -3.53
N GLU A 61 4.32 5.82 -4.50
CA GLU A 61 3.95 7.19 -4.19
C GLU A 61 2.53 7.29 -3.70
N VAL A 62 1.65 6.52 -4.34
CA VAL A 62 0.23 6.50 -3.98
C VAL A 62 0.03 6.08 -2.52
N TYR A 63 0.82 5.09 -2.10
CA TYR A 63 0.74 4.57 -0.74
C TYR A 63 1.06 5.65 0.30
N LYS A 64 1.80 6.66 -0.11
CA LYS A 64 2.17 7.76 0.78
C LYS A 64 1.03 8.76 0.90
N ILE A 65 0.52 9.18 -0.26
CA ILE A 65 -0.57 10.15 -0.31
C ILE A 65 -1.85 9.56 0.27
N HIS A 66 -2.02 8.26 0.10
CA HIS A 66 -3.19 7.55 0.61
C HIS A 66 -3.32 7.72 2.12
N GLN A 67 -2.18 7.62 2.81
CA GLN A 67 -2.14 7.75 4.26
C GLN A 67 -2.60 9.14 4.68
N GLN A 68 -2.20 10.15 3.92
CA GLN A 68 -2.55 11.53 4.21
C GLN A 68 -4.04 11.76 4.04
N LEU A 69 -4.62 11.07 3.06
CA LEU A 69 -6.04 11.19 2.79
C LEU A 69 -6.86 10.48 3.85
N LEU A 70 -6.40 9.31 4.28
CA LEU A 70 -7.10 8.55 5.30
C LEU A 70 -7.16 9.34 6.60
N PHE A 71 -6.11 10.10 6.87
CA PHE A 71 -6.03 10.93 8.07
C PHE A 71 -7.19 11.92 8.12
N LYS A 72 -7.57 12.41 6.94
CA LYS A 72 -8.67 13.37 6.83
C LYS A 72 -9.99 12.69 7.12
N ALA A 73 -10.17 11.50 6.57
CA ALA A 73 -11.39 10.74 6.77
C ALA A 73 -11.54 10.30 8.22
N ARG A 74 -10.41 10.03 8.87
CA ARG A 74 -10.41 9.63 10.27
C ARG A 74 -10.92 10.76 11.13
N LEU A 75 -10.67 11.98 10.70
CA LEU A 75 -11.10 13.17 11.43
C LEU A 75 -12.57 13.48 11.15
N GLN A 76 -12.92 13.54 9.88
CA GLN A 76 -14.30 13.85 9.49
C GLN A 76 -14.77 12.94 8.36
N GLN A 77 -15.82 12.18 8.62
CA GLN A 77 -16.38 11.28 7.61
C GLN A 77 -17.50 11.99 6.84
N GLN A 78 -18.33 12.71 7.56
CA GLN A 78 -19.44 13.44 6.96
C GLN A 78 -19.45 14.90 7.42
N GLN A 79 -18.32 15.32 7.99
CA GLN A 79 -18.15 16.68 8.49
C GLN A 79 -19.11 16.97 9.65
N ALA A 80 -18.62 16.78 10.86
CA ALA A 80 -19.42 17.01 12.05
C ALA A 80 -19.66 18.50 12.27
N GLN A 81 -20.88 18.93 12.02
CA GLN A 81 -21.25 20.33 12.17
C GLN A 81 -22.44 20.42 13.13
N SER B 1 26.66 22.13 25.29
CA SER B 1 27.14 20.78 24.93
C SER B 1 26.34 20.24 23.74
N THR B 2 26.98 20.19 22.58
CA THR B 2 26.32 19.70 21.38
C THR B 2 26.33 18.17 21.34
N ASP B 3 27.40 17.58 21.87
CA ASP B 3 27.53 16.12 21.92
C ASP B 3 26.69 15.58 23.07
N SER B 4 25.71 14.74 22.76
CA SER B 4 24.85 14.18 23.78
C SER B 4 24.38 12.79 23.41
N THR B 5 25.03 11.78 24.00
CA THR B 5 24.73 10.36 23.78
C THR B 5 24.54 10.02 22.31
N PRO B 6 25.64 9.91 21.55
CA PRO B 6 25.61 9.56 20.13
C PRO B 6 25.24 8.10 19.92
N MET B 7 24.36 7.85 18.97
CA MET B 7 23.94 6.49 18.67
C MET B 7 24.83 5.88 17.60
N PHE B 8 24.90 4.56 17.59
CA PHE B 8 25.72 3.85 16.63
C PHE B 8 24.86 3.00 15.70
N GLU B 9 23.81 2.40 16.26
CA GLU B 9 22.90 1.56 15.50
C GLU B 9 21.86 2.39 14.76
N TYR B 10 21.92 2.36 13.43
CA TYR B 10 20.98 3.10 12.62
C TYR B 10 20.37 2.19 11.56
N GLU B 11 19.10 1.85 11.78
CA GLU B 11 18.38 0.98 10.85
C GLU B 11 17.94 1.75 9.62
N ASN B 12 18.67 1.55 8.52
CA ASN B 12 18.38 2.23 7.27
C ASN B 12 19.24 1.65 6.17
N LEU B 13 18.95 2.04 4.93
CA LEU B 13 19.69 1.59 3.75
C LEU B 13 19.56 0.08 3.56
N GLU B 14 18.38 -0.38 3.20
CA GLU B 14 18.16 -1.79 2.96
C GLU B 14 17.26 -2.00 1.74
N ASP B 15 17.58 -3.02 0.97
CA ASP B 15 16.83 -3.35 -0.24
C ASP B 15 15.62 -4.20 0.08
N ASN B 16 14.82 -3.75 1.05
CA ASN B 16 13.64 -4.50 1.47
C ASN B 16 12.38 -4.04 0.72
N SER B 17 12.54 -3.18 -0.27
CA SER B 17 11.42 -2.68 -1.04
C SER B 17 10.81 -3.77 -1.92
N LYS B 18 11.54 -4.88 -2.05
CA LYS B 18 11.10 -6.01 -2.86
C LYS B 18 9.89 -6.71 -2.23
N GLU B 19 9.70 -6.51 -0.93
CA GLU B 19 8.59 -7.13 -0.21
C GLU B 19 7.40 -6.19 -0.10
N TRP B 20 7.32 -5.23 -1.00
CA TRP B 20 6.23 -4.25 -0.99
C TRP B 20 4.89 -4.94 -1.26
N THR B 21 4.86 -5.80 -2.27
CA THR B 21 3.65 -6.53 -2.64
C THR B 21 3.25 -7.51 -1.54
N SER B 22 4.24 -8.06 -0.86
CA SER B 22 4.02 -9.04 0.21
C SER B 22 3.27 -8.44 1.40
N LEU B 23 3.25 -7.12 1.50
CA LEU B 23 2.56 -6.45 2.60
C LEU B 23 1.05 -6.61 2.47
N PHE B 24 0.58 -6.74 1.24
CA PHE B 24 -0.84 -6.89 0.99
C PHE B 24 -1.20 -8.34 0.72
N ASP B 25 -0.56 -8.95 -0.27
CA ASP B 25 -0.83 -10.33 -0.63
C ASP B 25 0.47 -11.08 -0.90
N ASN B 26 0.59 -12.26 -0.33
CA ASN B 26 1.77 -13.09 -0.51
C ASN B 26 1.36 -14.50 -0.93
N ASP B 27 0.10 -14.65 -1.32
CA ASP B 27 -0.40 -15.95 -1.74
C ASP B 27 -0.17 -16.15 -3.23
N ILE B 28 0.57 -17.19 -3.57
CA ILE B 28 0.87 -17.49 -4.96
C ILE B 28 0.58 -18.96 -5.28
N PRO B 29 -0.39 -19.21 -6.18
CA PRO B 29 -0.76 -20.57 -6.57
C PRO B 29 0.26 -21.20 -7.51
N VAL B 30 0.82 -22.34 -7.11
CA VAL B 30 1.81 -23.02 -7.92
C VAL B 30 1.40 -24.47 -8.16
N THR B 31 1.08 -24.80 -9.40
CA THR B 31 0.68 -26.14 -9.75
C THR B 31 1.91 -26.97 -10.14
N THR B 32 2.07 -28.12 -9.51
CA THR B 32 3.21 -28.98 -9.81
C THR B 32 2.79 -30.18 -10.65
N ASP B 33 2.90 -30.05 -11.96
CA ASP B 33 2.54 -31.13 -12.86
C ASP B 33 3.73 -32.05 -13.08
N ASP B 34 3.51 -33.34 -12.96
CA ASP B 34 4.56 -34.32 -13.15
C ASP B 34 4.04 -35.50 -13.93
N GLN A 1 3.01 -7.26 30.55
CA GLN A 1 4.38 -6.80 30.81
C GLN A 1 5.23 -6.84 29.54
N ARG A 2 4.80 -7.63 28.56
CA ARG A 2 5.53 -7.74 27.30
C ARG A 2 4.60 -7.54 26.12
N ARG A 3 4.36 -6.29 25.77
CA ARG A 3 3.48 -5.96 24.66
C ARG A 3 4.08 -4.85 23.81
N GLN A 4 4.44 -5.16 22.59
CA GLN A 4 5.02 -4.18 21.68
C GLN A 4 3.92 -3.60 20.78
N LEU A 5 4.21 -2.45 20.16
CA LEU A 5 3.28 -1.76 19.27
C LEU A 5 2.16 -1.09 20.05
N THR A 6 2.07 0.21 19.91
CA THR A 6 1.05 0.98 20.60
C THR A 6 -0.30 0.86 19.87
N PRO A 7 -1.40 0.75 20.63
CA PRO A 7 -2.74 0.63 20.04
C PRO A 7 -3.13 1.86 19.23
N GLN A 8 -2.48 2.98 19.54
CA GLN A 8 -2.74 4.23 18.84
C GLN A 8 -2.10 4.22 17.45
N GLN A 9 -0.84 3.81 17.39
CA GLN A 9 -0.12 3.76 16.12
C GLN A 9 -0.71 2.67 15.24
N GLN A 10 -1.06 1.56 15.86
CA GLN A 10 -1.63 0.43 15.14
C GLN A 10 -2.97 0.79 14.50
N GLN A 11 -3.69 1.72 15.12
CA GLN A 11 -4.99 2.15 14.61
C GLN A 11 -4.89 2.68 13.19
N LEU A 12 -3.82 3.43 12.92
CA LEU A 12 -3.63 4.00 11.60
C LEU A 12 -2.92 3.01 10.66
N VAL A 13 -1.95 2.29 11.21
CA VAL A 13 -1.17 1.34 10.43
C VAL A 13 -2.01 0.17 9.91
N ASN A 14 -2.89 -0.34 10.76
CA ASN A 14 -3.73 -1.48 10.39
C ASN A 14 -4.67 -1.15 9.22
N GLN A 15 -5.06 0.11 9.13
CA GLN A 15 -5.96 0.57 8.08
C GLN A 15 -5.21 0.74 6.76
N MET A 16 -3.89 0.85 6.85
CA MET A 16 -3.05 1.03 5.68
C MET A 16 -2.74 -0.31 5.00
N LYS A 17 -3.39 -1.37 5.43
CA LYS A 17 -3.16 -2.68 4.84
C LYS A 17 -4.26 -3.03 3.85
N VAL A 18 -5.45 -3.31 4.37
CA VAL A 18 -6.57 -3.63 3.51
C VAL A 18 -7.44 -2.41 3.32
N ALA A 19 -7.04 -1.59 2.39
CA ALA A 19 -7.75 -0.36 2.08
C ALA A 19 -7.89 -0.18 0.58
N PRO A 20 -9.02 0.35 0.12
CA PRO A 20 -9.26 0.60 -1.29
C PRO A 20 -8.71 1.94 -1.76
N ILE A 21 -8.28 1.98 -3.01
CA ILE A 21 -7.74 3.19 -3.60
C ILE A 21 -8.86 4.06 -4.15
N PRO A 22 -8.94 5.33 -3.71
CA PRO A 22 -9.96 6.26 -4.17
C PRO A 22 -9.78 6.64 -5.63
N LYS A 23 -10.86 7.14 -6.25
CA LYS A 23 -10.85 7.54 -7.65
C LYS A 23 -9.72 8.51 -7.96
N GLN A 24 -9.52 9.48 -7.07
CA GLN A 24 -8.48 10.49 -7.24
C GLN A 24 -7.09 9.85 -7.42
N LEU A 25 -6.86 8.75 -6.72
CA LEU A 25 -5.57 8.08 -6.80
C LEU A 25 -5.56 7.00 -7.88
N LEU A 26 -6.73 6.50 -8.24
CA LEU A 26 -6.83 5.48 -9.28
C LEU A 26 -6.41 6.07 -10.63
N GLN A 27 -6.65 7.36 -10.78
CA GLN A 27 -6.32 8.08 -12.01
C GLN A 27 -4.82 8.39 -12.09
N ARG A 28 -4.07 8.03 -11.05
CA ARG A 28 -2.64 8.28 -11.01
C ARG A 28 -1.87 7.27 -11.87
N ILE A 29 -2.45 6.09 -12.05
CA ILE A 29 -1.81 5.05 -12.84
C ILE A 29 -2.57 4.85 -14.15
N PRO A 30 -2.07 5.43 -15.25
CA PRO A 30 -2.70 5.32 -16.56
C PRO A 30 -2.17 4.13 -17.36
N ASN A 31 -2.86 3.82 -18.45
CA ASN A 31 -2.52 2.71 -19.36
C ASN A 31 -2.85 1.35 -18.76
N ILE A 32 -2.96 1.28 -17.45
CA ILE A 32 -3.28 0.02 -16.77
C ILE A 32 -4.46 0.20 -15.85
N PRO A 33 -5.55 -0.55 -16.08
CA PRO A 33 -6.74 -0.49 -15.25
C PRO A 33 -6.72 -1.52 -14.13
N PRO A 34 -6.64 -1.08 -12.87
CA PRO A 34 -6.65 -1.99 -11.72
C PRO A 34 -7.91 -2.87 -11.69
N ASN A 35 -9.06 -2.24 -11.99
CA ASN A 35 -10.38 -2.91 -12.01
C ASN A 35 -10.76 -3.46 -10.64
N ILE A 36 -10.03 -3.02 -9.63
CA ILE A 36 -10.29 -3.44 -8.26
C ILE A 36 -10.12 -2.25 -7.34
N ASN A 37 -10.56 -2.37 -6.10
CA ASN A 37 -10.44 -1.28 -5.17
C ASN A 37 -9.44 -1.57 -4.04
N THR A 38 -9.46 -2.78 -3.48
CA THR A 38 -8.58 -3.13 -2.37
C THR A 38 -7.12 -3.32 -2.81
N TRP A 39 -6.22 -2.75 -2.01
CA TRP A 39 -4.77 -2.79 -2.26
C TRP A 39 -4.23 -4.21 -2.47
N GLN A 40 -4.69 -5.15 -1.66
CA GLN A 40 -4.21 -6.52 -1.75
C GLN A 40 -4.54 -7.17 -3.09
N GLN A 41 -5.69 -6.83 -3.66
CA GLN A 41 -6.09 -7.41 -4.93
C GLN A 41 -5.54 -6.64 -6.13
N VAL A 42 -5.53 -5.31 -6.04
CA VAL A 42 -5.04 -4.48 -7.15
C VAL A 42 -3.57 -4.75 -7.47
N THR A 43 -2.82 -5.21 -6.49
CA THR A 43 -1.40 -5.48 -6.68
C THR A 43 -1.16 -6.83 -7.35
N ALA A 44 -2.15 -7.72 -7.31
CA ALA A 44 -2.02 -9.04 -7.92
C ALA A 44 -1.73 -8.94 -9.42
N LEU A 45 -2.15 -7.83 -10.02
CA LEU A 45 -1.95 -7.59 -11.44
C LEU A 45 -0.46 -7.46 -11.80
N ALA A 46 0.35 -7.18 -10.79
CA ALA A 46 1.79 -7.02 -10.97
C ALA A 46 2.42 -8.24 -11.65
N GLN A 47 2.10 -9.41 -11.13
CA GLN A 47 2.64 -10.65 -11.67
C GLN A 47 1.82 -11.19 -12.83
N GLN A 48 0.70 -10.54 -13.12
CA GLN A 48 -0.19 -10.97 -14.19
C GLN A 48 0.26 -10.40 -15.53
N LYS A 49 1.54 -10.06 -15.63
CA LYS A 49 2.12 -9.50 -16.86
C LYS A 49 1.35 -8.27 -17.33
N LEU A 50 1.22 -7.29 -16.45
CA LEU A 50 0.49 -6.07 -16.78
C LEU A 50 1.30 -4.83 -16.43
N LEU A 51 2.01 -4.90 -15.31
CA LEU A 51 2.82 -3.78 -14.85
C LEU A 51 4.28 -3.96 -15.24
N THR A 52 4.91 -2.86 -15.61
CA THR A 52 6.31 -2.88 -16.00
C THR A 52 7.17 -2.40 -14.83
N PRO A 53 8.50 -2.62 -14.87
CA PRO A 53 9.41 -2.15 -13.82
C PRO A 53 9.32 -0.64 -13.62
N GLN A 54 8.73 0.05 -14.59
CA GLN A 54 8.56 1.49 -14.52
C GLN A 54 7.26 1.85 -13.81
N ASP A 55 6.23 1.02 -14.00
CA ASP A 55 4.93 1.25 -13.39
C ASP A 55 4.95 0.88 -11.91
N MET A 56 5.77 -0.09 -11.57
CA MET A 56 5.89 -0.55 -10.19
C MET A 56 6.37 0.56 -9.27
N GLU A 57 7.11 1.52 -9.83
CA GLU A 57 7.63 2.64 -9.06
C GLU A 57 6.58 3.74 -8.93
N ALA A 58 5.66 3.80 -9.88
CA ALA A 58 4.61 4.82 -9.87
C ALA A 58 3.58 4.53 -8.78
N ALA A 59 3.46 3.26 -8.41
CA ALA A 59 2.52 2.85 -7.38
C ALA A 59 2.97 3.33 -6.00
N LYS A 60 4.27 3.61 -5.88
CA LYS A 60 4.82 4.07 -4.61
C LYS A 60 4.29 5.45 -4.27
N GLU A 61 4.15 6.29 -5.28
CA GLU A 61 3.63 7.64 -5.08
C GLU A 61 2.20 7.60 -4.60
N VAL A 62 1.42 6.70 -5.20
CA VAL A 62 0.02 6.54 -4.85
C VAL A 62 -0.13 6.22 -3.36
N TYR A 63 0.69 5.31 -2.88
CA TYR A 63 0.66 4.92 -1.47
C TYR A 63 1.00 6.09 -0.56
N LYS A 64 1.98 6.89 -0.96
CA LYS A 64 2.42 8.03 -0.17
C LYS A 64 1.33 9.11 -0.11
N ILE A 65 0.57 9.26 -1.17
CA ILE A 65 -0.50 10.25 -1.20
C ILE A 65 -1.72 9.72 -0.46
N HIS A 66 -1.87 8.40 -0.47
CA HIS A 66 -3.00 7.74 0.20
C HIS A 66 -2.91 7.91 1.71
N GLN A 67 -1.73 7.65 2.27
CA GLN A 67 -1.53 7.78 3.71
C GLN A 67 -1.64 9.23 4.17
N GLN A 68 -1.42 10.16 3.25
CA GLN A 68 -1.50 11.58 3.57
C GLN A 68 -2.93 11.96 3.95
N LEU A 69 -3.87 11.61 3.10
CA LEU A 69 -5.29 11.93 3.33
C LEU A 69 -5.79 11.30 4.62
N LEU A 70 -5.42 10.04 4.84
CA LEU A 70 -5.85 9.32 6.02
C LEU A 70 -5.23 9.91 7.29
N PHE A 71 -3.96 10.28 7.21
CA PHE A 71 -3.27 10.88 8.35
C PHE A 71 -3.90 12.22 8.69
N LYS A 72 -4.24 12.98 7.66
CA LYS A 72 -4.86 14.28 7.82
C LYS A 72 -6.24 14.15 8.47
N ALA A 73 -7.02 13.19 7.99
CA ALA A 73 -8.35 12.94 8.51
C ALA A 73 -8.31 12.44 9.96
N ARG A 74 -7.23 11.75 10.30
CA ARG A 74 -7.06 11.24 11.65
C ARG A 74 -6.78 12.37 12.63
N LEU A 75 -5.97 13.33 12.18
CA LEU A 75 -5.61 14.48 13.00
C LEU A 75 -6.72 15.52 13.01
N GLN A 76 -7.09 16.01 11.83
CA GLN A 76 -8.12 17.02 11.72
C GLN A 76 -9.40 16.44 11.14
N GLN A 77 -10.44 16.41 11.95
CA GLN A 77 -11.73 15.87 11.53
C GLN A 77 -12.48 16.89 10.67
N GLN A 78 -12.41 18.15 11.06
CA GLN A 78 -13.09 19.21 10.33
C GLN A 78 -12.06 20.06 9.61
N GLN A 79 -12.52 20.86 8.65
CA GLN A 79 -11.63 21.73 7.89
C GLN A 79 -12.03 23.19 8.08
N ALA A 80 -11.03 24.03 8.30
CA ALA A 80 -11.27 25.45 8.48
C ALA A 80 -11.45 26.14 7.14
N GLN A 81 -10.42 26.05 6.30
CA GLN A 81 -10.43 26.66 4.99
C GLN A 81 -9.44 25.96 4.07
N SER B 1 29.03 -9.90 21.60
CA SER B 1 29.46 -8.63 20.97
C SER B 1 29.58 -8.81 19.46
N THR B 2 29.01 -7.88 18.72
CA THR B 2 29.06 -7.91 17.27
C THR B 2 28.76 -6.53 16.69
N ASP B 3 29.53 -6.13 15.70
CA ASP B 3 29.34 -4.84 15.04
C ASP B 3 29.26 -5.05 13.54
N SER B 4 30.34 -5.62 12.99
CA SER B 4 30.41 -5.88 11.56
C SER B 4 30.66 -7.37 11.33
N THR B 5 31.21 -8.04 12.33
CA THR B 5 31.50 -9.45 12.25
C THR B 5 30.70 -10.23 13.29
N PRO B 6 29.70 -11.00 12.85
CA PRO B 6 28.84 -11.80 13.73
C PRO B 6 29.64 -12.86 14.49
N MET B 7 30.09 -12.51 15.68
CA MET B 7 30.87 -13.42 16.50
C MET B 7 29.96 -14.41 17.22
N PHE B 8 29.36 -13.98 18.32
CA PHE B 8 28.47 -14.84 19.09
C PHE B 8 27.04 -14.65 18.61
N GLU B 9 26.66 -13.40 18.42
CA GLU B 9 25.33 -13.06 17.95
C GLU B 9 25.30 -12.99 16.43
N TYR B 10 24.16 -13.30 15.84
CA TYR B 10 23.99 -13.27 14.40
C TYR B 10 22.81 -12.37 14.06
N GLU B 11 23.10 -11.22 13.49
CA GLU B 11 22.07 -10.25 13.12
C GLU B 11 21.39 -10.67 11.82
N ASN B 12 20.07 -10.61 11.82
CA ASN B 12 19.28 -10.97 10.64
C ASN B 12 18.18 -9.93 10.43
N LEU B 13 18.36 -9.08 9.43
CA LEU B 13 17.40 -8.02 9.13
C LEU B 13 17.09 -7.96 7.65
N GLU B 14 16.27 -6.99 7.26
CA GLU B 14 15.89 -6.81 5.87
C GLU B 14 16.93 -5.94 5.15
N ASP B 15 16.55 -5.35 4.03
CA ASP B 15 17.45 -4.50 3.28
C ASP B 15 16.98 -3.05 3.33
N ASN B 16 15.82 -2.78 2.75
CA ASN B 16 15.27 -1.45 2.73
C ASN B 16 13.74 -1.49 2.77
N SER B 17 13.14 -2.01 1.71
CA SER B 17 11.69 -2.11 1.60
C SER B 17 11.30 -3.26 0.68
N LYS B 18 11.86 -4.43 0.93
CA LYS B 18 11.62 -5.62 0.12
C LYS B 18 10.15 -6.05 0.17
N GLU B 19 9.44 -5.65 1.24
CA GLU B 19 8.03 -6.00 1.39
C GLU B 19 7.22 -5.52 0.19
N TRP B 20 7.42 -4.27 -0.19
CA TRP B 20 6.71 -3.67 -1.32
C TRP B 20 7.04 -4.39 -2.62
N THR B 21 8.33 -4.64 -2.85
CA THR B 21 8.80 -5.29 -4.06
C THR B 21 8.30 -6.74 -4.16
N SER B 22 7.97 -7.35 -3.02
CA SER B 22 7.49 -8.72 -3.00
C SER B 22 6.14 -8.86 -3.73
N LEU B 23 5.39 -7.76 -3.79
CA LEU B 23 4.09 -7.76 -4.44
C LEU B 23 4.24 -7.75 -5.96
N PHE B 24 5.48 -7.66 -6.42
CA PHE B 24 5.78 -7.65 -7.84
C PHE B 24 6.64 -8.86 -8.19
N ASP B 25 6.59 -9.88 -7.34
CA ASP B 25 7.37 -11.09 -7.56
C ASP B 25 6.62 -12.34 -7.10
N ASN B 26 5.92 -12.23 -5.98
CA ASN B 26 5.15 -13.35 -5.46
C ASN B 26 3.78 -13.43 -6.11
N ASP B 27 3.52 -14.54 -6.80
CA ASP B 27 2.25 -14.74 -7.48
C ASP B 27 1.54 -15.97 -6.96
N ILE B 28 0.35 -16.24 -7.49
CA ILE B 28 -0.44 -17.39 -7.08
C ILE B 28 -0.71 -18.32 -8.26
N PRO B 29 -0.24 -19.59 -8.18
CA PRO B 29 -0.45 -20.58 -9.24
C PRO B 29 -1.91 -20.93 -9.43
N VAL B 30 -2.53 -21.43 -8.37
CA VAL B 30 -3.94 -21.84 -8.38
C VAL B 30 -4.16 -23.02 -9.32
N THR B 31 -4.09 -24.23 -8.75
CA THR B 31 -4.28 -25.44 -9.53
C THR B 31 -5.66 -26.04 -9.25
N THR B 32 -6.69 -25.39 -9.78
CA THR B 32 -8.06 -25.83 -9.60
C THR B 32 -8.36 -27.06 -10.45
N ASP B 33 -8.23 -28.23 -9.85
CA ASP B 33 -8.47 -29.48 -10.56
C ASP B 33 -9.89 -29.99 -10.31
N ASP B 34 -10.58 -30.34 -11.38
CA ASP B 34 -11.95 -30.84 -11.29
C ASP B 34 -12.05 -32.18 -11.99
N GLN A 1 3.41 -4.07 25.35
CA GLN A 1 2.51 -4.74 24.39
C GLN A 1 3.06 -4.58 22.98
N ARG A 2 3.07 -5.68 22.21
CA ARG A 2 3.58 -5.64 20.85
C ARG A 2 2.46 -5.50 19.83
N ARG A 3 1.33 -6.16 20.08
CA ARG A 3 0.20 -6.09 19.16
C ARG A 3 -0.60 -4.80 19.37
N GLN A 4 -0.77 -4.41 20.61
CA GLN A 4 -1.50 -3.19 20.92
C GLN A 4 -0.52 -2.11 21.33
N LEU A 5 -0.45 -1.06 20.54
CA LEU A 5 0.46 0.03 20.81
C LEU A 5 -0.33 1.28 21.15
N THR A 6 -1.01 1.82 20.16
CA THR A 6 -1.80 3.02 20.33
C THR A 6 -3.03 2.99 19.43
N PRO A 7 -4.20 3.38 19.96
CA PRO A 7 -5.44 3.40 19.17
C PRO A 7 -5.32 4.27 17.92
N GLN A 8 -4.60 5.38 18.03
CA GLN A 8 -4.42 6.29 16.91
C GLN A 8 -3.53 5.67 15.82
N GLN A 9 -2.41 5.07 16.23
CA GLN A 9 -1.49 4.46 15.28
C GLN A 9 -2.07 3.18 14.71
N GLN A 10 -2.75 2.42 15.57
CA GLN A 10 -3.37 1.18 15.16
C GLN A 10 -4.38 1.42 14.05
N GLN A 11 -5.13 2.51 14.17
CA GLN A 11 -6.14 2.88 13.19
C GLN A 11 -5.54 3.19 11.84
N LEU A 12 -4.25 3.52 11.81
CA LEU A 12 -3.59 3.84 10.56
C LEU A 12 -3.12 2.58 9.83
N VAL A 13 -2.41 1.73 10.55
CA VAL A 13 -1.88 0.50 9.95
C VAL A 13 -2.96 -0.53 9.67
N ASN A 14 -3.96 -0.63 10.53
CA ASN A 14 -5.03 -1.60 10.34
C ASN A 14 -5.93 -1.23 9.18
N GLN A 15 -6.02 0.06 8.87
CA GLN A 15 -6.85 0.53 7.78
C GLN A 15 -6.11 0.43 6.45
N MET A 16 -4.85 0.85 6.44
CA MET A 16 -4.02 0.81 5.23
C MET A 16 -3.71 -0.63 4.83
N LYS A 17 -3.98 -1.57 5.72
CA LYS A 17 -3.74 -2.97 5.47
C LYS A 17 -4.64 -3.45 4.33
N VAL A 18 -5.90 -3.04 4.39
CA VAL A 18 -6.88 -3.38 3.38
C VAL A 18 -7.82 -2.21 3.15
N ALA A 19 -7.39 -1.30 2.31
CA ALA A 19 -8.21 -0.14 1.99
C ALA A 19 -8.25 0.10 0.49
N PRO A 20 -9.39 0.56 -0.03
CA PRO A 20 -9.55 0.87 -1.45
C PRO A 20 -9.02 2.26 -1.78
N ILE A 21 -8.30 2.36 -2.88
CA ILE A 21 -7.75 3.66 -3.29
C ILE A 21 -8.85 4.54 -3.86
N PRO A 22 -8.89 5.82 -3.45
CA PRO A 22 -9.88 6.78 -3.95
C PRO A 22 -9.82 6.95 -5.46
N LYS A 23 -10.88 7.52 -6.03
CA LYS A 23 -10.97 7.72 -7.48
C LYS A 23 -9.75 8.44 -8.06
N GLN A 24 -9.32 9.49 -7.37
CA GLN A 24 -8.17 10.28 -7.82
C GLN A 24 -6.88 9.46 -7.81
N LEU A 25 -6.74 8.58 -6.83
CA LEU A 25 -5.56 7.75 -6.71
C LEU A 25 -5.64 6.54 -7.64
N LEU A 26 -6.86 6.11 -7.93
CA LEU A 26 -7.09 4.97 -8.82
C LEU A 26 -6.72 5.34 -10.26
N GLN A 27 -7.10 6.54 -10.66
CA GLN A 27 -6.81 7.02 -12.01
C GLN A 27 -5.36 7.40 -12.18
N ARG A 28 -4.60 7.31 -11.10
CA ARG A 28 -3.19 7.64 -11.12
C ARG A 28 -2.39 6.55 -11.83
N ILE A 29 -2.94 5.34 -11.87
CA ILE A 29 -2.26 4.23 -12.51
C ILE A 29 -3.01 3.79 -13.77
N PRO A 30 -2.52 4.21 -14.95
CA PRO A 30 -3.12 3.86 -16.23
C PRO A 30 -2.47 2.63 -16.89
N ASN A 31 -2.89 2.36 -18.13
CA ASN A 31 -2.38 1.24 -18.96
C ASN A 31 -2.91 -0.12 -18.49
N ILE A 32 -3.35 -0.19 -17.25
CA ILE A 32 -3.87 -1.43 -16.68
C ILE A 32 -5.04 -1.12 -15.78
N PRO A 33 -6.20 -1.74 -16.07
CA PRO A 33 -7.40 -1.53 -15.28
C PRO A 33 -7.45 -2.44 -14.06
N PRO A 34 -7.33 -1.86 -12.85
CA PRO A 34 -7.37 -2.62 -11.61
C PRO A 34 -8.66 -3.42 -11.50
N ASN A 35 -9.78 -2.77 -11.83
CA ASN A 35 -11.10 -3.39 -11.82
C ASN A 35 -11.50 -3.83 -10.42
N ILE A 36 -10.85 -3.29 -9.40
CA ILE A 36 -11.15 -3.64 -8.03
C ILE A 36 -11.01 -2.43 -7.13
N ASN A 37 -11.47 -2.55 -5.90
CA ASN A 37 -11.40 -1.46 -4.94
C ASN A 37 -10.83 -1.96 -3.62
N THR A 38 -9.60 -2.46 -3.65
CA THR A 38 -8.91 -2.94 -2.45
C THR A 38 -7.42 -3.05 -2.73
N TRP A 39 -6.60 -2.58 -1.79
CA TRP A 39 -5.14 -2.63 -1.96
C TRP A 39 -4.63 -4.06 -2.13
N GLN A 40 -5.34 -4.99 -1.49
CA GLN A 40 -4.97 -6.40 -1.56
C GLN A 40 -5.04 -6.91 -2.99
N GLN A 41 -6.03 -6.43 -3.74
CA GLN A 41 -6.22 -6.83 -5.12
C GLN A 41 -5.39 -5.95 -6.06
N VAL A 42 -5.04 -4.74 -5.59
CA VAL A 42 -4.24 -3.82 -6.37
C VAL A 42 -2.81 -4.36 -6.51
N THR A 43 -2.29 -4.92 -5.43
CA THR A 43 -0.95 -5.47 -5.41
C THR A 43 -0.87 -6.77 -6.21
N ALA A 44 -2.02 -7.41 -6.40
CA ALA A 44 -2.10 -8.67 -7.14
C ALA A 44 -1.70 -8.47 -8.61
N LEU A 45 -1.84 -7.25 -9.10
CA LEU A 45 -1.49 -6.93 -10.48
C LEU A 45 0.01 -7.10 -10.71
N ALA A 46 0.79 -6.90 -9.65
CA ALA A 46 2.23 -7.02 -9.74
C ALA A 46 2.65 -8.49 -9.80
N GLN A 47 1.86 -9.35 -9.18
CA GLN A 47 2.14 -10.79 -9.15
C GLN A 47 1.94 -11.41 -10.53
N GLN A 48 1.23 -10.70 -11.39
CA GLN A 48 0.97 -11.18 -12.75
C GLN A 48 2.13 -10.78 -13.66
N LYS A 49 3.16 -10.16 -13.07
CA LYS A 49 4.36 -9.72 -13.78
C LYS A 49 4.03 -8.66 -14.84
N LEU A 50 2.93 -7.95 -14.64
CA LEU A 50 2.51 -6.90 -15.57
C LEU A 50 3.17 -5.58 -15.21
N LEU A 51 3.56 -5.45 -13.96
CA LEU A 51 4.18 -4.24 -13.46
C LEU A 51 5.68 -4.23 -13.79
N THR A 52 6.13 -3.15 -14.37
CA THR A 52 7.54 -3.00 -14.72
C THR A 52 8.19 -1.98 -13.77
N PRO A 53 9.53 -1.87 -13.76
CA PRO A 53 10.23 -0.93 -12.87
C PRO A 53 9.78 0.52 -13.04
N GLN A 54 9.22 0.84 -14.20
CA GLN A 54 8.77 2.20 -14.47
C GLN A 54 7.42 2.48 -13.80
N ASP A 55 6.60 1.44 -13.64
CA ASP A 55 5.29 1.59 -13.01
C ASP A 55 5.44 1.46 -11.50
N MET A 56 6.50 0.78 -11.09
CA MET A 56 6.79 0.54 -9.68
C MET A 56 6.82 1.84 -8.87
N GLU A 57 7.56 2.82 -9.37
CA GLU A 57 7.69 4.11 -8.69
C GLU A 57 6.36 4.85 -8.64
N ALA A 58 5.49 4.57 -9.58
CA ALA A 58 4.19 5.22 -9.65
C ALA A 58 3.22 4.62 -8.64
N ALA A 59 3.22 3.29 -8.54
CA ALA A 59 2.32 2.59 -7.63
C ALA A 59 2.73 2.82 -6.18
N LYS A 60 4.03 2.90 -5.95
CA LYS A 60 4.54 3.12 -4.60
C LYS A 60 4.10 4.47 -4.06
N GLU A 61 4.03 5.47 -4.94
CA GLU A 61 3.62 6.81 -4.52
C GLU A 61 2.17 6.82 -4.10
N VAL A 62 1.34 6.05 -4.78
CA VAL A 62 -0.09 5.98 -4.47
C VAL A 62 -0.29 5.51 -3.03
N TYR A 63 0.44 4.46 -2.65
CA TYR A 63 0.35 3.91 -1.30
C TYR A 63 0.79 4.96 -0.27
N LYS A 64 1.87 5.67 -0.59
CA LYS A 64 2.42 6.69 0.30
C LYS A 64 1.50 7.90 0.44
N ILE A 65 0.82 8.27 -0.64
CA ILE A 65 -0.10 9.41 -0.61
C ILE A 65 -1.39 9.05 0.11
N HIS A 66 -1.87 7.83 -0.12
CA HIS A 66 -3.10 7.34 0.49
C HIS A 66 -3.05 7.45 2.01
N GLN A 67 -1.99 6.93 2.60
CA GLN A 67 -1.81 6.95 4.05
C GLN A 67 -1.70 8.38 4.60
N GLN A 68 -1.32 9.32 3.74
CA GLN A 68 -1.18 10.71 4.16
C GLN A 68 -2.54 11.40 4.19
N LEU A 69 -3.37 11.06 3.22
CA LEU A 69 -4.71 11.64 3.13
C LEU A 69 -5.58 11.19 4.30
N LEU A 70 -5.44 9.93 4.68
CA LEU A 70 -6.21 9.37 5.79
C LEU A 70 -5.90 10.10 7.08
N PHE A 71 -4.62 10.43 7.29
CA PHE A 71 -4.21 11.13 8.49
C PHE A 71 -4.86 12.51 8.56
N LYS A 72 -4.86 13.20 7.43
CA LYS A 72 -5.44 14.54 7.34
C LYS A 72 -6.95 14.50 7.57
N ALA A 73 -7.60 13.51 6.97
CA ALA A 73 -9.05 13.36 7.10
C ALA A 73 -9.46 13.09 8.53
N ARG A 74 -8.60 12.40 9.28
CA ARG A 74 -8.89 12.09 10.68
C ARG A 74 -8.83 13.35 11.54
N LEU A 75 -8.04 14.32 11.10
CA LEU A 75 -7.91 15.58 11.82
C LEU A 75 -9.02 16.53 11.43
N GLN A 76 -9.15 16.77 10.13
CA GLN A 76 -10.16 17.67 9.61
C GLN A 76 -10.89 17.03 8.45
N GLN A 77 -12.22 16.98 8.56
CA GLN A 77 -13.05 16.41 7.51
C GLN A 77 -13.69 17.51 6.68
N GLN A 78 -14.85 17.99 7.12
CA GLN A 78 -15.56 19.05 6.43
C GLN A 78 -15.93 20.16 7.41
N GLN A 79 -15.37 20.08 8.60
CA GLN A 79 -15.63 21.07 9.64
C GLN A 79 -14.41 21.96 9.85
N ALA A 80 -14.65 23.27 9.80
CA ALA A 80 -13.58 24.25 10.00
C ALA A 80 -13.16 24.29 11.46
N GLN A 81 -11.89 24.59 11.70
CA GLN A 81 -11.37 24.65 13.06
C GLN A 81 -10.78 26.02 13.33
N SER B 1 -3.53 -61.18 -11.98
CA SER B 1 -4.25 -59.90 -12.12
C SER B 1 -3.28 -58.72 -12.07
N THR B 2 -3.36 -57.85 -13.06
CA THR B 2 -2.49 -56.68 -13.12
C THR B 2 -3.13 -55.50 -12.41
N ASP B 3 -2.58 -55.14 -11.26
CA ASP B 3 -3.08 -54.01 -10.49
C ASP B 3 -2.29 -52.75 -10.82
N SER B 4 -2.99 -51.66 -11.09
CA SER B 4 -2.33 -50.41 -11.43
C SER B 4 -3.15 -49.22 -10.92
N THR B 5 -2.46 -48.13 -10.63
CA THR B 5 -3.09 -46.92 -10.16
C THR B 5 -2.97 -45.82 -11.21
N PRO B 6 -4.04 -45.59 -11.99
CA PRO B 6 -4.05 -44.56 -13.04
C PRO B 6 -3.81 -43.15 -12.49
N MET B 7 -4.68 -42.72 -11.60
CA MET B 7 -4.57 -41.40 -10.99
C MET B 7 -3.90 -41.48 -9.63
N PHE B 8 -2.80 -40.76 -9.48
CA PHE B 8 -2.08 -40.73 -8.22
C PHE B 8 -2.46 -39.49 -7.42
N GLU B 9 -1.71 -39.21 -6.37
CA GLU B 9 -1.98 -38.05 -5.54
C GLU B 9 -1.36 -36.79 -6.14
N TYR B 10 -2.08 -35.68 -6.06
CA TYR B 10 -1.61 -34.41 -6.60
C TYR B 10 -1.50 -33.39 -5.47
N GLU B 11 -0.71 -32.34 -5.69
CA GLU B 11 -0.53 -31.31 -4.68
C GLU B 11 -1.22 -30.01 -5.06
N ASN B 12 -1.22 -29.06 -4.13
CA ASN B 12 -1.85 -27.76 -4.35
C ASN B 12 -0.78 -26.67 -4.47
N LEU B 13 -1.20 -25.41 -4.42
CA LEU B 13 -0.27 -24.29 -4.51
C LEU B 13 -0.23 -23.54 -3.19
N GLU B 14 0.85 -22.81 -2.96
CA GLU B 14 0.99 -22.05 -1.72
C GLU B 14 0.66 -20.58 -1.96
N ASP B 15 0.95 -19.73 -0.96
CA ASP B 15 0.62 -18.30 -1.05
C ASP B 15 1.71 -17.38 -0.47
N ASN B 16 2.92 -17.45 -1.01
CA ASN B 16 3.99 -16.56 -0.54
C ASN B 16 3.78 -15.14 -1.09
N SER B 17 2.56 -14.63 -1.00
CA SER B 17 2.23 -13.30 -1.51
C SER B 17 2.60 -12.19 -0.52
N LYS B 18 2.90 -12.57 0.72
CA LYS B 18 3.24 -11.59 1.73
C LYS B 18 4.55 -10.86 1.42
N GLU B 19 5.38 -11.44 0.56
CA GLU B 19 6.66 -10.85 0.20
C GLU B 19 6.53 -9.90 -0.98
N TRP B 20 5.37 -9.28 -1.12
CA TRP B 20 5.14 -8.34 -2.20
C TRP B 20 4.82 -6.95 -1.66
N THR B 21 3.99 -6.89 -0.63
CA THR B 21 3.61 -5.62 -0.03
C THR B 21 4.77 -4.96 0.71
N SER B 22 5.87 -5.68 0.88
CA SER B 22 7.04 -5.15 1.56
C SER B 22 7.65 -4.00 0.76
N LEU B 23 7.30 -3.94 -0.52
CA LEU B 23 7.80 -2.89 -1.41
C LEU B 23 6.67 -1.95 -1.80
N PHE B 24 5.61 -1.95 -0.99
CA PHE B 24 4.45 -1.09 -1.26
C PHE B 24 3.85 -0.54 0.03
N ASP B 25 3.44 -1.46 0.91
CA ASP B 25 2.81 -1.12 2.19
C ASP B 25 3.69 -0.19 3.03
N ASN B 26 4.90 -0.63 3.31
CA ASN B 26 5.83 0.15 4.11
C ASN B 26 7.23 -0.39 3.97
N ASP B 27 8.16 0.46 3.55
CA ASP B 27 9.56 0.07 3.38
C ASP B 27 10.17 -0.25 4.74
N ILE B 28 11.16 -1.14 4.77
CA ILE B 28 11.82 -1.56 6.00
C ILE B 28 12.28 -0.38 6.84
N PRO B 29 11.65 -0.16 8.00
CA PRO B 29 11.99 0.95 8.88
C PRO B 29 13.16 0.62 9.80
N VAL B 30 14.33 1.13 9.45
CA VAL B 30 15.52 0.90 10.25
C VAL B 30 15.76 2.05 11.21
N THR B 31 16.39 1.75 12.34
CA THR B 31 16.67 2.77 13.34
C THR B 31 18.08 2.59 13.90
N THR B 32 18.74 3.70 14.22
CA THR B 32 20.09 3.66 14.76
C THR B 32 20.06 3.27 16.23
N ASP B 33 20.76 2.18 16.55
CA ASP B 33 20.81 1.69 17.92
C ASP B 33 21.95 2.35 18.69
N ASP B 34 23.06 2.56 18.00
CA ASP B 34 24.23 3.19 18.60
C ASP B 34 24.69 4.39 17.78
N GLN A 1 -0.59 -3.74 26.06
CA GLN A 1 -0.67 -5.07 26.69
C GLN A 1 0.03 -6.10 25.81
N ARG A 2 0.23 -7.31 26.32
CA ARG A 2 0.90 -8.36 25.54
C ARG A 2 0.06 -8.77 24.34
N ARG A 3 -1.24 -8.88 24.54
CA ARG A 3 -2.14 -9.28 23.47
C ARG A 3 -2.79 -8.05 22.85
N GLN A 4 -3.38 -7.22 23.71
CA GLN A 4 -4.03 -5.99 23.26
C GLN A 4 -2.98 -4.93 23.03
N LEU A 5 -2.98 -4.35 21.85
CA LEU A 5 -2.02 -3.31 21.52
C LEU A 5 -2.63 -1.95 21.85
N THR A 6 -2.76 -1.09 20.85
CA THR A 6 -3.33 0.22 21.07
C THR A 6 -4.35 0.53 20.00
N PRO A 7 -5.51 1.08 20.39
CA PRO A 7 -6.57 1.42 19.45
C PRO A 7 -6.11 2.44 18.40
N GLN A 8 -5.35 3.43 18.84
CA GLN A 8 -4.84 4.49 17.97
C GLN A 8 -3.96 3.93 16.85
N GLN A 9 -3.00 3.07 17.22
CA GLN A 9 -2.08 2.52 16.24
C GLN A 9 -2.77 1.46 15.38
N GLN A 10 -3.62 0.65 16.00
CA GLN A 10 -4.34 -0.39 15.27
C GLN A 10 -5.20 0.21 14.14
N GLN A 11 -5.88 1.31 14.43
CA GLN A 11 -6.73 1.97 13.45
C GLN A 11 -5.90 2.60 12.32
N LEU A 12 -4.64 2.85 12.62
CA LEU A 12 -3.75 3.46 11.64
C LEU A 12 -3.14 2.42 10.71
N VAL A 13 -2.56 1.38 11.29
CA VAL A 13 -1.92 0.33 10.51
C VAL A 13 -2.90 -0.52 9.72
N ASN A 14 -4.07 -0.77 10.29
CA ASN A 14 -5.09 -1.58 9.64
C ASN A 14 -5.59 -0.93 8.36
N GLN A 15 -5.71 0.38 8.36
CA GLN A 15 -6.19 1.12 7.20
C GLN A 15 -5.11 1.19 6.13
N MET A 16 -3.86 0.99 6.53
CA MET A 16 -2.75 1.02 5.60
C MET A 16 -2.55 -0.34 4.96
N LYS A 17 -3.41 -1.28 5.32
CA LYS A 17 -3.32 -2.64 4.80
C LYS A 17 -4.62 -3.06 4.12
N VAL A 18 -5.73 -2.92 4.84
CA VAL A 18 -7.02 -3.31 4.29
C VAL A 18 -7.86 -2.07 4.00
N ALA A 19 -7.61 -1.46 2.87
CA ALA A 19 -8.36 -0.28 2.47
C ALA A 19 -8.37 -0.13 0.95
N PRO A 20 -9.41 0.51 0.41
CA PRO A 20 -9.51 0.77 -1.03
C PRO A 20 -8.73 2.01 -1.40
N ILE A 21 -8.44 2.15 -2.68
CA ILE A 21 -7.67 3.28 -3.16
C ILE A 21 -8.60 4.35 -3.72
N PRO A 22 -8.40 5.62 -3.34
CA PRO A 22 -9.21 6.74 -3.84
C PRO A 22 -9.14 6.85 -5.36
N LYS A 23 -10.17 7.44 -5.94
CA LYS A 23 -10.26 7.60 -7.39
C LYS A 23 -9.08 8.40 -7.94
N GLN A 24 -8.70 9.45 -7.23
CA GLN A 24 -7.58 10.30 -7.65
C GLN A 24 -6.29 9.49 -7.73
N LEU A 25 -6.19 8.48 -6.88
CA LEU A 25 -5.01 7.63 -6.83
C LEU A 25 -5.15 6.43 -7.77
N LEU A 26 -6.38 5.95 -7.95
CA LEU A 26 -6.64 4.82 -8.83
C LEU A 26 -6.26 5.13 -10.26
N GLN A 27 -6.56 6.36 -10.68
CA GLN A 27 -6.26 6.81 -12.04
C GLN A 27 -4.77 7.07 -12.24
N ARG A 28 -3.99 6.90 -11.17
CA ARG A 28 -2.55 7.11 -11.23
C ARG A 28 -1.84 5.88 -11.77
N ILE A 29 -2.54 4.75 -11.79
CA ILE A 29 -1.97 3.50 -12.26
C ILE A 29 -2.50 3.15 -13.65
N PRO A 30 -1.64 3.29 -14.69
CA PRO A 30 -2.01 3.00 -16.07
C PRO A 30 -1.58 1.60 -16.51
N ASN A 31 -1.69 1.37 -17.83
CA ASN A 31 -1.32 0.10 -18.48
C ASN A 31 -2.25 -1.07 -18.12
N ILE A 32 -2.92 -0.99 -16.98
CA ILE A 32 -3.81 -2.06 -16.56
C ILE A 32 -5.05 -1.51 -15.88
N PRO A 33 -6.20 -2.18 -16.10
CA PRO A 33 -7.46 -1.78 -15.49
C PRO A 33 -7.58 -2.39 -14.09
N PRO A 34 -7.77 -1.56 -13.07
CA PRO A 34 -7.89 -2.06 -11.70
C PRO A 34 -9.11 -2.95 -11.52
N ASN A 35 -10.27 -2.44 -11.93
CA ASN A 35 -11.55 -3.16 -11.85
C ASN A 35 -11.86 -3.67 -10.44
N ILE A 36 -11.18 -3.14 -9.42
CA ILE A 36 -11.41 -3.54 -8.04
C ILE A 36 -11.29 -2.35 -7.11
N ASN A 37 -11.56 -2.56 -5.83
CA ASN A 37 -11.47 -1.48 -4.86
C ASN A 37 -10.95 -1.97 -3.51
N THR A 38 -9.75 -2.55 -3.51
CA THR A 38 -9.11 -3.03 -2.29
C THR A 38 -7.62 -3.25 -2.53
N TRP A 39 -6.78 -2.79 -1.61
CA TRP A 39 -5.33 -2.93 -1.75
C TRP A 39 -4.91 -4.39 -1.96
N GLN A 40 -5.64 -5.30 -1.34
CA GLN A 40 -5.37 -6.72 -1.45
C GLN A 40 -5.45 -7.19 -2.90
N GLN A 41 -6.41 -6.65 -3.63
CA GLN A 41 -6.61 -7.02 -5.02
C GLN A 41 -5.73 -6.17 -5.93
N VAL A 42 -5.44 -4.95 -5.51
CA VAL A 42 -4.59 -4.04 -6.28
C VAL A 42 -3.19 -4.63 -6.47
N THR A 43 -2.67 -5.22 -5.40
CA THR A 43 -1.33 -5.83 -5.44
C THR A 43 -1.31 -7.09 -6.29
N ALA A 44 -2.45 -7.78 -6.36
CA ALA A 44 -2.55 -9.02 -7.12
C ALA A 44 -2.34 -8.75 -8.61
N LEU A 45 -2.70 -7.55 -9.05
CA LEU A 45 -2.56 -7.18 -10.45
C LEU A 45 -1.08 -7.06 -10.82
N ALA A 46 -0.27 -6.65 -9.85
CA ALA A 46 1.17 -6.50 -10.07
C ALA A 46 1.85 -7.86 -10.10
N GLN A 47 1.29 -8.82 -9.38
CA GLN A 47 1.85 -10.17 -9.31
C GLN A 47 1.77 -10.89 -10.66
N GLN A 48 0.99 -10.34 -11.58
CA GLN A 48 0.84 -10.93 -12.90
C GLN A 48 1.99 -10.52 -13.82
N LYS A 49 3.05 -9.96 -13.23
CA LYS A 49 4.23 -9.54 -13.97
C LYS A 49 3.88 -8.47 -15.00
N LEU A 50 2.96 -7.59 -14.64
CA LEU A 50 2.52 -6.52 -15.53
C LEU A 50 2.97 -5.16 -15.03
N LEU A 51 3.96 -5.17 -14.15
CA LEU A 51 4.48 -3.93 -13.58
C LEU A 51 5.96 -3.77 -13.89
N THR A 52 6.26 -2.84 -14.77
CA THR A 52 7.63 -2.55 -15.14
C THR A 52 8.24 -1.58 -14.12
N PRO A 53 9.59 -1.54 -13.97
CA PRO A 53 10.27 -0.66 -13.01
C PRO A 53 9.72 0.77 -13.00
N GLN A 54 9.40 1.28 -14.18
CA GLN A 54 8.87 2.64 -14.32
C GLN A 54 7.54 2.80 -13.58
N ASP A 55 6.70 1.78 -13.65
CA ASP A 55 5.39 1.83 -13.01
C ASP A 55 5.49 1.45 -11.53
N MET A 56 6.54 0.71 -11.19
CA MET A 56 6.76 0.28 -9.82
C MET A 56 6.94 1.49 -8.90
N GLU A 57 7.79 2.40 -9.31
CA GLU A 57 8.06 3.61 -8.53
C GLU A 57 6.82 4.50 -8.49
N ALA A 58 6.01 4.44 -9.54
CA ALA A 58 4.80 5.23 -9.62
C ALA A 58 3.78 4.76 -8.59
N ALA A 59 3.66 3.44 -8.46
CA ALA A 59 2.72 2.84 -7.50
C ALA A 59 3.22 3.06 -6.09
N LYS A 60 4.53 3.16 -5.94
CA LYS A 60 5.16 3.40 -4.66
C LYS A 60 4.73 4.75 -4.11
N GLU A 61 4.52 5.70 -5.00
CA GLU A 61 4.07 7.03 -4.62
C GLU A 61 2.64 7.00 -4.15
N VAL A 62 1.82 6.19 -4.82
CA VAL A 62 0.41 6.05 -4.50
C VAL A 62 0.21 5.68 -3.03
N TYR A 63 0.97 4.70 -2.57
CA TYR A 63 0.89 4.24 -1.19
C TYR A 63 1.21 5.37 -0.20
N LYS A 64 2.18 6.20 -0.54
CA LYS A 64 2.59 7.30 0.32
C LYS A 64 1.54 8.41 0.34
N ILE A 65 0.85 8.59 -0.77
CA ILE A 65 -0.18 9.62 -0.88
C ILE A 65 -1.45 9.17 -0.15
N HIS A 66 -1.69 7.86 -0.17
CA HIS A 66 -2.86 7.27 0.46
C HIS A 66 -2.91 7.58 1.96
N GLN A 67 -1.81 7.27 2.66
CA GLN A 67 -1.74 7.49 4.10
C GLN A 67 -1.91 8.97 4.46
N GLN A 68 -1.54 9.85 3.55
CA GLN A 68 -1.66 11.29 3.79
C GLN A 68 -3.13 11.69 3.79
N LEU A 69 -3.89 11.13 2.86
CA LEU A 69 -5.31 11.43 2.74
C LEU A 69 -6.07 10.86 3.93
N LEU A 70 -5.69 9.65 4.34
CA LEU A 70 -6.33 8.98 5.47
C LEU A 70 -6.20 9.79 6.74
N PHE A 71 -5.00 10.35 6.96
CA PHE A 71 -4.75 11.14 8.16
C PHE A 71 -5.62 12.39 8.18
N LYS A 72 -5.75 13.05 7.04
CA LYS A 72 -6.57 14.26 6.95
C LYS A 72 -8.04 13.92 7.13
N ALA A 73 -8.44 12.77 6.61
CA ALA A 73 -9.82 12.32 6.71
C ALA A 73 -10.20 12.06 8.17
N ARG A 74 -9.21 11.71 8.99
CA ARG A 74 -9.44 11.45 10.41
C ARG A 74 -9.73 12.75 11.15
N LEU A 75 -9.22 13.85 10.61
CA LEU A 75 -9.42 15.15 11.21
C LEU A 75 -10.76 15.75 10.76
N GLN A 76 -10.91 15.89 9.45
CA GLN A 76 -12.14 16.45 8.87
C GLN A 76 -12.61 15.59 7.72
N GLN A 77 -13.91 15.32 7.70
CA GLN A 77 -14.50 14.50 6.64
C GLN A 77 -15.27 15.37 5.66
N GLN A 78 -16.51 15.72 6.00
CA GLN A 78 -17.35 16.54 5.15
C GLN A 78 -18.02 17.65 5.95
N GLN A 79 -17.42 17.99 7.08
CA GLN A 79 -17.96 19.03 7.94
C GLN A 79 -16.88 20.03 8.33
N ALA A 80 -17.27 21.29 8.48
CA ALA A 80 -16.34 22.34 8.85
C ALA A 80 -16.30 22.51 10.35
N GLN A 81 -15.11 22.74 10.88
CA GLN A 81 -14.92 22.91 12.31
C GLN A 81 -14.61 24.37 12.63
N SER B 1 16.24 -31.83 -44.84
CA SER B 1 16.90 -32.73 -43.85
C SER B 1 17.09 -32.02 -42.51
N THR B 2 17.31 -30.72 -42.55
CA THR B 2 17.50 -29.95 -41.33
C THR B 2 16.47 -28.84 -41.22
N ASP B 3 15.65 -28.88 -40.18
CA ASP B 3 14.62 -27.86 -39.97
C ASP B 3 14.35 -27.69 -38.48
N SER B 4 14.64 -26.51 -37.96
CA SER B 4 14.42 -26.23 -36.56
C SER B 4 12.98 -25.77 -36.31
N THR B 5 12.27 -26.48 -35.45
CA THR B 5 10.90 -26.15 -35.13
C THR B 5 10.86 -24.96 -34.18
N PRO B 6 10.23 -23.84 -34.62
CA PRO B 6 10.13 -22.62 -33.81
C PRO B 6 9.09 -22.74 -32.70
N MET B 7 8.41 -23.87 -32.64
CA MET B 7 7.38 -24.11 -31.64
C MET B 7 8.01 -24.66 -30.37
N PHE B 8 7.98 -23.87 -29.31
CA PHE B 8 8.54 -24.27 -28.03
C PHE B 8 7.50 -24.14 -26.93
N GLU B 9 7.67 -24.92 -25.86
CA GLU B 9 6.73 -24.90 -24.76
C GLU B 9 7.45 -24.75 -23.42
N TYR B 10 7.49 -23.53 -22.91
CA TYR B 10 8.15 -23.26 -21.64
C TYR B 10 7.21 -22.50 -20.71
N GLU B 11 7.03 -23.01 -19.50
CA GLU B 11 6.18 -22.36 -18.52
C GLU B 11 7.02 -21.82 -17.38
N ASN B 12 6.57 -20.71 -16.79
CA ASN B 12 7.29 -20.09 -15.68
C ASN B 12 6.35 -19.87 -14.50
N LEU B 13 6.74 -20.38 -13.34
CA LEU B 13 5.93 -20.23 -12.13
C LEU B 13 6.65 -19.43 -11.07
N GLU B 14 5.99 -18.41 -10.54
CA GLU B 14 6.57 -17.59 -9.49
C GLU B 14 6.14 -18.08 -8.11
N ASP B 15 7.06 -18.00 -7.16
CA ASP B 15 6.80 -18.44 -5.79
C ASP B 15 7.09 -17.30 -4.81
N ASN B 16 7.80 -16.29 -5.29
CA ASN B 16 8.16 -15.14 -4.47
C ASN B 16 7.10 -14.04 -4.53
N SER B 17 5.84 -14.42 -4.39
CA SER B 17 4.73 -13.48 -4.46
C SER B 17 4.72 -12.48 -3.28
N LYS B 18 5.33 -12.85 -2.16
CA LYS B 18 5.36 -11.98 -0.97
C LYS B 18 6.22 -10.73 -1.18
N GLU B 19 7.14 -10.80 -2.14
CA GLU B 19 8.05 -9.68 -2.41
C GLU B 19 7.33 -8.40 -2.81
N TRP B 20 6.13 -8.53 -3.37
CA TRP B 20 5.36 -7.37 -3.82
C TRP B 20 4.93 -6.50 -2.63
N THR B 21 4.38 -7.11 -1.59
CA THR B 21 3.94 -6.35 -0.42
C THR B 21 5.14 -5.83 0.37
N SER B 22 6.30 -6.44 0.15
CA SER B 22 7.52 -6.05 0.84
C SER B 22 7.97 -4.64 0.43
N LEU B 23 7.48 -4.14 -0.70
CA LEU B 23 7.83 -2.81 -1.17
C LEU B 23 6.61 -1.89 -1.15
N PHE B 24 5.48 -2.42 -0.69
CA PHE B 24 4.26 -1.63 -0.64
C PHE B 24 3.93 -1.23 0.80
N ASP B 25 3.51 -2.19 1.62
CA ASP B 25 3.17 -1.90 3.01
C ASP B 25 4.41 -1.97 3.90
N ASN B 26 5.45 -2.61 3.39
CA ASN B 26 6.70 -2.74 4.12
C ASN B 26 7.72 -1.75 3.56
N ASP B 27 8.76 -1.45 4.33
CA ASP B 27 9.79 -0.52 3.89
C ASP B 27 11.06 -1.26 3.53
N ILE B 28 11.66 -1.90 4.53
CA ILE B 28 12.89 -2.65 4.32
C ILE B 28 12.73 -4.09 4.78
N PRO B 29 13.46 -5.02 4.16
CA PRO B 29 13.40 -6.44 4.52
C PRO B 29 14.30 -6.75 5.72
N VAL B 30 13.69 -6.92 6.89
CA VAL B 30 14.43 -7.23 8.10
C VAL B 30 14.83 -8.70 8.16
N THR B 31 15.55 -9.15 7.15
CA THR B 31 15.99 -10.54 7.07
C THR B 31 17.37 -10.62 6.42
N THR B 32 18.37 -11.01 7.20
CA THR B 32 19.72 -11.11 6.70
C THR B 32 19.89 -12.33 5.80
N ASP B 33 19.84 -12.10 4.49
CA ASP B 33 19.98 -13.18 3.52
C ASP B 33 21.40 -13.21 2.95
N ASP B 34 22.12 -12.11 3.13
CA ASP B 34 23.49 -12.00 2.64
C ASP B 34 24.44 -12.78 3.54
#